data_5DP5
# 
_entry.id   5DP5 
# 
_audit_conform.dict_name       mmcif_pdbx.dic 
_audit_conform.dict_version    5.398 
_audit_conform.dict_location   http://mmcif.pdb.org/dictionaries/ascii/mmcif_pdbx.dic 
# 
loop_
_database_2.database_id 
_database_2.database_code 
_database_2.pdbx_database_accession 
_database_2.pdbx_DOI 
PDB   5DP5         pdb_00005dp5 10.2210/pdb5dp5/pdb 
WWPDB D_1000213592 ?            ?                   
# 
loop_
_pdbx_audit_revision_history.ordinal 
_pdbx_audit_revision_history.data_content_type 
_pdbx_audit_revision_history.major_revision 
_pdbx_audit_revision_history.minor_revision 
_pdbx_audit_revision_history.revision_date 
1 'Structure model' 1 0 2016-03-30 
2 'Structure model' 1 1 2016-04-06 
3 'Structure model' 1 2 2024-11-20 
# 
_pdbx_audit_revision_details.ordinal             1 
_pdbx_audit_revision_details.revision_ordinal    1 
_pdbx_audit_revision_details.data_content_type   'Structure model' 
_pdbx_audit_revision_details.provider            repository 
_pdbx_audit_revision_details.type                'Initial release' 
_pdbx_audit_revision_details.description         ? 
_pdbx_audit_revision_details.details             ? 
# 
loop_
_pdbx_audit_revision_group.ordinal 
_pdbx_audit_revision_group.revision_ordinal 
_pdbx_audit_revision_group.data_content_type 
_pdbx_audit_revision_group.group 
1 2 'Structure model' 'Database references'  
2 3 'Structure model' 'Data collection'      
3 3 'Structure model' 'Database references'  
4 3 'Structure model' 'Derived calculations' 
5 3 'Structure model' 'Structure summary'    
# 
loop_
_pdbx_audit_revision_category.ordinal 
_pdbx_audit_revision_category.revision_ordinal 
_pdbx_audit_revision_category.data_content_type 
_pdbx_audit_revision_category.category 
1 3 'Structure model' chem_comp_atom            
2 3 'Structure model' chem_comp_bond            
3 3 'Structure model' citation                  
4 3 'Structure model' database_2                
5 3 'Structure model' pdbx_entry_details        
6 3 'Structure model' pdbx_modification_feature 
7 3 'Structure model' pdbx_struct_oper_list     
# 
loop_
_pdbx_audit_revision_item.ordinal 
_pdbx_audit_revision_item.revision_ordinal 
_pdbx_audit_revision_item.data_content_type 
_pdbx_audit_revision_item.item 
1 3 'Structure model' '_citation.journal_id_CSD'                  
2 3 'Structure model' '_database_2.pdbx_DOI'                      
3 3 'Structure model' '_database_2.pdbx_database_accession'       
4 3 'Structure model' '_pdbx_struct_oper_list.symmetry_operation' 
# 
_pdbx_database_status.status_code                     REL 
_pdbx_database_status.status_code_sf                  REL 
_pdbx_database_status.status_code_mr                  ? 
_pdbx_database_status.entry_id                        5DP5 
_pdbx_database_status.recvd_initial_deposition_date   2015-09-12 
_pdbx_database_status.SG_entry                        N 
_pdbx_database_status.deposit_site                    RCSB 
_pdbx_database_status.process_site                    PDBJ 
_pdbx_database_status.status_code_cs                  ? 
_pdbx_database_status.methods_development_category    ? 
_pdbx_database_status.pdb_format_compatible           Y 
_pdbx_database_status.status_code_nmr_data            ? 
# 
loop_
_pdbx_database_related.content_type 
_pdbx_database_related.db_id 
_pdbx_database_related.db_name 
_pdbx_database_related.details 
unspecified 5DP3 PDB . 
unspecified 5DP4 PDB . 
unspecified 5DP6 PDB . 
unspecified 5DP7 PDB . 
unspecified 5DP8 PDB . 
unspecified 5DP9 PDB . 
unspecified 5DPA PDB . 
# 
loop_
_audit_author.name 
_audit_author.pdbx_ordinal 
'Wu, C.'    1 
'Zhang, L.' 2 
'Li, P.'    3 
'Cai, Q.'   4 
'Peng, X.'  5 
'Li, N.'    6 
'Cai, Y.'   7 
'Li, J.'    8 
'Lin, T.'   9 
# 
_citation.abstract                  ? 
_citation.abstract_id_CAS           ? 
_citation.book_id_ISBN              ? 
_citation.book_publisher            ? 
_citation.book_publisher_city       ? 
_citation.book_title                ? 
_citation.coordinate_linkage        ? 
_citation.country                   NE 
_citation.database_id_Medline       ? 
_citation.details                   ? 
_citation.id                        primary 
_citation.journal_abbrev            Biochim.Biophys.Acta 
_citation.journal_id_ASTM           BBACAQ 
_citation.journal_id_CSD            0113 
_citation.journal_id_ISSN           0006-3002 
_citation.journal_full              ? 
_citation.journal_issue             ? 
_citation.journal_volume            1860 
_citation.language                  ? 
_citation.page_first                1299 
_citation.page_last                 1307 
_citation.title                     'Fragment-wise design of inhibitors to 3C proteinase from enterovirus 71' 
_citation.year                      2016 
_citation.database_id_CSD           ? 
_citation.pdbx_database_id_DOI      10.1016/j.bbagen.2016.03.017 
_citation.pdbx_database_id_PubMed   26987809 
_citation.unpublished_flag          ? 
# 
loop_
_citation_author.citation_id 
_citation_author.name 
_citation_author.ordinal 
_citation_author.identifier_ORCID 
primary 'Wu, C.'    1  ? 
primary 'Zhang, L.' 2  ? 
primary 'Li, P.'    3  ? 
primary 'Cai, Q.'   4  ? 
primary 'Peng, X.'  5  ? 
primary 'Yin, K.'   6  ? 
primary 'Chen, X.'  7  ? 
primary 'Ren, H.'   8  ? 
primary 'Zhong, S.' 9  ? 
primary 'Weng, Y.'  10 ? 
primary 'Guan, Y.'  11 ? 
primary 'Chen, S.'  12 ? 
primary 'Wu, J.'    13 ? 
primary 'Li, J.'    14 ? 
primary 'Lin, T.'   15 ? 
# 
loop_
_entity.id 
_entity.type 
_entity.src_method 
_entity.pdbx_description 
_entity.formula_weight 
_entity.pdbx_number_of_molecules 
_entity.pdbx_ec 
_entity.pdbx_mutation 
_entity.pdbx_fragment 
_entity.details 
1 polymer     man '3C proteinase' 19976.006 1  ? ? ? ? 
2 non-polymer syn 
'ethyl (2Z,4S)-4-{[(2R,5S)-5-amino-2-(4-fluorobenzyl)-6-methyl-4-oxoheptanoyl]amino}-5-[(3S)-2-oxopyrrolidin-3-yl]pent-2-enoate' 
489.580   1  ? ? ? ? 
3 water       nat water 18.015    87 ? ? ? ? 
# 
_entity_poly.entity_id                      1 
_entity_poly.type                           'polypeptide(L)' 
_entity_poly.nstd_linkage                   no 
_entity_poly.nstd_monomer                   no 
_entity_poly.pdbx_seq_one_letter_code       
;MGPSLDFALSLLRRNVRQVQTDQGHFTMLGVRDRLAVLPRHSQPGKTIWIEHKLVNILDAVELVDEQGVNLELTLITLDT
NEKFRDITKFIPENISTASDATLVINTEHMPSMFVPVGDVVQYGFLNLSGKPTHRTMMYNFPTKAGQCGGVVTSVGKVIG
IHIGGNGRQGFCAGLKRSYFA
;
_entity_poly.pdbx_seq_one_letter_code_can   
;MGPSLDFALSLLRRNVRQVQTDQGHFTMLGVRDRLAVLPRHSQPGKTIWIEHKLVNILDAVELVDEQGVNLELTLITLDT
NEKFRDITKFIPENISTASDATLVINTEHMPSMFVPVGDVVQYGFLNLSGKPTHRTMMYNFPTKAGQCGGVVTSVGKVIG
IHIGGNGRQGFCAGLKRSYFA
;
_entity_poly.pdbx_strand_id                 A 
_entity_poly.pdbx_target_identifier         ? 
# 
loop_
_pdbx_entity_nonpoly.entity_id 
_pdbx_entity_nonpoly.name 
_pdbx_entity_nonpoly.comp_id 
2 'ethyl (2Z,4S)-4-{[(2R,5S)-5-amino-2-(4-fluorobenzyl)-6-methyl-4-oxoheptanoyl]amino}-5-[(3S)-2-oxopyrrolidin-3-yl]pent-2-enoate' 
5E9 
3 water                                                                                                                            
HOH 
# 
loop_
_entity_poly_seq.entity_id 
_entity_poly_seq.num 
_entity_poly_seq.mon_id 
_entity_poly_seq.hetero 
1 1   MET n 
1 2   GLY n 
1 3   PRO n 
1 4   SER n 
1 5   LEU n 
1 6   ASP n 
1 7   PHE n 
1 8   ALA n 
1 9   LEU n 
1 10  SER n 
1 11  LEU n 
1 12  LEU n 
1 13  ARG n 
1 14  ARG n 
1 15  ASN n 
1 16  VAL n 
1 17  ARG n 
1 18  GLN n 
1 19  VAL n 
1 20  GLN n 
1 21  THR n 
1 22  ASP n 
1 23  GLN n 
1 24  GLY n 
1 25  HIS n 
1 26  PHE n 
1 27  THR n 
1 28  MET n 
1 29  LEU n 
1 30  GLY n 
1 31  VAL n 
1 32  ARG n 
1 33  ASP n 
1 34  ARG n 
1 35  LEU n 
1 36  ALA n 
1 37  VAL n 
1 38  LEU n 
1 39  PRO n 
1 40  ARG n 
1 41  HIS n 
1 42  SER n 
1 43  GLN n 
1 44  PRO n 
1 45  GLY n 
1 46  LYS n 
1 47  THR n 
1 48  ILE n 
1 49  TRP n 
1 50  ILE n 
1 51  GLU n 
1 52  HIS n 
1 53  LYS n 
1 54  LEU n 
1 55  VAL n 
1 56  ASN n 
1 57  ILE n 
1 58  LEU n 
1 59  ASP n 
1 60  ALA n 
1 61  VAL n 
1 62  GLU n 
1 63  LEU n 
1 64  VAL n 
1 65  ASP n 
1 66  GLU n 
1 67  GLN n 
1 68  GLY n 
1 69  VAL n 
1 70  ASN n 
1 71  LEU n 
1 72  GLU n 
1 73  LEU n 
1 74  THR n 
1 75  LEU n 
1 76  ILE n 
1 77  THR n 
1 78  LEU n 
1 79  ASP n 
1 80  THR n 
1 81  ASN n 
1 82  GLU n 
1 83  LYS n 
1 84  PHE n 
1 85  ARG n 
1 86  ASP n 
1 87  ILE n 
1 88  THR n 
1 89  LYS n 
1 90  PHE n 
1 91  ILE n 
1 92  PRO n 
1 93  GLU n 
1 94  ASN n 
1 95  ILE n 
1 96  SER n 
1 97  THR n 
1 98  ALA n 
1 99  SER n 
1 100 ASP n 
1 101 ALA n 
1 102 THR n 
1 103 LEU n 
1 104 VAL n 
1 105 ILE n 
1 106 ASN n 
1 107 THR n 
1 108 GLU n 
1 109 HIS n 
1 110 MET n 
1 111 PRO n 
1 112 SER n 
1 113 MET n 
1 114 PHE n 
1 115 VAL n 
1 116 PRO n 
1 117 VAL n 
1 118 GLY n 
1 119 ASP n 
1 120 VAL n 
1 121 VAL n 
1 122 GLN n 
1 123 TYR n 
1 124 GLY n 
1 125 PHE n 
1 126 LEU n 
1 127 ASN n 
1 128 LEU n 
1 129 SER n 
1 130 GLY n 
1 131 LYS n 
1 132 PRO n 
1 133 THR n 
1 134 HIS n 
1 135 ARG n 
1 136 THR n 
1 137 MET n 
1 138 MET n 
1 139 TYR n 
1 140 ASN n 
1 141 PHE n 
1 142 PRO n 
1 143 THR n 
1 144 LYS n 
1 145 ALA n 
1 146 GLY n 
1 147 GLN n 
1 148 CYS n 
1 149 GLY n 
1 150 GLY n 
1 151 VAL n 
1 152 VAL n 
1 153 THR n 
1 154 SER n 
1 155 VAL n 
1 156 GLY n 
1 157 LYS n 
1 158 VAL n 
1 159 ILE n 
1 160 GLY n 
1 161 ILE n 
1 162 HIS n 
1 163 ILE n 
1 164 GLY n 
1 165 GLY n 
1 166 ASN n 
1 167 GLY n 
1 168 ARG n 
1 169 GLN n 
1 170 GLY n 
1 171 PHE n 
1 172 CYS n 
1 173 ALA n 
1 174 GLY n 
1 175 LEU n 
1 176 LYS n 
1 177 ARG n 
1 178 SER n 
1 179 TYR n 
1 180 PHE n 
1 181 ALA n 
# 
_entity_src_gen.entity_id                          1 
_entity_src_gen.pdbx_src_id                        1 
_entity_src_gen.pdbx_alt_source_flag               sample 
_entity_src_gen.pdbx_seq_type                      'Biological sequence' 
_entity_src_gen.pdbx_beg_seq_num                   1 
_entity_src_gen.pdbx_end_seq_num                   181 
_entity_src_gen.gene_src_common_name               ? 
_entity_src_gen.gene_src_genus                     ? 
_entity_src_gen.pdbx_gene_src_gene                 ? 
_entity_src_gen.gene_src_species                   ? 
_entity_src_gen.gene_src_strain                    ? 
_entity_src_gen.gene_src_tissue                    ? 
_entity_src_gen.gene_src_tissue_fraction           ? 
_entity_src_gen.gene_src_details                   ? 
_entity_src_gen.pdbx_gene_src_fragment             ? 
_entity_src_gen.pdbx_gene_src_scientific_name      'Enterovirus A71' 
_entity_src_gen.pdbx_gene_src_ncbi_taxonomy_id     39054 
_entity_src_gen.pdbx_gene_src_variant              ? 
_entity_src_gen.pdbx_gene_src_cell_line            ? 
_entity_src_gen.pdbx_gene_src_atcc                 ? 
_entity_src_gen.pdbx_gene_src_organ                ? 
_entity_src_gen.pdbx_gene_src_organelle            ? 
_entity_src_gen.pdbx_gene_src_cell                 ? 
_entity_src_gen.pdbx_gene_src_cellular_location    ? 
_entity_src_gen.host_org_common_name               ? 
_entity_src_gen.pdbx_host_org_scientific_name      'Escherichia coli BL21(DE3)' 
_entity_src_gen.pdbx_host_org_ncbi_taxonomy_id     469008 
_entity_src_gen.host_org_genus                     ? 
_entity_src_gen.pdbx_host_org_gene                 ? 
_entity_src_gen.pdbx_host_org_organ                ? 
_entity_src_gen.host_org_species                   ? 
_entity_src_gen.pdbx_host_org_tissue               ? 
_entity_src_gen.pdbx_host_org_tissue_fraction      ? 
_entity_src_gen.pdbx_host_org_strain               'BL21(DE3)' 
_entity_src_gen.pdbx_host_org_variant              ? 
_entity_src_gen.pdbx_host_org_cell_line            ? 
_entity_src_gen.pdbx_host_org_atcc                 ? 
_entity_src_gen.pdbx_host_org_culture_collection   ? 
_entity_src_gen.pdbx_host_org_cell                 ? 
_entity_src_gen.pdbx_host_org_organelle            ? 
_entity_src_gen.pdbx_host_org_cellular_location    ? 
_entity_src_gen.pdbx_host_org_vector_type          plasmid 
_entity_src_gen.pdbx_host_org_vector               ? 
_entity_src_gen.host_org_details                   ? 
_entity_src_gen.expression_system_id               ? 
_entity_src_gen.plasmid_name                       pET28a 
_entity_src_gen.plasmid_details                    ? 
_entity_src_gen.pdbx_description                   ? 
# 
loop_
_chem_comp.id 
_chem_comp.type 
_chem_comp.mon_nstd_flag 
_chem_comp.name 
_chem_comp.pdbx_synonyms 
_chem_comp.formula 
_chem_comp.formula_weight 
5E9 non-polymer         . 
'ethyl (2Z,4S)-4-{[(2R,5S)-5-amino-2-(4-fluorobenzyl)-6-methyl-4-oxoheptanoyl]amino}-5-[(3S)-2-oxopyrrolidin-3-yl]pent-2-enoate' ? 
'C26 H36 F N3 O5' 489.580 
ALA 'L-peptide linking' y ALANINE ? 'C3 H7 N O2'      89.093  
ARG 'L-peptide linking' y ARGININE ? 'C6 H15 N4 O2 1'  175.209 
ASN 'L-peptide linking' y ASPARAGINE ? 'C4 H8 N2 O3'     132.118 
ASP 'L-peptide linking' y 'ASPARTIC ACID' ? 'C4 H7 N O4'      133.103 
CYS 'L-peptide linking' y CYSTEINE ? 'C3 H7 N O2 S'    121.158 
GLN 'L-peptide linking' y GLUTAMINE ? 'C5 H10 N2 O3'    146.144 
GLU 'L-peptide linking' y 'GLUTAMIC ACID' ? 'C5 H9 N O4'      147.129 
GLY 'peptide linking'   y GLYCINE ? 'C2 H5 N O2'      75.067  
HIS 'L-peptide linking' y HISTIDINE ? 'C6 H10 N3 O2 1'  156.162 
HOH non-polymer         . WATER ? 'H2 O'            18.015  
ILE 'L-peptide linking' y ISOLEUCINE ? 'C6 H13 N O2'     131.173 
LEU 'L-peptide linking' y LEUCINE ? 'C6 H13 N O2'     131.173 
LYS 'L-peptide linking' y LYSINE ? 'C6 H15 N2 O2 1'  147.195 
MET 'L-peptide linking' y METHIONINE ? 'C5 H11 N O2 S'   149.211 
PHE 'L-peptide linking' y PHENYLALANINE ? 'C9 H11 N O2'     165.189 
PRO 'L-peptide linking' y PROLINE ? 'C5 H9 N O2'      115.130 
SER 'L-peptide linking' y SERINE ? 'C3 H7 N O3'      105.093 
THR 'L-peptide linking' y THREONINE ? 'C4 H9 N O3'      119.119 
TRP 'L-peptide linking' y TRYPTOPHAN ? 'C11 H12 N2 O2'   204.225 
TYR 'L-peptide linking' y TYROSINE ? 'C9 H11 N O3'     181.189 
VAL 'L-peptide linking' y VALINE ? 'C5 H11 N O2'     117.146 
# 
loop_
_pdbx_poly_seq_scheme.asym_id 
_pdbx_poly_seq_scheme.entity_id 
_pdbx_poly_seq_scheme.seq_id 
_pdbx_poly_seq_scheme.mon_id 
_pdbx_poly_seq_scheme.ndb_seq_num 
_pdbx_poly_seq_scheme.pdb_seq_num 
_pdbx_poly_seq_scheme.auth_seq_num 
_pdbx_poly_seq_scheme.pdb_mon_id 
_pdbx_poly_seq_scheme.auth_mon_id 
_pdbx_poly_seq_scheme.pdb_strand_id 
_pdbx_poly_seq_scheme.pdb_ins_code 
_pdbx_poly_seq_scheme.hetero 
A 1 1   MET 1   0   0   MET MET A . n 
A 1 2   GLY 2   1   1   GLY GLY A . n 
A 1 3   PRO 3   2   2   PRO PRO A . n 
A 1 4   SER 4   3   3   SER SER A . n 
A 1 5   LEU 5   4   4   LEU LEU A . n 
A 1 6   ASP 6   5   5   ASP ASP A . n 
A 1 7   PHE 7   6   6   PHE PHE A . n 
A 1 8   ALA 8   7   7   ALA ALA A . n 
A 1 9   LEU 9   8   8   LEU LEU A . n 
A 1 10  SER 10  9   9   SER SER A . n 
A 1 11  LEU 11  10  10  LEU LEU A . n 
A 1 12  LEU 12  11  11  LEU LEU A . n 
A 1 13  ARG 13  12  12  ARG ARG A . n 
A 1 14  ARG 14  13  13  ARG ARG A . n 
A 1 15  ASN 15  14  14  ASN ASN A . n 
A 1 16  VAL 16  15  15  VAL VAL A . n 
A 1 17  ARG 17  16  16  ARG ARG A . n 
A 1 18  GLN 18  17  17  GLN GLN A . n 
A 1 19  VAL 19  18  18  VAL VAL A . n 
A 1 20  GLN 20  19  19  GLN GLN A . n 
A 1 21  THR 21  20  20  THR THR A . n 
A 1 22  ASP 22  21  21  ASP ASP A . n 
A 1 23  GLN 23  22  22  GLN GLN A . n 
A 1 24  GLY 24  23  23  GLY GLY A . n 
A 1 25  HIS 25  24  24  HIS HIS A . n 
A 1 26  PHE 26  25  25  PHE PHE A . n 
A 1 27  THR 27  26  26  THR THR A . n 
A 1 28  MET 28  27  27  MET MET A . n 
A 1 29  LEU 29  28  28  LEU LEU A . n 
A 1 30  GLY 30  29  29  GLY GLY A . n 
A 1 31  VAL 31  30  30  VAL VAL A . n 
A 1 32  ARG 32  31  31  ARG ARG A . n 
A 1 33  ASP 33  32  32  ASP ASP A . n 
A 1 34  ARG 34  33  33  ARG ARG A . n 
A 1 35  LEU 35  34  34  LEU LEU A . n 
A 1 36  ALA 36  35  35  ALA ALA A . n 
A 1 37  VAL 37  36  36  VAL VAL A . n 
A 1 38  LEU 38  37  37  LEU LEU A . n 
A 1 39  PRO 39  38  38  PRO PRO A . n 
A 1 40  ARG 40  39  39  ARG ARG A . n 
A 1 41  HIS 41  40  40  HIS HIS A . n 
A 1 42  SER 42  41  41  SER SER A . n 
A 1 43  GLN 43  42  42  GLN GLN A . n 
A 1 44  PRO 44  43  43  PRO PRO A . n 
A 1 45  GLY 45  44  44  GLY GLY A . n 
A 1 46  LYS 46  45  45  LYS LYS A . n 
A 1 47  THR 47  46  46  THR THR A . n 
A 1 48  ILE 48  47  47  ILE ILE A . n 
A 1 49  TRP 49  48  48  TRP TRP A . n 
A 1 50  ILE 50  49  49  ILE ILE A . n 
A 1 51  GLU 51  50  50  GLU GLU A . n 
A 1 52  HIS 52  51  51  HIS HIS A . n 
A 1 53  LYS 53  52  52  LYS LYS A . n 
A 1 54  LEU 54  53  53  LEU LEU A . n 
A 1 55  VAL 55  54  54  VAL VAL A . n 
A 1 56  ASN 56  55  55  ASN ASN A . n 
A 1 57  ILE 57  56  56  ILE ILE A . n 
A 1 58  LEU 58  57  57  LEU LEU A . n 
A 1 59  ASP 59  58  58  ASP ASP A . n 
A 1 60  ALA 60  59  59  ALA ALA A . n 
A 1 61  VAL 61  60  60  VAL VAL A . n 
A 1 62  GLU 62  61  61  GLU GLU A . n 
A 1 63  LEU 63  62  62  LEU LEU A . n 
A 1 64  VAL 64  63  63  VAL VAL A . n 
A 1 65  ASP 65  64  64  ASP ASP A . n 
A 1 66  GLU 66  65  65  GLU GLU A . n 
A 1 67  GLN 67  66  66  GLN GLN A . n 
A 1 68  GLY 68  67  67  GLY GLY A . n 
A 1 69  VAL 69  68  68  VAL VAL A . n 
A 1 70  ASN 70  69  69  ASN ASN A . n 
A 1 71  LEU 71  70  70  LEU LEU A . n 
A 1 72  GLU 72  71  71  GLU GLU A . n 
A 1 73  LEU 73  72  72  LEU LEU A . n 
A 1 74  THR 74  73  73  THR THR A . n 
A 1 75  LEU 75  74  74  LEU LEU A . n 
A 1 76  ILE 76  75  75  ILE ILE A . n 
A 1 77  THR 77  76  76  THR THR A . n 
A 1 78  LEU 78  77  77  LEU LEU A . n 
A 1 79  ASP 79  78  78  ASP ASP A . n 
A 1 80  THR 80  79  79  THR THR A . n 
A 1 81  ASN 81  80  80  ASN ASN A . n 
A 1 82  GLU 82  81  81  GLU GLU A . n 
A 1 83  LYS 83  82  82  LYS LYS A . n 
A 1 84  PHE 84  83  83  PHE PHE A . n 
A 1 85  ARG 85  84  84  ARG ARG A . n 
A 1 86  ASP 86  85  85  ASP ASP A . n 
A 1 87  ILE 87  86  86  ILE ILE A . n 
A 1 88  THR 88  87  87  THR THR A . n 
A 1 89  LYS 89  88  88  LYS LYS A . n 
A 1 90  PHE 90  89  89  PHE PHE A . n 
A 1 91  ILE 91  90  90  ILE ILE A . n 
A 1 92  PRO 92  91  91  PRO PRO A . n 
A 1 93  GLU 93  92  92  GLU GLU A . n 
A 1 94  ASN 94  93  93  ASN ASN A . n 
A 1 95  ILE 95  94  94  ILE ILE A . n 
A 1 96  SER 96  95  95  SER SER A . n 
A 1 97  THR 97  96  96  THR THR A . n 
A 1 98  ALA 98  97  97  ALA ALA A . n 
A 1 99  SER 99  98  98  SER SER A . n 
A 1 100 ASP 100 99  99  ASP ASP A . n 
A 1 101 ALA 101 100 100 ALA ALA A . n 
A 1 102 THR 102 101 101 THR THR A . n 
A 1 103 LEU 103 102 102 LEU LEU A . n 
A 1 104 VAL 104 103 103 VAL VAL A . n 
A 1 105 ILE 105 104 104 ILE ILE A . n 
A 1 106 ASN 106 105 105 ASN ASN A . n 
A 1 107 THR 107 106 106 THR THR A . n 
A 1 108 GLU 108 107 107 GLU GLU A . n 
A 1 109 HIS 109 108 108 HIS HIS A . n 
A 1 110 MET 110 109 109 MET MET A . n 
A 1 111 PRO 111 110 110 PRO PRO A . n 
A 1 112 SER 112 111 111 SER SER A . n 
A 1 113 MET 113 112 112 MET MET A . n 
A 1 114 PHE 114 113 113 PHE PHE A . n 
A 1 115 VAL 115 114 114 VAL VAL A . n 
A 1 116 PRO 116 115 115 PRO PRO A . n 
A 1 117 VAL 117 116 116 VAL VAL A . n 
A 1 118 GLY 118 117 117 GLY GLY A . n 
A 1 119 ASP 119 118 118 ASP ASP A . n 
A 1 120 VAL 120 119 119 VAL VAL A . n 
A 1 121 VAL 121 120 120 VAL VAL A . n 
A 1 122 GLN 122 121 121 GLN GLN A . n 
A 1 123 TYR 123 122 122 TYR TYR A . n 
A 1 124 GLY 124 123 123 GLY GLY A . n 
A 1 125 PHE 125 124 124 PHE PHE A . n 
A 1 126 LEU 126 125 125 LEU LEU A . n 
A 1 127 ASN 127 126 126 ASN ASN A . n 
A 1 128 LEU 128 127 127 LEU LEU A . n 
A 1 129 SER 129 128 128 SER SER A . n 
A 1 130 GLY 130 129 129 GLY GLY A . n 
A 1 131 LYS 131 130 130 LYS LYS A . n 
A 1 132 PRO 132 131 131 PRO PRO A . n 
A 1 133 THR 133 132 132 THR THR A . n 
A 1 134 HIS 134 133 133 HIS HIS A . n 
A 1 135 ARG 135 134 134 ARG ARG A . n 
A 1 136 THR 136 135 135 THR THR A . n 
A 1 137 MET 137 136 136 MET MET A . n 
A 1 138 MET 138 137 137 MET MET A . n 
A 1 139 TYR 139 138 138 TYR TYR A . n 
A 1 140 ASN 140 139 139 ASN ASN A . n 
A 1 141 PHE 141 140 140 PHE PHE A . n 
A 1 142 PRO 142 141 141 PRO PRO A . n 
A 1 143 THR 143 142 142 THR THR A . n 
A 1 144 LYS 144 143 143 LYS LYS A . n 
A 1 145 ALA 145 144 144 ALA ALA A . n 
A 1 146 GLY 146 145 145 GLY GLY A . n 
A 1 147 GLN 147 146 146 GLN GLN A . n 
A 1 148 CYS 148 147 147 CYS CYS A . n 
A 1 149 GLY 149 148 148 GLY GLY A . n 
A 1 150 GLY 150 149 149 GLY GLY A . n 
A 1 151 VAL 151 150 150 VAL VAL A . n 
A 1 152 VAL 152 151 151 VAL VAL A . n 
A 1 153 THR 153 152 152 THR THR A . n 
A 1 154 SER 154 153 153 SER SER A . n 
A 1 155 VAL 155 154 154 VAL VAL A . n 
A 1 156 GLY 156 155 155 GLY GLY A . n 
A 1 157 LYS 157 156 156 LYS LYS A . n 
A 1 158 VAL 158 157 157 VAL VAL A . n 
A 1 159 ILE 159 158 158 ILE ILE A . n 
A 1 160 GLY 160 159 159 GLY GLY A . n 
A 1 161 ILE 161 160 160 ILE ILE A . n 
A 1 162 HIS 162 161 161 HIS HIS A . n 
A 1 163 ILE 163 162 162 ILE ILE A . n 
A 1 164 GLY 164 163 163 GLY GLY A . n 
A 1 165 GLY 165 164 164 GLY GLY A . n 
A 1 166 ASN 166 165 165 ASN ASN A . n 
A 1 167 GLY 167 166 166 GLY GLY A . n 
A 1 168 ARG 168 167 167 ARG ARG A . n 
A 1 169 GLN 169 168 168 GLN GLN A . n 
A 1 170 GLY 170 169 169 GLY GLY A . n 
A 1 171 PHE 171 170 170 PHE PHE A . n 
A 1 172 CYS 172 171 171 CYS CYS A . n 
A 1 173 ALA 173 172 172 ALA ALA A . n 
A 1 174 GLY 174 173 173 GLY GLY A . n 
A 1 175 LEU 175 174 174 LEU LEU A . n 
A 1 176 LYS 176 175 175 LYS LYS A . n 
A 1 177 ARG 177 176 176 ARG ARG A . n 
A 1 178 SER 178 177 177 SER SER A . n 
A 1 179 TYR 179 178 178 TYR TYR A . n 
A 1 180 PHE 180 179 179 PHE PHE A . n 
A 1 181 ALA 181 180 180 ALA ALA A . n 
# 
loop_
_pdbx_nonpoly_scheme.asym_id 
_pdbx_nonpoly_scheme.entity_id 
_pdbx_nonpoly_scheme.mon_id 
_pdbx_nonpoly_scheme.ndb_seq_num 
_pdbx_nonpoly_scheme.pdb_seq_num 
_pdbx_nonpoly_scheme.auth_seq_num 
_pdbx_nonpoly_scheme.pdb_mon_id 
_pdbx_nonpoly_scheme.auth_mon_id 
_pdbx_nonpoly_scheme.pdb_strand_id 
_pdbx_nonpoly_scheme.pdb_ins_code 
B 2 5E9 1  201 1  5E9 109 A . 
C 3 HOH 1  301 38 HOH HOH A . 
C 3 HOH 2  302 65 HOH HOH A . 
C 3 HOH 3  303 82 HOH HOH A . 
C 3 HOH 4  304 55 HOH HOH A . 
C 3 HOH 5  305 56 HOH HOH A . 
C 3 HOH 6  306 48 HOH HOH A . 
C 3 HOH 7  307 32 HOH HOH A . 
C 3 HOH 8  308 28 HOH HOH A . 
C 3 HOH 9  309 12 HOH HOH A . 
C 3 HOH 10 310 72 HOH HOH A . 
C 3 HOH 11 311 73 HOH HOH A . 
C 3 HOH 12 312 64 HOH HOH A . 
C 3 HOH 13 313 7  HOH HOH A . 
C 3 HOH 14 314 81 HOH HOH A . 
C 3 HOH 15 315 44 HOH HOH A . 
C 3 HOH 16 316 29 HOH HOH A . 
C 3 HOH 17 317 66 HOH HOH A . 
C 3 HOH 18 318 21 HOH HOH A . 
C 3 HOH 19 319 83 HOH HOH A . 
C 3 HOH 20 320 22 HOH HOH A . 
C 3 HOH 21 321 46 HOH HOH A . 
C 3 HOH 22 322 40 HOH HOH A . 
C 3 HOH 23 323 70 HOH HOH A . 
C 3 HOH 24 324 78 HOH HOH A . 
C 3 HOH 25 325 61 HOH HOH A . 
C 3 HOH 26 326 34 HOH HOH A . 
C 3 HOH 27 327 5  HOH HOH A . 
C 3 HOH 28 328 11 HOH HOH A . 
C 3 HOH 29 329 67 HOH HOH A . 
C 3 HOH 30 330 26 HOH HOH A . 
C 3 HOH 31 331 84 HOH HOH A . 
C 3 HOH 32 332 19 HOH HOH A . 
C 3 HOH 33 333 71 HOH HOH A . 
C 3 HOH 34 334 1  HOH HOH A . 
C 3 HOH 35 335 50 HOH HOH A . 
C 3 HOH 36 336 85 HOH HOH A . 
C 3 HOH 37 337 4  HOH HOH A . 
C 3 HOH 38 338 62 HOH HOH A . 
C 3 HOH 39 339 16 HOH HOH A . 
C 3 HOH 40 340 74 HOH HOH A . 
C 3 HOH 41 341 31 HOH HOH A . 
C 3 HOH 42 342 76 HOH HOH A . 
C 3 HOH 43 343 69 HOH HOH A . 
C 3 HOH 44 344 51 HOH HOH A . 
C 3 HOH 45 345 57 HOH HOH A . 
C 3 HOH 46 346 75 HOH HOH A . 
C 3 HOH 47 347 14 HOH HOH A . 
C 3 HOH 48 348 59 HOH HOH A . 
C 3 HOH 49 349 20 HOH HOH A . 
C 3 HOH 50 350 63 HOH HOH A . 
C 3 HOH 51 351 30 HOH HOH A . 
C 3 HOH 52 352 49 HOH HOH A . 
C 3 HOH 53 353 13 HOH HOH A . 
C 3 HOH 54 354 36 HOH HOH A . 
C 3 HOH 55 355 2  HOH HOH A . 
C 3 HOH 56 356 10 HOH HOH A . 
C 3 HOH 57 357 77 HOH HOH A . 
C 3 HOH 58 358 45 HOH HOH A . 
C 3 HOH 59 359 80 HOH HOH A . 
C 3 HOH 60 360 79 HOH HOH A . 
C 3 HOH 61 361 8  HOH HOH A . 
C 3 HOH 62 362 37 HOH HOH A . 
C 3 HOH 63 363 43 HOH HOH A . 
C 3 HOH 64 364 53 HOH HOH A . 
C 3 HOH 65 365 39 HOH HOH A . 
C 3 HOH 66 366 41 HOH HOH A . 
C 3 HOH 67 367 9  HOH HOH A . 
C 3 HOH 68 368 24 HOH HOH A . 
C 3 HOH 69 369 17 HOH HOH A . 
C 3 HOH 70 370 58 HOH HOH A . 
C 3 HOH 71 371 15 HOH HOH A . 
C 3 HOH 72 372 6  HOH HOH A . 
C 3 HOH 73 373 54 HOH HOH A . 
C 3 HOH 74 374 23 HOH HOH A . 
C 3 HOH 75 375 87 HOH HOH A . 
C 3 HOH 76 376 68 HOH HOH A . 
C 3 HOH 77 377 86 HOH HOH A . 
C 3 HOH 78 378 25 HOH HOH A . 
C 3 HOH 79 379 18 HOH HOH A . 
C 3 HOH 80 380 3  HOH HOH A . 
C 3 HOH 81 381 47 HOH HOH A . 
C 3 HOH 82 382 27 HOH HOH A . 
C 3 HOH 83 383 60 HOH HOH A . 
C 3 HOH 84 384 52 HOH HOH A . 
C 3 HOH 85 385 33 HOH HOH A . 
C 3 HOH 86 386 35 HOH HOH A . 
C 3 HOH 87 387 42 HOH HOH A . 
# 
loop_
_software.citation_id 
_software.classification 
_software.compiler_name 
_software.compiler_version 
_software.contact_author 
_software.contact_author_email 
_software.date 
_software.description 
_software.dependencies 
_software.hardware 
_software.language 
_software.location 
_software.mods 
_software.name 
_software.os 
_software.os_version 
_software.type 
_software.version 
_software.pdbx_ordinal 
? 'data scaling'    ? ? ? ? ? ? ? ? ? ? ? HKL-2000    ? ? ? .        1 
? refinement        ? ? ? ? ? ? ? ? ? ? ? REFMAC      ? ? ? 5.7.0029 2 
? 'data extraction' ? ? ? ? ? ? ? ? ? ? ? PDB_EXTRACT ? ? ? 3.15     3 
# 
_cell.angle_alpha                  90.000 
_cell.angle_alpha_esd              ? 
_cell.angle_beta                   90.000 
_cell.angle_beta_esd               ? 
_cell.angle_gamma                  90.000 
_cell.angle_gamma_esd              ? 
_cell.entry_id                     5DP5 
_cell.details                      ? 
_cell.formula_units_Z              ? 
_cell.length_a                     64.175 
_cell.length_a_esd                 ? 
_cell.length_b                     64.813 
_cell.length_b_esd                 ? 
_cell.length_c                     76.151 
_cell.length_c_esd                 ? 
_cell.volume                       ? 
_cell.volume_esd                   ? 
_cell.Z_PDB                        8 
_cell.reciprocal_angle_alpha       ? 
_cell.reciprocal_angle_beta        ? 
_cell.reciprocal_angle_gamma       ? 
_cell.reciprocal_angle_alpha_esd   ? 
_cell.reciprocal_angle_beta_esd    ? 
_cell.reciprocal_angle_gamma_esd   ? 
_cell.reciprocal_length_a          ? 
_cell.reciprocal_length_b          ? 
_cell.reciprocal_length_c          ? 
_cell.reciprocal_length_a_esd      ? 
_cell.reciprocal_length_b_esd      ? 
_cell.reciprocal_length_c_esd      ? 
_cell.pdbx_unique_axis             ? 
# 
_symmetry.entry_id                         5DP5 
_symmetry.cell_setting                     ? 
_symmetry.Int_Tables_number                20 
_symmetry.space_group_name_Hall            ? 
_symmetry.space_group_name_H-M             'C 2 2 21' 
_symmetry.pdbx_full_space_group_name_H-M   ? 
# 
_exptl.absorpt_coefficient_mu     ? 
_exptl.absorpt_correction_T_max   ? 
_exptl.absorpt_correction_T_min   ? 
_exptl.absorpt_correction_type    ? 
_exptl.absorpt_process_details    ? 
_exptl.entry_id                   5DP5 
_exptl.crystals_number            1 
_exptl.details                    ? 
_exptl.method                     'X-RAY DIFFRACTION' 
_exptl.method_details             ? 
# 
_exptl_crystal.colour                      ? 
_exptl_crystal.density_diffrn              ? 
_exptl_crystal.density_Matthews            1.98 
_exptl_crystal.density_method              ? 
_exptl_crystal.density_percent_sol         37.94 
_exptl_crystal.description                 ? 
_exptl_crystal.F_000                       ? 
_exptl_crystal.id                          1 
_exptl_crystal.preparation                 ? 
_exptl_crystal.size_max                    ? 
_exptl_crystal.size_mid                    ? 
_exptl_crystal.size_min                    ? 
_exptl_crystal.size_rad                    ? 
_exptl_crystal.colour_lustre               ? 
_exptl_crystal.colour_modifier             ? 
_exptl_crystal.colour_primary              ? 
_exptl_crystal.density_meas                ? 
_exptl_crystal.density_meas_esd            ? 
_exptl_crystal.density_meas_gt             ? 
_exptl_crystal.density_meas_lt             ? 
_exptl_crystal.density_meas_temp           ? 
_exptl_crystal.density_meas_temp_esd       ? 
_exptl_crystal.density_meas_temp_gt        ? 
_exptl_crystal.density_meas_temp_lt        ? 
_exptl_crystal.pdbx_crystal_image_url      ? 
_exptl_crystal.pdbx_crystal_image_format   ? 
_exptl_crystal.pdbx_mosaicity              ? 
_exptl_crystal.pdbx_mosaicity_esd          ? 
# 
_exptl_crystal_grow.apparatus       ? 
_exptl_crystal_grow.atmosphere      ? 
_exptl_crystal_grow.crystal_id      1 
_exptl_crystal_grow.details         ? 
_exptl_crystal_grow.method          'VAPOR DIFFUSION, HANGING DROP' 
_exptl_crystal_grow.method_ref      ? 
_exptl_crystal_grow.pH              8.5 
_exptl_crystal_grow.pressure        ? 
_exptl_crystal_grow.pressure_esd    ? 
_exptl_crystal_grow.seeding         ? 
_exptl_crystal_grow.seeding_ref     ? 
_exptl_crystal_grow.temp            289 
_exptl_crystal_grow.temp_details    ? 
_exptl_crystal_grow.temp_esd        ? 
_exptl_crystal_grow.time            ? 
_exptl_crystal_grow.pdbx_details    '100mM Tris, 25% PEG4000, 0.8M lithium chloride' 
_exptl_crystal_grow.pdbx_pH_range   ? 
# 
_diffrn.ambient_environment    ? 
_diffrn.ambient_temp           100 
_diffrn.ambient_temp_details   ? 
_diffrn.ambient_temp_esd       ? 
_diffrn.crystal_id             1 
_diffrn.crystal_support        ? 
_diffrn.crystal_treatment      ? 
_diffrn.details                ? 
_diffrn.id                     1 
_diffrn.ambient_pressure       ? 
_diffrn.ambient_pressure_esd   ? 
_diffrn.ambient_pressure_gt    ? 
_diffrn.ambient_pressure_lt    ? 
_diffrn.ambient_temp_gt        ? 
_diffrn.ambient_temp_lt        ? 
# 
_diffrn_detector.details                      mirrors 
_diffrn_detector.detector                     CCD 
_diffrn_detector.diffrn_id                    1 
_diffrn_detector.type                         'ADSC QUANTUM 315r' 
_diffrn_detector.area_resol_mean              ? 
_diffrn_detector.dtime                        ? 
_diffrn_detector.pdbx_frames_total            ? 
_diffrn_detector.pdbx_collection_time_total   ? 
_diffrn_detector.pdbx_collection_date         2012-07-30 
# 
_diffrn_radiation.collimation                      ? 
_diffrn_radiation.diffrn_id                        1 
_diffrn_radiation.filter_edge                      ? 
_diffrn_radiation.inhomogeneity                    ? 
_diffrn_radiation.monochromator                    'Ni FILTER' 
_diffrn_radiation.polarisn_norm                    ? 
_diffrn_radiation.polarisn_ratio                   ? 
_diffrn_radiation.probe                            ? 
_diffrn_radiation.type                             ? 
_diffrn_radiation.xray_symbol                      ? 
_diffrn_radiation.wavelength_id                    1 
_diffrn_radiation.pdbx_monochromatic_or_laue_m_l   M 
_diffrn_radiation.pdbx_wavelength_list             ? 
_diffrn_radiation.pdbx_wavelength                  ? 
_diffrn_radiation.pdbx_diffrn_protocol             'SINGLE WAVELENGTH' 
_diffrn_radiation.pdbx_analyzer                    ? 
_diffrn_radiation.pdbx_scattering_type             x-ray 
# 
_diffrn_radiation_wavelength.id           1 
_diffrn_radiation_wavelength.wavelength   0.98 
_diffrn_radiation_wavelength.wt           1.0 
# 
_diffrn_source.current                     ? 
_diffrn_source.details                     ? 
_diffrn_source.diffrn_id                   1 
_diffrn_source.power                       ? 
_diffrn_source.size                        ? 
_diffrn_source.source                      SYNCHROTRON 
_diffrn_source.target                      ? 
_diffrn_source.type                        'SSRF BEAMLINE BL17U' 
_diffrn_source.voltage                     ? 
_diffrn_source.take-off_angle              ? 
_diffrn_source.pdbx_wavelength_list        0.98 
_diffrn_source.pdbx_wavelength             ? 
_diffrn_source.pdbx_synchrotron_beamline   BL17U 
_diffrn_source.pdbx_synchrotron_site       SSRF 
# 
_reflns.B_iso_Wilson_estimate            ? 
_reflns.entry_id                         5DP5 
_reflns.data_reduction_details           ? 
_reflns.data_reduction_method            ? 
_reflns.d_resolution_high                2.03 
_reflns.d_resolution_low                 50 
_reflns.details                          ? 
_reflns.limit_h_max                      ? 
_reflns.limit_h_min                      ? 
_reflns.limit_k_max                      ? 
_reflns.limit_k_min                      ? 
_reflns.limit_l_max                      ? 
_reflns.limit_l_min                      ? 
_reflns.number_all                       ? 
_reflns.number_obs                       8993 
_reflns.observed_criterion               ? 
_reflns.observed_criterion_F_max         ? 
_reflns.observed_criterion_F_min         ? 
_reflns.observed_criterion_I_max         ? 
_reflns.observed_criterion_I_min         ? 
_reflns.observed_criterion_sigma_F       ? 
_reflns.observed_criterion_sigma_I       ? 
_reflns.percent_possible_obs             89.9 
_reflns.R_free_details                   ? 
_reflns.Rmerge_F_all                     ? 
_reflns.Rmerge_F_obs                     ? 
_reflns.Friedel_coverage                 ? 
_reflns.number_gt                        ? 
_reflns.threshold_expression             ? 
_reflns.pdbx_redundancy                  2.4 
_reflns.pdbx_Rmerge_I_obs                ? 
_reflns.pdbx_Rmerge_I_all                ? 
_reflns.pdbx_Rsym_value                  ? 
_reflns.pdbx_netI_over_av_sigmaI         ? 
_reflns.pdbx_netI_over_sigmaI            11.7 
_reflns.pdbx_res_netI_over_av_sigmaI_2   ? 
_reflns.pdbx_res_netI_over_sigmaI_2      ? 
_reflns.pdbx_chi_squared                 ? 
_reflns.pdbx_scaling_rejects             ? 
_reflns.pdbx_d_res_high_opt              ? 
_reflns.pdbx_d_res_low_opt               ? 
_reflns.pdbx_d_res_opt_method            ? 
_reflns.phase_calculation_details        ? 
_reflns.pdbx_Rrim_I_all                  ? 
_reflns.pdbx_Rpim_I_all                  ? 
_reflns.pdbx_d_opt                       ? 
_reflns.pdbx_number_measured_all         ? 
_reflns.pdbx_diffrn_id                   1 
_reflns.pdbx_ordinal                     1 
_reflns.pdbx_CC_half                     ? 
_reflns.pdbx_R_split                     ? 
# 
_refine.aniso_B[1][1]                            -0.9700 
_refine.aniso_B[1][2]                            -0.0000 
_refine.aniso_B[1][3]                            0.0000 
_refine.aniso_B[2][2]                            1.0900 
_refine.aniso_B[2][3]                            0.0000 
_refine.aniso_B[3][3]                            -0.1300 
_refine.B_iso_max                                52.620 
_refine.B_iso_mean                               24.2000 
_refine.B_iso_min                                12.030 
_refine.correlation_coeff_Fo_to_Fc               0.9350 
_refine.correlation_coeff_Fo_to_Fc_free          0.8880 
_refine.details                                  
'HYDROGENS HAVE BEEN ADDED IN THE RIDING POSITIONS U VALUES      : REFINED INDIVIDUALLY' 
_refine.diff_density_max                         ? 
_refine.diff_density_max_esd                     ? 
_refine.diff_density_min                         ? 
_refine.diff_density_min_esd                     ? 
_refine.diff_density_rms                         ? 
_refine.diff_density_rms_esd                     ? 
_refine.entry_id                                 5DP5 
_refine.pdbx_refine_id                           'X-RAY DIFFRACTION' 
_refine.ls_abs_structure_details                 ? 
_refine.ls_abs_structure_Flack                   ? 
_refine.ls_abs_structure_Flack_esd               ? 
_refine.ls_abs_structure_Rogers                  ? 
_refine.ls_abs_structure_Rogers_esd              ? 
_refine.ls_d_res_high                            2.0300 
_refine.ls_d_res_low                             38.1000 
_refine.ls_extinction_coef                       ? 
_refine.ls_extinction_coef_esd                   ? 
_refine.ls_extinction_expression                 ? 
_refine.ls_extinction_method                     ? 
_refine.ls_goodness_of_fit_all                   ? 
_refine.ls_goodness_of_fit_all_esd               ? 
_refine.ls_goodness_of_fit_obs                   ? 
_refine.ls_goodness_of_fit_obs_esd               ? 
_refine.ls_hydrogen_treatment                    ? 
_refine.ls_matrix_type                           ? 
_refine.ls_number_constraints                    ? 
_refine.ls_number_parameters                     ? 
_refine.ls_number_reflns_all                     ? 
_refine.ls_number_reflns_obs                     8993 
_refine.ls_number_reflns_R_free                  454 
_refine.ls_number_reflns_R_work                  ? 
_refine.ls_number_restraints                     ? 
_refine.ls_percent_reflns_obs                    89.8400 
_refine.ls_percent_reflns_R_free                 4.8000 
_refine.ls_R_factor_all                          ? 
_refine.ls_R_factor_obs                          0.2232 
_refine.ls_R_factor_R_free                       0.2905 
_refine.ls_R_factor_R_free_error                 ? 
_refine.ls_R_factor_R_free_error_details         ? 
_refine.ls_R_factor_R_work                       0.2198 
_refine.ls_R_Fsqd_factor_obs                     ? 
_refine.ls_R_I_factor_obs                        ? 
_refine.ls_redundancy_reflns_all                 ? 
_refine.ls_redundancy_reflns_obs                 ? 
_refine.ls_restrained_S_all                      ? 
_refine.ls_restrained_S_obs                      ? 
_refine.ls_shift_over_esd_max                    ? 
_refine.ls_shift_over_esd_mean                   ? 
_refine.ls_structure_factor_coef                 ? 
_refine.ls_weighting_details                     ? 
_refine.ls_weighting_scheme                      ? 
_refine.ls_wR_factor_all                         ? 
_refine.ls_wR_factor_obs                         ? 
_refine.ls_wR_factor_R_free                      ? 
_refine.ls_wR_factor_R_work                      ? 
_refine.occupancy_max                            ? 
_refine.occupancy_min                            ? 
_refine.solvent_model_details                    MASK 
_refine.solvent_model_param_bsol                 ? 
_refine.solvent_model_param_ksol                 ? 
_refine.ls_R_factor_gt                           ? 
_refine.ls_goodness_of_fit_gt                    ? 
_refine.ls_goodness_of_fit_ref                   ? 
_refine.ls_shift_over_su_max                     ? 
_refine.ls_shift_over_su_max_lt                  ? 
_refine.ls_shift_over_su_mean                    ? 
_refine.ls_shift_over_su_mean_lt                 ? 
_refine.pdbx_ls_sigma_I                          ? 
_refine.pdbx_ls_sigma_F                          0.000 
_refine.pdbx_ls_sigma_Fsqd                       ? 
_refine.pdbx_data_cutoff_high_absF               ? 
_refine.pdbx_data_cutoff_high_rms_absF           ? 
_refine.pdbx_data_cutoff_low_absF                ? 
_refine.pdbx_isotropic_thermal_model             ? 
_refine.pdbx_ls_cross_valid_method               THROUGHOUT 
_refine.pdbx_method_to_determine_struct          ? 
_refine.pdbx_starting_model                      ? 
_refine.pdbx_stereochemistry_target_values       'MAXIMUM LIKELIHOOD' 
_refine.pdbx_R_Free_selection_details            RANDOM 
_refine.pdbx_stereochem_target_val_spec_case     ? 
_refine.pdbx_overall_ESU_R                       0.3410 
_refine.pdbx_overall_ESU_R_Free                  0.2560 
_refine.pdbx_solvent_vdw_probe_radii             1.2000 
_refine.pdbx_solvent_ion_probe_radii             0.8000 
_refine.pdbx_solvent_shrinkage_radii             0.8000 
_refine.pdbx_real_space_R                        ? 
_refine.pdbx_density_correlation                 ? 
_refine.pdbx_pd_number_of_powder_patterns        ? 
_refine.pdbx_pd_number_of_points                 ? 
_refine.pdbx_pd_meas_number_of_points            ? 
_refine.pdbx_pd_proc_ls_prof_R_factor            ? 
_refine.pdbx_pd_proc_ls_prof_wR_factor           ? 
_refine.pdbx_pd_Marquardt_correlation_coeff      ? 
_refine.pdbx_pd_Fsqrd_R_factor                   ? 
_refine.pdbx_pd_ls_matrix_band_width             ? 
_refine.pdbx_overall_phase_error                 ? 
_refine.pdbx_overall_SU_R_free_Cruickshank_DPI   ? 
_refine.pdbx_overall_SU_R_free_Blow_DPI          ? 
_refine.pdbx_overall_SU_R_Blow_DPI               ? 
_refine.pdbx_TLS_residual_ADP_flag               ? 
_refine.pdbx_diffrn_id                           1 
_refine.overall_SU_B                             6.3900 
_refine.overall_SU_ML                            0.1720 
_refine.overall_SU_R_Cruickshank_DPI             ? 
_refine.overall_SU_R_free                        ? 
_refine.overall_FOM_free_R_set                   ? 
_refine.overall_FOM_work_R_set                   ? 
_refine.pdbx_average_fsc_overall                 ? 
_refine.pdbx_average_fsc_work                    ? 
_refine.pdbx_average_fsc_free                    ? 
# 
_refine_hist.cycle_id                         final 
_refine_hist.pdbx_refine_id                   'X-RAY DIFFRACTION' 
_refine_hist.d_res_high                       2.0300 
_refine_hist.d_res_low                        38.1000 
_refine_hist.pdbx_number_atoms_ligand         35 
_refine_hist.number_atoms_solvent             87 
_refine_hist.number_atoms_total               1523 
_refine_hist.pdbx_number_residues_total       181 
_refine_hist.pdbx_B_iso_mean_ligand           27.12 
_refine_hist.pdbx_B_iso_mean_solvent          28.28 
_refine_hist.pdbx_number_atoms_protein        1401 
_refine_hist.pdbx_number_atoms_nucleic_acid   0 
# 
loop_
_refine_ls_restr.pdbx_refine_id 
_refine_ls_restr.criterion 
_refine_ls_restr.dev_ideal 
_refine_ls_restr.dev_ideal_target 
_refine_ls_restr.number 
_refine_ls_restr.rejects 
_refine_ls_restr.type 
_refine_ls_restr.weight 
_refine_ls_restr.pdbx_restraint_function 
'X-RAY DIFFRACTION' ? 0.015  0.019  1465 ? r_bond_refined_d       ? ? 
'X-RAY DIFFRACTION' ? 0.001  0.020  1435 ? r_bond_other_d         ? ? 
'X-RAY DIFFRACTION' ? 1.763  1.984  1984 ? r_angle_refined_deg    ? ? 
'X-RAY DIFFRACTION' ? 0.857  3.000  3292 ? r_angle_other_deg      ? ? 
'X-RAY DIFFRACTION' ? 6.659  5.000  180  ? r_dihedral_angle_1_deg ? ? 
'X-RAY DIFFRACTION' ? 37.528 23.710 62   ? r_dihedral_angle_2_deg ? ? 
'X-RAY DIFFRACTION' ? 17.031 15.000 247  ? r_dihedral_angle_3_deg ? ? 
'X-RAY DIFFRACTION' ? 17.851 15.000 10   ? r_dihedral_angle_4_deg ? ? 
'X-RAY DIFFRACTION' ? 0.101  0.200  229  ? r_chiral_restr         ? ? 
'X-RAY DIFFRACTION' ? 0.007  0.021  1642 ? r_gen_planes_refined   ? ? 
'X-RAY DIFFRACTION' ? 0.001  0.020  337  ? r_gen_planes_other     ? ? 
# 
_refine_ls_shell.pdbx_refine_id                   'X-RAY DIFFRACTION' 
_refine_ls_shell.d_res_high                       2.0350 
_refine_ls_shell.d_res_low                        2.0880 
_refine_ls_shell.number_reflns_all                612 
_refine_ls_shell.number_reflns_obs                ? 
_refine_ls_shell.number_reflns_R_free             23 
_refine_ls_shell.number_reflns_R_work             589 
_refine_ls_shell.percent_reflns_obs               78.4600 
_refine_ls_shell.percent_reflns_R_free            ? 
_refine_ls_shell.R_factor_all                     ? 
_refine_ls_shell.R_factor_obs                     ? 
_refine_ls_shell.R_factor_R_free                  0.4900 
_refine_ls_shell.R_factor_R_free_error            ? 
_refine_ls_shell.R_factor_R_work                  0.3350 
_refine_ls_shell.redundancy_reflns_all            ? 
_refine_ls_shell.redundancy_reflns_obs            ? 
_refine_ls_shell.wR_factor_all                    ? 
_refine_ls_shell.wR_factor_obs                    ? 
_refine_ls_shell.wR_factor_R_free                 ? 
_refine_ls_shell.wR_factor_R_work                 ? 
_refine_ls_shell.pdbx_total_number_of_bins_used   20 
_refine_ls_shell.pdbx_phase_error                 ? 
_refine_ls_shell.pdbx_fsc_work                    ? 
_refine_ls_shell.pdbx_fsc_free                    ? 
# 
_struct.entry_id                     5DP5 
_struct.title                        'Crystal Structure of EV71 3C Proteinase in complex with compound 4' 
_struct.pdbx_model_details           ? 
_struct.pdbx_formula_weight          ? 
_struct.pdbx_formula_weight_method   ? 
_struct.pdbx_model_type_details      ? 
_struct.pdbx_CASP_flag               ? 
# 
_struct_keywords.entry_id        5DP5 
_struct_keywords.text            
'Hand, foot and mouth disease, 3C proteinase, peptidomimetics, drug design, rupintrivir, HYDROLASE-HYDROLASE INHIBITOR complex' 
_struct_keywords.pdbx_keywords   'HYDROLASE/HYDROLASE INHIBITOR' 
# 
loop_
_struct_asym.id 
_struct_asym.pdbx_blank_PDB_chainid_flag 
_struct_asym.pdbx_modified 
_struct_asym.entity_id 
_struct_asym.details 
A N N 1 ? 
B N N 2 ? 
C N N 3 ? 
# 
_struct_ref.id                         1 
_struct_ref.db_name                    UNP 
_struct_ref.db_code                    A9XG43_9ENTO 
_struct_ref.pdbx_db_accession          A9XG43 
_struct_ref.pdbx_db_isoform            ? 
_struct_ref.entity_id                  1 
_struct_ref.pdbx_seq_one_letter_code   
;GPSLDFALSLLRRNVRQVQTDQGHFTMLGVRDRLAVLPRHSQPGKTIWIEHKLVNILDAVELVDEQGVNLELTLITLDTN
EKFRDITKFIPENISTASDATLVINTEHMPSMFVPVGDVVQYGFLNLSGKPTHRTMMYNFPTKAGQCGGVVTSVGKVIGI
HIGGNGRQGFCAGLKRSYFA
;
_struct_ref.pdbx_align_begin           1549 
# 
_struct_ref_seq.align_id                      1 
_struct_ref_seq.ref_id                        1 
_struct_ref_seq.pdbx_PDB_id_code              5DP5 
_struct_ref_seq.pdbx_strand_id                A 
_struct_ref_seq.seq_align_beg                 2 
_struct_ref_seq.pdbx_seq_align_beg_ins_code   ? 
_struct_ref_seq.seq_align_end                 181 
_struct_ref_seq.pdbx_seq_align_end_ins_code   ? 
_struct_ref_seq.pdbx_db_accession             A9XG43 
_struct_ref_seq.db_align_beg                  1549 
_struct_ref_seq.pdbx_db_align_beg_ins_code    ? 
_struct_ref_seq.db_align_end                  1728 
_struct_ref_seq.pdbx_db_align_end_ins_code    ? 
_struct_ref_seq.pdbx_auth_seq_align_beg       1 
_struct_ref_seq.pdbx_auth_seq_align_end       180 
# 
_struct_ref_seq_dif.align_id                     1 
_struct_ref_seq_dif.pdbx_pdb_id_code             5DP5 
_struct_ref_seq_dif.mon_id                       MET 
_struct_ref_seq_dif.pdbx_pdb_strand_id           A 
_struct_ref_seq_dif.seq_num                      1 
_struct_ref_seq_dif.pdbx_pdb_ins_code            ? 
_struct_ref_seq_dif.pdbx_seq_db_name             UNP 
_struct_ref_seq_dif.pdbx_seq_db_accession_code   A9XG43 
_struct_ref_seq_dif.db_mon_id                    ? 
_struct_ref_seq_dif.pdbx_seq_db_seq_num          ? 
_struct_ref_seq_dif.details                      'expression tag' 
_struct_ref_seq_dif.pdbx_auth_seq_num            0 
_struct_ref_seq_dif.pdbx_ordinal                 1 
# 
_pdbx_struct_assembly.id                   1 
_pdbx_struct_assembly.details              author_defined_assembly 
_pdbx_struct_assembly.method_details       ? 
_pdbx_struct_assembly.oligomeric_details   monomeric 
_pdbx_struct_assembly.oligomeric_count     1 
# 
_pdbx_struct_assembly_gen.assembly_id       1 
_pdbx_struct_assembly_gen.oper_expression   1 
_pdbx_struct_assembly_gen.asym_id_list      A,B,C 
# 
_pdbx_struct_oper_list.id                   1 
_pdbx_struct_oper_list.type                 'identity operation' 
_pdbx_struct_oper_list.name                 1_555 
_pdbx_struct_oper_list.symmetry_operation   x,y,z 
_pdbx_struct_oper_list.matrix[1][1]         1.0000000000 
_pdbx_struct_oper_list.matrix[1][2]         0.0000000000 
_pdbx_struct_oper_list.matrix[1][3]         0.0000000000 
_pdbx_struct_oper_list.vector[1]            0.0000000000 
_pdbx_struct_oper_list.matrix[2][1]         0.0000000000 
_pdbx_struct_oper_list.matrix[2][2]         1.0000000000 
_pdbx_struct_oper_list.matrix[2][3]         0.0000000000 
_pdbx_struct_oper_list.vector[2]            0.0000000000 
_pdbx_struct_oper_list.matrix[3][1]         0.0000000000 
_pdbx_struct_oper_list.matrix[3][2]         0.0000000000 
_pdbx_struct_oper_list.matrix[3][3]         1.0000000000 
_pdbx_struct_oper_list.vector[3]            0.0000000000 
# 
loop_
_struct_conf.conf_type_id 
_struct_conf.id 
_struct_conf.pdbx_PDB_helix_id 
_struct_conf.beg_label_comp_id 
_struct_conf.beg_label_asym_id 
_struct_conf.beg_label_seq_id 
_struct_conf.pdbx_beg_PDB_ins_code 
_struct_conf.end_label_comp_id 
_struct_conf.end_label_asym_id 
_struct_conf.end_label_seq_id 
_struct_conf.pdbx_end_PDB_ins_code 
_struct_conf.beg_auth_comp_id 
_struct_conf.beg_auth_asym_id 
_struct_conf.beg_auth_seq_id 
_struct_conf.end_auth_comp_id 
_struct_conf.end_auth_asym_id 
_struct_conf.end_auth_seq_id 
_struct_conf.pdbx_PDB_helix_class 
_struct_conf.details 
_struct_conf.pdbx_PDB_helix_length 
HELX_P HELX_P1 AA1 GLY A 2   ? ASN A 15  ? GLY A 1   ASN A 14  1 ? 14 
HELX_P HELX_P2 AA2 HIS A 41  ? GLN A 43  ? HIS A 40  GLN A 42  5 ? 3  
HELX_P HELX_P3 AA3 ILE A 87  ? ILE A 91  ? ILE A 86  ILE A 90  5 ? 5  
HELX_P HELX_P4 AA4 LYS A 176 ? ALA A 181 ? LYS A 175 ALA A 180 5 ? 6  
# 
_struct_conf_type.id          HELX_P 
_struct_conf_type.criteria    ? 
_struct_conf_type.reference   ? 
# 
_struct_conn.id                            covale1 
_struct_conn.conn_type_id                  covale 
_struct_conn.pdbx_leaving_atom_flag        none 
_struct_conn.pdbx_PDB_id                   ? 
_struct_conn.ptnr1_label_asym_id           A 
_struct_conn.ptnr1_label_comp_id           CYS 
_struct_conn.ptnr1_label_seq_id            148 
_struct_conn.ptnr1_label_atom_id           SG 
_struct_conn.pdbx_ptnr1_label_alt_id       ? 
_struct_conn.pdbx_ptnr1_PDB_ins_code       ? 
_struct_conn.pdbx_ptnr1_standard_comp_id   ? 
_struct_conn.ptnr1_symmetry                1_555 
_struct_conn.ptnr2_label_asym_id           B 
_struct_conn.ptnr2_label_comp_id           5E9 
_struct_conn.ptnr2_label_seq_id            . 
_struct_conn.ptnr2_label_atom_id           C14 
_struct_conn.pdbx_ptnr2_label_alt_id       ? 
_struct_conn.pdbx_ptnr2_PDB_ins_code       ? 
_struct_conn.ptnr1_auth_asym_id            A 
_struct_conn.ptnr1_auth_comp_id            CYS 
_struct_conn.ptnr1_auth_seq_id             147 
_struct_conn.ptnr2_auth_asym_id            A 
_struct_conn.ptnr2_auth_comp_id            5E9 
_struct_conn.ptnr2_auth_seq_id             201 
_struct_conn.ptnr2_symmetry                1_555 
_struct_conn.pdbx_ptnr3_label_atom_id      ? 
_struct_conn.pdbx_ptnr3_label_seq_id       ? 
_struct_conn.pdbx_ptnr3_label_comp_id      ? 
_struct_conn.pdbx_ptnr3_label_asym_id      ? 
_struct_conn.pdbx_ptnr3_label_alt_id       ? 
_struct_conn.pdbx_ptnr3_PDB_ins_code       ? 
_struct_conn.details                       ? 
_struct_conn.pdbx_dist_value               1.768 
_struct_conn.pdbx_value_order              ? 
_struct_conn.pdbx_role                     ? 
# 
_struct_conn_type.id          covale 
_struct_conn_type.criteria    ? 
_struct_conn_type.reference   ? 
# 
_pdbx_modification_feature.ordinal                            1 
_pdbx_modification_feature.label_comp_id                      5E9 
_pdbx_modification_feature.label_asym_id                      B 
_pdbx_modification_feature.label_seq_id                       . 
_pdbx_modification_feature.label_alt_id                       ? 
_pdbx_modification_feature.modified_residue_label_comp_id     CYS 
_pdbx_modification_feature.modified_residue_label_asym_id     A 
_pdbx_modification_feature.modified_residue_label_seq_id      148 
_pdbx_modification_feature.modified_residue_label_alt_id      ? 
_pdbx_modification_feature.auth_comp_id                       5E9 
_pdbx_modification_feature.auth_asym_id                       A 
_pdbx_modification_feature.auth_seq_id                        201 
_pdbx_modification_feature.PDB_ins_code                       ? 
_pdbx_modification_feature.symmetry                           1_555 
_pdbx_modification_feature.modified_residue_auth_comp_id      CYS 
_pdbx_modification_feature.modified_residue_auth_asym_id      A 
_pdbx_modification_feature.modified_residue_auth_seq_id       147 
_pdbx_modification_feature.modified_residue_PDB_ins_code      ? 
_pdbx_modification_feature.modified_residue_symmetry          1_555 
_pdbx_modification_feature.comp_id_linking_atom               C14 
_pdbx_modification_feature.modified_residue_id_linking_atom   SG 
_pdbx_modification_feature.modified_residue_id                CYS 
_pdbx_modification_feature.ref_pcm_id                         1 
_pdbx_modification_feature.ref_comp_id                        5E9 
_pdbx_modification_feature.type                               None 
_pdbx_modification_feature.category                           'Covalent chemical modification' 
# 
loop_
_struct_sheet.id 
_struct_sheet.type 
_struct_sheet.number_strands 
_struct_sheet.details 
AA1 ? 7 ? 
AA2 ? 7 ? 
# 
loop_
_struct_sheet_order.sheet_id 
_struct_sheet_order.range_id_1 
_struct_sheet_order.range_id_2 
_struct_sheet_order.offset 
_struct_sheet_order.sense 
AA1 1 2 ? anti-parallel 
AA1 2 3 ? anti-parallel 
AA1 3 4 ? anti-parallel 
AA1 4 5 ? anti-parallel 
AA1 5 6 ? anti-parallel 
AA1 6 7 ? anti-parallel 
AA2 1 2 ? anti-parallel 
AA2 2 3 ? anti-parallel 
AA2 3 4 ? anti-parallel 
AA2 4 5 ? anti-parallel 
AA2 5 6 ? anti-parallel 
AA2 6 7 ? anti-parallel 
# 
loop_
_struct_sheet_range.sheet_id 
_struct_sheet_range.id 
_struct_sheet_range.beg_label_comp_id 
_struct_sheet_range.beg_label_asym_id 
_struct_sheet_range.beg_label_seq_id 
_struct_sheet_range.pdbx_beg_PDB_ins_code 
_struct_sheet_range.end_label_comp_id 
_struct_sheet_range.end_label_asym_id 
_struct_sheet_range.end_label_seq_id 
_struct_sheet_range.pdbx_end_PDB_ins_code 
_struct_sheet_range.beg_auth_comp_id 
_struct_sheet_range.beg_auth_asym_id 
_struct_sheet_range.beg_auth_seq_id 
_struct_sheet_range.end_auth_comp_id 
_struct_sheet_range.end_auth_asym_id 
_struct_sheet_range.end_auth_seq_id 
AA1 1 VAL A 16  ? THR A 21  ? VAL A 15  THR A 20  
AA1 2 GLY A 24  ? ARG A 32  ? GLY A 23  ARG A 31  
AA1 3 LEU A 35  ? PRO A 39  ? LEU A 34  PRO A 38  
AA1 4 ASN A 70  ? LEU A 78  ? ASN A 69  LEU A 77  
AA1 5 LYS A 53  ? VAL A 64  ? LYS A 52  VAL A 63  
AA1 6 THR A 47  ? ILE A 50  ? THR A 46  ILE A 49  
AA1 7 VAL A 16  ? THR A 21  ? VAL A 15  THR A 20  
AA2 1 ALA A 98  ? ILE A 105 ? ALA A 97  ILE A 104 
AA2 2 MET A 113 ? LEU A 128 ? MET A 112 LEU A 127 
AA2 3 LYS A 131 ? TYR A 139 ? LYS A 130 TYR A 138 
AA2 4 GLY A 170 ? GLY A 174 ? GLY A 169 GLY A 173 
AA2 5 LYS A 157 ? GLY A 165 ? LYS A 156 GLY A 164 
AA2 6 VAL A 151 ? SER A 154 ? VAL A 150 SER A 153 
AA2 7 ALA A 98  ? ILE A 105 ? ALA A 97  ILE A 104 
# 
loop_
_pdbx_struct_sheet_hbond.sheet_id 
_pdbx_struct_sheet_hbond.range_id_1 
_pdbx_struct_sheet_hbond.range_id_2 
_pdbx_struct_sheet_hbond.range_1_label_atom_id 
_pdbx_struct_sheet_hbond.range_1_label_comp_id 
_pdbx_struct_sheet_hbond.range_1_label_asym_id 
_pdbx_struct_sheet_hbond.range_1_label_seq_id 
_pdbx_struct_sheet_hbond.range_1_PDB_ins_code 
_pdbx_struct_sheet_hbond.range_1_auth_atom_id 
_pdbx_struct_sheet_hbond.range_1_auth_comp_id 
_pdbx_struct_sheet_hbond.range_1_auth_asym_id 
_pdbx_struct_sheet_hbond.range_1_auth_seq_id 
_pdbx_struct_sheet_hbond.range_2_label_atom_id 
_pdbx_struct_sheet_hbond.range_2_label_comp_id 
_pdbx_struct_sheet_hbond.range_2_label_asym_id 
_pdbx_struct_sheet_hbond.range_2_label_seq_id 
_pdbx_struct_sheet_hbond.range_2_PDB_ins_code 
_pdbx_struct_sheet_hbond.range_2_auth_atom_id 
_pdbx_struct_sheet_hbond.range_2_auth_comp_id 
_pdbx_struct_sheet_hbond.range_2_auth_asym_id 
_pdbx_struct_sheet_hbond.range_2_auth_seq_id 
AA1 1 2 N ARG A 17  ? N ARG A 16  O MET A 28  ? O MET A 27  
AA1 2 3 N ARG A 32  ? N ARG A 31  O LEU A 35  ? O LEU A 34  
AA1 3 4 N LEU A 38  ? N LEU A 37  O THR A 74  ? O THR A 73  
AA1 4 5 O LEU A 75  ? O LEU A 74  N VAL A 61  ? N VAL A 60  
AA1 5 6 O VAL A 55  ? O VAL A 54  N ILE A 48  ? N ILE A 47  
AA1 6 7 O TRP A 49  ? O TRP A 48  N GLN A 20  ? N GLN A 19  
AA2 1 2 N LEU A 103 ? N LEU A 102 O VAL A 115 ? O VAL A 114 
AA2 2 3 N LEU A 128 ? N LEU A 127 O LYS A 131 ? O LYS A 130 
AA2 3 4 N TYR A 139 ? N TYR A 138 O GLY A 170 ? O GLY A 169 
AA2 4 5 O PHE A 171 ? O PHE A 170 N GLY A 164 ? N GLY A 163 
AA2 5 6 O GLY A 160 ? O GLY A 159 N VAL A 152 ? N VAL A 151 
AA2 6 7 O THR A 153 ? O THR A 152 N THR A 102 ? N THR A 101 
# 
_struct_site.id                   AC1 
_struct_site.pdbx_evidence_code   Software 
_struct_site.pdbx_auth_asym_id    A 
_struct_site.pdbx_auth_comp_id    5E9 
_struct_site.pdbx_auth_seq_id     201 
_struct_site.pdbx_auth_ins_code   ? 
_struct_site.pdbx_num_residues    16 
_struct_site.details              'binding site for residue 5E9 A 201' 
# 
loop_
_struct_site_gen.id 
_struct_site_gen.site_id 
_struct_site_gen.pdbx_num_res 
_struct_site_gen.label_comp_id 
_struct_site_gen.label_asym_id 
_struct_site_gen.label_seq_id 
_struct_site_gen.pdbx_auth_ins_code 
_struct_site_gen.auth_comp_id 
_struct_site_gen.auth_asym_id 
_struct_site_gen.auth_seq_id 
_struct_site_gen.label_atom_id 
_struct_site_gen.label_alt_id 
_struct_site_gen.symmetry 
_struct_site_gen.details 
1  AC1 16 GLN A 23  ? GLN A 22  . ? 1_555 ? 
2  AC1 16 ARG A 40  ? ARG A 39  . ? 1_555 ? 
3  AC1 16 HIS A 41  ? HIS A 40  . ? 1_555 ? 
4  AC1 16 GLU A 72  ? GLU A 71  . ? 1_555 ? 
5  AC1 16 LEU A 128 ? LEU A 127 . ? 1_555 ? 
6  AC1 16 SER A 129 ? SER A 128 . ? 1_555 ? 
7  AC1 16 LYS A 131 ? LYS A 130 . ? 1_555 ? 
8  AC1 16 THR A 143 ? THR A 142 . ? 1_555 ? 
9  AC1 16 LYS A 144 ? LYS A 143 . ? 1_555 ? 
10 AC1 16 ALA A 145 ? ALA A 144 . ? 1_555 ? 
11 AC1 16 GLY A 146 ? GLY A 145 . ? 1_555 ? 
12 AC1 16 CYS A 148 ? CYS A 147 . ? 1_555 ? 
13 AC1 16 HIS A 162 ? HIS A 161 . ? 1_555 ? 
14 AC1 16 ILE A 163 ? ILE A 162 . ? 1_555 ? 
15 AC1 16 GLY A 164 ? GLY A 163 . ? 1_555 ? 
16 AC1 16 GLY A 165 ? GLY A 164 . ? 1_555 ? 
# 
_pdbx_entry_details.entry_id                   5DP5 
_pdbx_entry_details.compound_details           ? 
_pdbx_entry_details.source_details             ? 
_pdbx_entry_details.nonpolymer_details         ? 
_pdbx_entry_details.sequence_details           ? 
_pdbx_entry_details.has_ligand_of_interest     ? 
_pdbx_entry_details.has_protein_modification   Y 
# 
_pdbx_validate_close_contact.id               1 
_pdbx_validate_close_contact.PDB_model_num    1 
_pdbx_validate_close_contact.auth_atom_id_1   OG 
_pdbx_validate_close_contact.auth_asym_id_1   A 
_pdbx_validate_close_contact.auth_comp_id_1   SER 
_pdbx_validate_close_contact.auth_seq_id_1    98 
_pdbx_validate_close_contact.PDB_ins_code_1   ? 
_pdbx_validate_close_contact.label_alt_id_1   ? 
_pdbx_validate_close_contact.auth_atom_id_2   O 
_pdbx_validate_close_contact.auth_asym_id_2   A 
_pdbx_validate_close_contact.auth_comp_id_2   HOH 
_pdbx_validate_close_contact.auth_seq_id_2    301 
_pdbx_validate_close_contact.PDB_ins_code_2   ? 
_pdbx_validate_close_contact.label_alt_id_2   ? 
_pdbx_validate_close_contact.dist             2.06 
# 
_pdbx_validate_symm_contact.id                1 
_pdbx_validate_symm_contact.PDB_model_num     1 
_pdbx_validate_symm_contact.auth_atom_id_1    OD1 
_pdbx_validate_symm_contact.auth_asym_id_1    A 
_pdbx_validate_symm_contact.auth_comp_id_1    ASN 
_pdbx_validate_symm_contact.auth_seq_id_1     93 
_pdbx_validate_symm_contact.PDB_ins_code_1    ? 
_pdbx_validate_symm_contact.label_alt_id_1    ? 
_pdbx_validate_symm_contact.site_symmetry_1   1_555 
_pdbx_validate_symm_contact.auth_atom_id_2    OD1 
_pdbx_validate_symm_contact.auth_asym_id_2    A 
_pdbx_validate_symm_contact.auth_comp_id_2    ASN 
_pdbx_validate_symm_contact.auth_seq_id_2     93 
_pdbx_validate_symm_contact.PDB_ins_code_2    ? 
_pdbx_validate_symm_contact.label_alt_id_2    ? 
_pdbx_validate_symm_contact.site_symmetry_2   4_545 
_pdbx_validate_symm_contact.dist              1.82 
# 
loop_
_pdbx_validate_rmsd_angle.id 
_pdbx_validate_rmsd_angle.PDB_model_num 
_pdbx_validate_rmsd_angle.auth_atom_id_1 
_pdbx_validate_rmsd_angle.auth_asym_id_1 
_pdbx_validate_rmsd_angle.auth_comp_id_1 
_pdbx_validate_rmsd_angle.auth_seq_id_1 
_pdbx_validate_rmsd_angle.PDB_ins_code_1 
_pdbx_validate_rmsd_angle.label_alt_id_1 
_pdbx_validate_rmsd_angle.auth_atom_id_2 
_pdbx_validate_rmsd_angle.auth_asym_id_2 
_pdbx_validate_rmsd_angle.auth_comp_id_2 
_pdbx_validate_rmsd_angle.auth_seq_id_2 
_pdbx_validate_rmsd_angle.PDB_ins_code_2 
_pdbx_validate_rmsd_angle.label_alt_id_2 
_pdbx_validate_rmsd_angle.auth_atom_id_3 
_pdbx_validate_rmsd_angle.auth_asym_id_3 
_pdbx_validate_rmsd_angle.auth_comp_id_3 
_pdbx_validate_rmsd_angle.auth_seq_id_3 
_pdbx_validate_rmsd_angle.PDB_ins_code_3 
_pdbx_validate_rmsd_angle.label_alt_id_3 
_pdbx_validate_rmsd_angle.angle_value 
_pdbx_validate_rmsd_angle.angle_target_value 
_pdbx_validate_rmsd_angle.angle_deviation 
_pdbx_validate_rmsd_angle.angle_standard_deviation 
_pdbx_validate_rmsd_angle.linker_flag 
1 1 NE A ARG 16  ? ? CZ A ARG 16  ? ? NH2 A ARG 16  ? ? 117.21 120.30 -3.09 0.50 N 
2 1 CB A ASP 118 ? ? CG A ASP 118 ? ? OD1 A ASP 118 ? ? 124.55 118.30 6.25  0.90 N 
# 
loop_
_pdbx_validate_torsion.id 
_pdbx_validate_torsion.PDB_model_num 
_pdbx_validate_torsion.auth_comp_id 
_pdbx_validate_torsion.auth_asym_id 
_pdbx_validate_torsion.auth_seq_id 
_pdbx_validate_torsion.PDB_ins_code 
_pdbx_validate_torsion.label_alt_id 
_pdbx_validate_torsion.phi 
_pdbx_validate_torsion.psi 
1 1 ASP A 32 ? ? 46.24 -118.93 
2 1 GLU A 50 ? ? 52.25 -73.35  
# 
loop_
_pdbx_struct_special_symmetry.id 
_pdbx_struct_special_symmetry.PDB_model_num 
_pdbx_struct_special_symmetry.auth_asym_id 
_pdbx_struct_special_symmetry.auth_comp_id 
_pdbx_struct_special_symmetry.auth_seq_id 
_pdbx_struct_special_symmetry.PDB_ins_code 
_pdbx_struct_special_symmetry.label_asym_id 
_pdbx_struct_special_symmetry.label_comp_id 
_pdbx_struct_special_symmetry.label_seq_id 
1 1 A HOH 328 ? C HOH . 
2 1 A HOH 380 ? C HOH . 
# 
loop_
_chem_comp_atom.comp_id 
_chem_comp_atom.atom_id 
_chem_comp_atom.type_symbol 
_chem_comp_atom.pdbx_aromatic_flag 
_chem_comp_atom.pdbx_stereo_config 
_chem_comp_atom.pdbx_ordinal 
5E9 C2   C N R 1   
5E9 C3   C N N 2   
5E9 C4   C Y N 3   
5E9 C5   C Y N 4   
5E9 C6   C Y N 5   
5E9 C7   C Y N 6   
5E9 C8   C Y N 7   
5E9 O1   O N N 8   
5E9 N1   N N N 9   
5E9 N2   N N N 10  
5E9 N    N N N 11  
5E9 C    C N N 12  
5E9 O    O N N 13  
5E9 O3   O N N 14  
5E9 C16  C N N 15  
5E9 O2   O N N 16  
5E9 C18  C N N 17  
5E9 C19  C N N 18  
5E9 C15  C N N 19  
5E9 C14  C N N 20  
5E9 C10  C N S 21  
5E9 C11  C N N 22  
5E9 C12  C N S 23  
5E9 C26  C N N 24  
5E9 C25  C N N 25  
5E9 C13  C N N 26  
5E9 C17  C N N 27  
5E9 O4   O N N 28  
5E9 C21  C N N 29  
5E9 C20  C N S 30  
5E9 C22  C N N 31  
5E9 C24  C N N 32  
5E9 C23  C N N 33  
5E9 C9   C Y N 34  
5E9 F1   F N N 35  
5E9 H1   H N N 36  
5E9 H2   H N N 37  
5E9 H3   H N N 38  
5E9 H4   H N N 39  
5E9 H5   H N N 40  
5E9 H6   H N N 41  
5E9 H7   H N N 42  
5E9 H8   H N N 43  
5E9 H9   H N N 44  
5E9 H11  H N N 45  
5E9 H12  H N N 46  
5E9 H13  H N N 47  
5E9 H14  H N N 48  
5E9 H15  H N N 49  
5E9 H16  H N N 50  
5E9 H17  H N N 51  
5E9 H19  H N N 52  
5E9 H21  H N N 53  
5E9 H22  H N N 54  
5E9 H23  H N N 55  
5E9 H24  H N N 56  
5E9 H25  H N N 57  
5E9 H26  H N N 58  
5E9 H27  H N N 59  
5E9 H28  H N N 60  
5E9 H29  H N N 61  
5E9 H30  H N N 62  
5E9 H31  H N N 63  
5E9 H32  H N N 64  
5E9 H33  H N N 65  
5E9 H34  H N N 66  
5E9 H35  H N N 67  
5E9 H36  H N N 68  
5E9 H37  H N N 69  
5E9 H38  H N N 70  
5E9 H39  H N N 71  
ALA N    N N N 72  
ALA CA   C N S 73  
ALA C    C N N 74  
ALA O    O N N 75  
ALA CB   C N N 76  
ALA OXT  O N N 77  
ALA H    H N N 78  
ALA H2   H N N 79  
ALA HA   H N N 80  
ALA HB1  H N N 81  
ALA HB2  H N N 82  
ALA HB3  H N N 83  
ALA HXT  H N N 84  
ARG N    N N N 85  
ARG CA   C N S 86  
ARG C    C N N 87  
ARG O    O N N 88  
ARG CB   C N N 89  
ARG CG   C N N 90  
ARG CD   C N N 91  
ARG NE   N N N 92  
ARG CZ   C N N 93  
ARG NH1  N N N 94  
ARG NH2  N N N 95  
ARG OXT  O N N 96  
ARG H    H N N 97  
ARG H2   H N N 98  
ARG HA   H N N 99  
ARG HB2  H N N 100 
ARG HB3  H N N 101 
ARG HG2  H N N 102 
ARG HG3  H N N 103 
ARG HD2  H N N 104 
ARG HD3  H N N 105 
ARG HE   H N N 106 
ARG HH11 H N N 107 
ARG HH12 H N N 108 
ARG HH21 H N N 109 
ARG HH22 H N N 110 
ARG HXT  H N N 111 
ASN N    N N N 112 
ASN CA   C N S 113 
ASN C    C N N 114 
ASN O    O N N 115 
ASN CB   C N N 116 
ASN CG   C N N 117 
ASN OD1  O N N 118 
ASN ND2  N N N 119 
ASN OXT  O N N 120 
ASN H    H N N 121 
ASN H2   H N N 122 
ASN HA   H N N 123 
ASN HB2  H N N 124 
ASN HB3  H N N 125 
ASN HD21 H N N 126 
ASN HD22 H N N 127 
ASN HXT  H N N 128 
ASP N    N N N 129 
ASP CA   C N S 130 
ASP C    C N N 131 
ASP O    O N N 132 
ASP CB   C N N 133 
ASP CG   C N N 134 
ASP OD1  O N N 135 
ASP OD2  O N N 136 
ASP OXT  O N N 137 
ASP H    H N N 138 
ASP H2   H N N 139 
ASP HA   H N N 140 
ASP HB2  H N N 141 
ASP HB3  H N N 142 
ASP HD2  H N N 143 
ASP HXT  H N N 144 
CYS N    N N N 145 
CYS CA   C N R 146 
CYS C    C N N 147 
CYS O    O N N 148 
CYS CB   C N N 149 
CYS SG   S N N 150 
CYS OXT  O N N 151 
CYS H    H N N 152 
CYS H2   H N N 153 
CYS HA   H N N 154 
CYS HB2  H N N 155 
CYS HB3  H N N 156 
CYS HG   H N N 157 
CYS HXT  H N N 158 
GLN N    N N N 159 
GLN CA   C N S 160 
GLN C    C N N 161 
GLN O    O N N 162 
GLN CB   C N N 163 
GLN CG   C N N 164 
GLN CD   C N N 165 
GLN OE1  O N N 166 
GLN NE2  N N N 167 
GLN OXT  O N N 168 
GLN H    H N N 169 
GLN H2   H N N 170 
GLN HA   H N N 171 
GLN HB2  H N N 172 
GLN HB3  H N N 173 
GLN HG2  H N N 174 
GLN HG3  H N N 175 
GLN HE21 H N N 176 
GLN HE22 H N N 177 
GLN HXT  H N N 178 
GLU N    N N N 179 
GLU CA   C N S 180 
GLU C    C N N 181 
GLU O    O N N 182 
GLU CB   C N N 183 
GLU CG   C N N 184 
GLU CD   C N N 185 
GLU OE1  O N N 186 
GLU OE2  O N N 187 
GLU OXT  O N N 188 
GLU H    H N N 189 
GLU H2   H N N 190 
GLU HA   H N N 191 
GLU HB2  H N N 192 
GLU HB3  H N N 193 
GLU HG2  H N N 194 
GLU HG3  H N N 195 
GLU HE2  H N N 196 
GLU HXT  H N N 197 
GLY N    N N N 198 
GLY CA   C N N 199 
GLY C    C N N 200 
GLY O    O N N 201 
GLY OXT  O N N 202 
GLY H    H N N 203 
GLY H2   H N N 204 
GLY HA2  H N N 205 
GLY HA3  H N N 206 
GLY HXT  H N N 207 
HIS N    N N N 208 
HIS CA   C N S 209 
HIS C    C N N 210 
HIS O    O N N 211 
HIS CB   C N N 212 
HIS CG   C Y N 213 
HIS ND1  N Y N 214 
HIS CD2  C Y N 215 
HIS CE1  C Y N 216 
HIS NE2  N Y N 217 
HIS OXT  O N N 218 
HIS H    H N N 219 
HIS H2   H N N 220 
HIS HA   H N N 221 
HIS HB2  H N N 222 
HIS HB3  H N N 223 
HIS HD1  H N N 224 
HIS HD2  H N N 225 
HIS HE1  H N N 226 
HIS HE2  H N N 227 
HIS HXT  H N N 228 
HOH O    O N N 229 
HOH H1   H N N 230 
HOH H2   H N N 231 
ILE N    N N N 232 
ILE CA   C N S 233 
ILE C    C N N 234 
ILE O    O N N 235 
ILE CB   C N S 236 
ILE CG1  C N N 237 
ILE CG2  C N N 238 
ILE CD1  C N N 239 
ILE OXT  O N N 240 
ILE H    H N N 241 
ILE H2   H N N 242 
ILE HA   H N N 243 
ILE HB   H N N 244 
ILE HG12 H N N 245 
ILE HG13 H N N 246 
ILE HG21 H N N 247 
ILE HG22 H N N 248 
ILE HG23 H N N 249 
ILE HD11 H N N 250 
ILE HD12 H N N 251 
ILE HD13 H N N 252 
ILE HXT  H N N 253 
LEU N    N N N 254 
LEU CA   C N S 255 
LEU C    C N N 256 
LEU O    O N N 257 
LEU CB   C N N 258 
LEU CG   C N N 259 
LEU CD1  C N N 260 
LEU CD2  C N N 261 
LEU OXT  O N N 262 
LEU H    H N N 263 
LEU H2   H N N 264 
LEU HA   H N N 265 
LEU HB2  H N N 266 
LEU HB3  H N N 267 
LEU HG   H N N 268 
LEU HD11 H N N 269 
LEU HD12 H N N 270 
LEU HD13 H N N 271 
LEU HD21 H N N 272 
LEU HD22 H N N 273 
LEU HD23 H N N 274 
LEU HXT  H N N 275 
LYS N    N N N 276 
LYS CA   C N S 277 
LYS C    C N N 278 
LYS O    O N N 279 
LYS CB   C N N 280 
LYS CG   C N N 281 
LYS CD   C N N 282 
LYS CE   C N N 283 
LYS NZ   N N N 284 
LYS OXT  O N N 285 
LYS H    H N N 286 
LYS H2   H N N 287 
LYS HA   H N N 288 
LYS HB2  H N N 289 
LYS HB3  H N N 290 
LYS HG2  H N N 291 
LYS HG3  H N N 292 
LYS HD2  H N N 293 
LYS HD3  H N N 294 
LYS HE2  H N N 295 
LYS HE3  H N N 296 
LYS HZ1  H N N 297 
LYS HZ2  H N N 298 
LYS HZ3  H N N 299 
LYS HXT  H N N 300 
MET N    N N N 301 
MET CA   C N S 302 
MET C    C N N 303 
MET O    O N N 304 
MET CB   C N N 305 
MET CG   C N N 306 
MET SD   S N N 307 
MET CE   C N N 308 
MET OXT  O N N 309 
MET H    H N N 310 
MET H2   H N N 311 
MET HA   H N N 312 
MET HB2  H N N 313 
MET HB3  H N N 314 
MET HG2  H N N 315 
MET HG3  H N N 316 
MET HE1  H N N 317 
MET HE2  H N N 318 
MET HE3  H N N 319 
MET HXT  H N N 320 
PHE N    N N N 321 
PHE CA   C N S 322 
PHE C    C N N 323 
PHE O    O N N 324 
PHE CB   C N N 325 
PHE CG   C Y N 326 
PHE CD1  C Y N 327 
PHE CD2  C Y N 328 
PHE CE1  C Y N 329 
PHE CE2  C Y N 330 
PHE CZ   C Y N 331 
PHE OXT  O N N 332 
PHE H    H N N 333 
PHE H2   H N N 334 
PHE HA   H N N 335 
PHE HB2  H N N 336 
PHE HB3  H N N 337 
PHE HD1  H N N 338 
PHE HD2  H N N 339 
PHE HE1  H N N 340 
PHE HE2  H N N 341 
PHE HZ   H N N 342 
PHE HXT  H N N 343 
PRO N    N N N 344 
PRO CA   C N S 345 
PRO C    C N N 346 
PRO O    O N N 347 
PRO CB   C N N 348 
PRO CG   C N N 349 
PRO CD   C N N 350 
PRO OXT  O N N 351 
PRO H    H N N 352 
PRO HA   H N N 353 
PRO HB2  H N N 354 
PRO HB3  H N N 355 
PRO HG2  H N N 356 
PRO HG3  H N N 357 
PRO HD2  H N N 358 
PRO HD3  H N N 359 
PRO HXT  H N N 360 
SER N    N N N 361 
SER CA   C N S 362 
SER C    C N N 363 
SER O    O N N 364 
SER CB   C N N 365 
SER OG   O N N 366 
SER OXT  O N N 367 
SER H    H N N 368 
SER H2   H N N 369 
SER HA   H N N 370 
SER HB2  H N N 371 
SER HB3  H N N 372 
SER HG   H N N 373 
SER HXT  H N N 374 
THR N    N N N 375 
THR CA   C N S 376 
THR C    C N N 377 
THR O    O N N 378 
THR CB   C N R 379 
THR OG1  O N N 380 
THR CG2  C N N 381 
THR OXT  O N N 382 
THR H    H N N 383 
THR H2   H N N 384 
THR HA   H N N 385 
THR HB   H N N 386 
THR HG1  H N N 387 
THR HG21 H N N 388 
THR HG22 H N N 389 
THR HG23 H N N 390 
THR HXT  H N N 391 
TRP N    N N N 392 
TRP CA   C N S 393 
TRP C    C N N 394 
TRP O    O N N 395 
TRP CB   C N N 396 
TRP CG   C Y N 397 
TRP CD1  C Y N 398 
TRP CD2  C Y N 399 
TRP NE1  N Y N 400 
TRP CE2  C Y N 401 
TRP CE3  C Y N 402 
TRP CZ2  C Y N 403 
TRP CZ3  C Y N 404 
TRP CH2  C Y N 405 
TRP OXT  O N N 406 
TRP H    H N N 407 
TRP H2   H N N 408 
TRP HA   H N N 409 
TRP HB2  H N N 410 
TRP HB3  H N N 411 
TRP HD1  H N N 412 
TRP HE1  H N N 413 
TRP HE3  H N N 414 
TRP HZ2  H N N 415 
TRP HZ3  H N N 416 
TRP HH2  H N N 417 
TRP HXT  H N N 418 
TYR N    N N N 419 
TYR CA   C N S 420 
TYR C    C N N 421 
TYR O    O N N 422 
TYR CB   C N N 423 
TYR CG   C Y N 424 
TYR CD1  C Y N 425 
TYR CD2  C Y N 426 
TYR CE1  C Y N 427 
TYR CE2  C Y N 428 
TYR CZ   C Y N 429 
TYR OH   O N N 430 
TYR OXT  O N N 431 
TYR H    H N N 432 
TYR H2   H N N 433 
TYR HA   H N N 434 
TYR HB2  H N N 435 
TYR HB3  H N N 436 
TYR HD1  H N N 437 
TYR HD2  H N N 438 
TYR HE1  H N N 439 
TYR HE2  H N N 440 
TYR HH   H N N 441 
TYR HXT  H N N 442 
VAL N    N N N 443 
VAL CA   C N S 444 
VAL C    C N N 445 
VAL O    O N N 446 
VAL CB   C N N 447 
VAL CG1  C N N 448 
VAL CG2  C N N 449 
VAL OXT  O N N 450 
VAL H    H N N 451 
VAL H2   H N N 452 
VAL HA   H N N 453 
VAL HB   H N N 454 
VAL HG11 H N N 455 
VAL HG12 H N N 456 
VAL HG13 H N N 457 
VAL HG21 H N N 458 
VAL HG22 H N N 459 
VAL HG23 H N N 460 
VAL HXT  H N N 461 
# 
loop_
_chem_comp_bond.comp_id 
_chem_comp_bond.atom_id_1 
_chem_comp_bond.atom_id_2 
_chem_comp_bond.value_order 
_chem_comp_bond.pdbx_aromatic_flag 
_chem_comp_bond.pdbx_stereo_config 
_chem_comp_bond.pdbx_ordinal 
5E9 C19 C18  sing N N 1   
5E9 O3  C16  doub N N 2   
5E9 C18 O2   sing N N 3   
5E9 C16 C15  sing N N 4   
5E9 C16 O2   sing N N 5   
5E9 C15 C14  doub N Z 6   
5E9 C14 C10  sing N N 7   
5E9 C10 C11  sing N N 8   
5E9 C10 N    sing N N 9   
5E9 C11 C12  sing N N 10  
5E9 O1  C13  doub N N 11  
5E9 N   C17  sing N N 12  
5E9 C13 C12  sing N N 13  
5E9 C13 N1   sing N N 14  
5E9 C26 C12  sing N N 15  
5E9 C26 C25  sing N N 16  
5E9 N1  C25  sing N N 17  
5E9 O4  C17  doub N N 18  
5E9 C17 C2   sing N N 19  
5E9 C3  C2   sing N N 20  
5E9 C3  C4   sing N N 21  
5E9 C2  C21  sing N N 22  
5E9 C4  C9   doub Y N 23  
5E9 C4  C5   sing Y N 24  
5E9 C9  C8   sing Y N 25  
5E9 O   C    doub N N 26  
5E9 C5  C6   doub Y N 27  
5E9 C21 C    sing N N 28  
5E9 C8  C7   doub Y N 29  
5E9 C24 C22  sing N N 30  
5E9 C   C20  sing N N 31  
5E9 C6  C7   sing Y N 32  
5E9 C7  F1   sing N N 33  
5E9 C22 C20  sing N N 34  
5E9 C22 C23  sing N N 35  
5E9 C20 N2   sing N N 36  
5E9 C2  H1   sing N N 37  
5E9 C3  H2   sing N N 38  
5E9 C3  H3   sing N N 39  
5E9 C5  H4   sing N N 40  
5E9 C6  H5   sing N N 41  
5E9 C8  H6   sing N N 42  
5E9 N1  H7   sing N N 43  
5E9 N2  H8   sing N N 44  
5E9 N2  H9   sing N N 45  
5E9 N   H11  sing N N 46  
5E9 C18 H12  sing N N 47  
5E9 C18 H13  sing N N 48  
5E9 C19 H14  sing N N 49  
5E9 C19 H15  sing N N 50  
5E9 C19 H16  sing N N 51  
5E9 C15 H17  sing N N 52  
5E9 C14 H19  sing N N 53  
5E9 C10 H21  sing N N 54  
5E9 C11 H22  sing N N 55  
5E9 C11 H23  sing N N 56  
5E9 C12 H24  sing N N 57  
5E9 C26 H25  sing N N 58  
5E9 C26 H26  sing N N 59  
5E9 C25 H27  sing N N 60  
5E9 C25 H28  sing N N 61  
5E9 C21 H29  sing N N 62  
5E9 C21 H30  sing N N 63  
5E9 C20 H31  sing N N 64  
5E9 C22 H32  sing N N 65  
5E9 C24 H33  sing N N 66  
5E9 C24 H34  sing N N 67  
5E9 C24 H35  sing N N 68  
5E9 C23 H36  sing N N 69  
5E9 C23 H37  sing N N 70  
5E9 C23 H38  sing N N 71  
5E9 C9  H39  sing N N 72  
ALA N   CA   sing N N 73  
ALA N   H    sing N N 74  
ALA N   H2   sing N N 75  
ALA CA  C    sing N N 76  
ALA CA  CB   sing N N 77  
ALA CA  HA   sing N N 78  
ALA C   O    doub N N 79  
ALA C   OXT  sing N N 80  
ALA CB  HB1  sing N N 81  
ALA CB  HB2  sing N N 82  
ALA CB  HB3  sing N N 83  
ALA OXT HXT  sing N N 84  
ARG N   CA   sing N N 85  
ARG N   H    sing N N 86  
ARG N   H2   sing N N 87  
ARG CA  C    sing N N 88  
ARG CA  CB   sing N N 89  
ARG CA  HA   sing N N 90  
ARG C   O    doub N N 91  
ARG C   OXT  sing N N 92  
ARG CB  CG   sing N N 93  
ARG CB  HB2  sing N N 94  
ARG CB  HB3  sing N N 95  
ARG CG  CD   sing N N 96  
ARG CG  HG2  sing N N 97  
ARG CG  HG3  sing N N 98  
ARG CD  NE   sing N N 99  
ARG CD  HD2  sing N N 100 
ARG CD  HD3  sing N N 101 
ARG NE  CZ   sing N N 102 
ARG NE  HE   sing N N 103 
ARG CZ  NH1  sing N N 104 
ARG CZ  NH2  doub N N 105 
ARG NH1 HH11 sing N N 106 
ARG NH1 HH12 sing N N 107 
ARG NH2 HH21 sing N N 108 
ARG NH2 HH22 sing N N 109 
ARG OXT HXT  sing N N 110 
ASN N   CA   sing N N 111 
ASN N   H    sing N N 112 
ASN N   H2   sing N N 113 
ASN CA  C    sing N N 114 
ASN CA  CB   sing N N 115 
ASN CA  HA   sing N N 116 
ASN C   O    doub N N 117 
ASN C   OXT  sing N N 118 
ASN CB  CG   sing N N 119 
ASN CB  HB2  sing N N 120 
ASN CB  HB3  sing N N 121 
ASN CG  OD1  doub N N 122 
ASN CG  ND2  sing N N 123 
ASN ND2 HD21 sing N N 124 
ASN ND2 HD22 sing N N 125 
ASN OXT HXT  sing N N 126 
ASP N   CA   sing N N 127 
ASP N   H    sing N N 128 
ASP N   H2   sing N N 129 
ASP CA  C    sing N N 130 
ASP CA  CB   sing N N 131 
ASP CA  HA   sing N N 132 
ASP C   O    doub N N 133 
ASP C   OXT  sing N N 134 
ASP CB  CG   sing N N 135 
ASP CB  HB2  sing N N 136 
ASP CB  HB3  sing N N 137 
ASP CG  OD1  doub N N 138 
ASP CG  OD2  sing N N 139 
ASP OD2 HD2  sing N N 140 
ASP OXT HXT  sing N N 141 
CYS N   CA   sing N N 142 
CYS N   H    sing N N 143 
CYS N   H2   sing N N 144 
CYS CA  C    sing N N 145 
CYS CA  CB   sing N N 146 
CYS CA  HA   sing N N 147 
CYS C   O    doub N N 148 
CYS C   OXT  sing N N 149 
CYS CB  SG   sing N N 150 
CYS CB  HB2  sing N N 151 
CYS CB  HB3  sing N N 152 
CYS SG  HG   sing N N 153 
CYS OXT HXT  sing N N 154 
GLN N   CA   sing N N 155 
GLN N   H    sing N N 156 
GLN N   H2   sing N N 157 
GLN CA  C    sing N N 158 
GLN CA  CB   sing N N 159 
GLN CA  HA   sing N N 160 
GLN C   O    doub N N 161 
GLN C   OXT  sing N N 162 
GLN CB  CG   sing N N 163 
GLN CB  HB2  sing N N 164 
GLN CB  HB3  sing N N 165 
GLN CG  CD   sing N N 166 
GLN CG  HG2  sing N N 167 
GLN CG  HG3  sing N N 168 
GLN CD  OE1  doub N N 169 
GLN CD  NE2  sing N N 170 
GLN NE2 HE21 sing N N 171 
GLN NE2 HE22 sing N N 172 
GLN OXT HXT  sing N N 173 
GLU N   CA   sing N N 174 
GLU N   H    sing N N 175 
GLU N   H2   sing N N 176 
GLU CA  C    sing N N 177 
GLU CA  CB   sing N N 178 
GLU CA  HA   sing N N 179 
GLU C   O    doub N N 180 
GLU C   OXT  sing N N 181 
GLU CB  CG   sing N N 182 
GLU CB  HB2  sing N N 183 
GLU CB  HB3  sing N N 184 
GLU CG  CD   sing N N 185 
GLU CG  HG2  sing N N 186 
GLU CG  HG3  sing N N 187 
GLU CD  OE1  doub N N 188 
GLU CD  OE2  sing N N 189 
GLU OE2 HE2  sing N N 190 
GLU OXT HXT  sing N N 191 
GLY N   CA   sing N N 192 
GLY N   H    sing N N 193 
GLY N   H2   sing N N 194 
GLY CA  C    sing N N 195 
GLY CA  HA2  sing N N 196 
GLY CA  HA3  sing N N 197 
GLY C   O    doub N N 198 
GLY C   OXT  sing N N 199 
GLY OXT HXT  sing N N 200 
HIS N   CA   sing N N 201 
HIS N   H    sing N N 202 
HIS N   H2   sing N N 203 
HIS CA  C    sing N N 204 
HIS CA  CB   sing N N 205 
HIS CA  HA   sing N N 206 
HIS C   O    doub N N 207 
HIS C   OXT  sing N N 208 
HIS CB  CG   sing N N 209 
HIS CB  HB2  sing N N 210 
HIS CB  HB3  sing N N 211 
HIS CG  ND1  sing Y N 212 
HIS CG  CD2  doub Y N 213 
HIS ND1 CE1  doub Y N 214 
HIS ND1 HD1  sing N N 215 
HIS CD2 NE2  sing Y N 216 
HIS CD2 HD2  sing N N 217 
HIS CE1 NE2  sing Y N 218 
HIS CE1 HE1  sing N N 219 
HIS NE2 HE2  sing N N 220 
HIS OXT HXT  sing N N 221 
HOH O   H1   sing N N 222 
HOH O   H2   sing N N 223 
ILE N   CA   sing N N 224 
ILE N   H    sing N N 225 
ILE N   H2   sing N N 226 
ILE CA  C    sing N N 227 
ILE CA  CB   sing N N 228 
ILE CA  HA   sing N N 229 
ILE C   O    doub N N 230 
ILE C   OXT  sing N N 231 
ILE CB  CG1  sing N N 232 
ILE CB  CG2  sing N N 233 
ILE CB  HB   sing N N 234 
ILE CG1 CD1  sing N N 235 
ILE CG1 HG12 sing N N 236 
ILE CG1 HG13 sing N N 237 
ILE CG2 HG21 sing N N 238 
ILE CG2 HG22 sing N N 239 
ILE CG2 HG23 sing N N 240 
ILE CD1 HD11 sing N N 241 
ILE CD1 HD12 sing N N 242 
ILE CD1 HD13 sing N N 243 
ILE OXT HXT  sing N N 244 
LEU N   CA   sing N N 245 
LEU N   H    sing N N 246 
LEU N   H2   sing N N 247 
LEU CA  C    sing N N 248 
LEU CA  CB   sing N N 249 
LEU CA  HA   sing N N 250 
LEU C   O    doub N N 251 
LEU C   OXT  sing N N 252 
LEU CB  CG   sing N N 253 
LEU CB  HB2  sing N N 254 
LEU CB  HB3  sing N N 255 
LEU CG  CD1  sing N N 256 
LEU CG  CD2  sing N N 257 
LEU CG  HG   sing N N 258 
LEU CD1 HD11 sing N N 259 
LEU CD1 HD12 sing N N 260 
LEU CD1 HD13 sing N N 261 
LEU CD2 HD21 sing N N 262 
LEU CD2 HD22 sing N N 263 
LEU CD2 HD23 sing N N 264 
LEU OXT HXT  sing N N 265 
LYS N   CA   sing N N 266 
LYS N   H    sing N N 267 
LYS N   H2   sing N N 268 
LYS CA  C    sing N N 269 
LYS CA  CB   sing N N 270 
LYS CA  HA   sing N N 271 
LYS C   O    doub N N 272 
LYS C   OXT  sing N N 273 
LYS CB  CG   sing N N 274 
LYS CB  HB2  sing N N 275 
LYS CB  HB3  sing N N 276 
LYS CG  CD   sing N N 277 
LYS CG  HG2  sing N N 278 
LYS CG  HG3  sing N N 279 
LYS CD  CE   sing N N 280 
LYS CD  HD2  sing N N 281 
LYS CD  HD3  sing N N 282 
LYS CE  NZ   sing N N 283 
LYS CE  HE2  sing N N 284 
LYS CE  HE3  sing N N 285 
LYS NZ  HZ1  sing N N 286 
LYS NZ  HZ2  sing N N 287 
LYS NZ  HZ3  sing N N 288 
LYS OXT HXT  sing N N 289 
MET N   CA   sing N N 290 
MET N   H    sing N N 291 
MET N   H2   sing N N 292 
MET CA  C    sing N N 293 
MET CA  CB   sing N N 294 
MET CA  HA   sing N N 295 
MET C   O    doub N N 296 
MET C   OXT  sing N N 297 
MET CB  CG   sing N N 298 
MET CB  HB2  sing N N 299 
MET CB  HB3  sing N N 300 
MET CG  SD   sing N N 301 
MET CG  HG2  sing N N 302 
MET CG  HG3  sing N N 303 
MET SD  CE   sing N N 304 
MET CE  HE1  sing N N 305 
MET CE  HE2  sing N N 306 
MET CE  HE3  sing N N 307 
MET OXT HXT  sing N N 308 
PHE N   CA   sing N N 309 
PHE N   H    sing N N 310 
PHE N   H2   sing N N 311 
PHE CA  C    sing N N 312 
PHE CA  CB   sing N N 313 
PHE CA  HA   sing N N 314 
PHE C   O    doub N N 315 
PHE C   OXT  sing N N 316 
PHE CB  CG   sing N N 317 
PHE CB  HB2  sing N N 318 
PHE CB  HB3  sing N N 319 
PHE CG  CD1  doub Y N 320 
PHE CG  CD2  sing Y N 321 
PHE CD1 CE1  sing Y N 322 
PHE CD1 HD1  sing N N 323 
PHE CD2 CE2  doub Y N 324 
PHE CD2 HD2  sing N N 325 
PHE CE1 CZ   doub Y N 326 
PHE CE1 HE1  sing N N 327 
PHE CE2 CZ   sing Y N 328 
PHE CE2 HE2  sing N N 329 
PHE CZ  HZ   sing N N 330 
PHE OXT HXT  sing N N 331 
PRO N   CA   sing N N 332 
PRO N   CD   sing N N 333 
PRO N   H    sing N N 334 
PRO CA  C    sing N N 335 
PRO CA  CB   sing N N 336 
PRO CA  HA   sing N N 337 
PRO C   O    doub N N 338 
PRO C   OXT  sing N N 339 
PRO CB  CG   sing N N 340 
PRO CB  HB2  sing N N 341 
PRO CB  HB3  sing N N 342 
PRO CG  CD   sing N N 343 
PRO CG  HG2  sing N N 344 
PRO CG  HG3  sing N N 345 
PRO CD  HD2  sing N N 346 
PRO CD  HD3  sing N N 347 
PRO OXT HXT  sing N N 348 
SER N   CA   sing N N 349 
SER N   H    sing N N 350 
SER N   H2   sing N N 351 
SER CA  C    sing N N 352 
SER CA  CB   sing N N 353 
SER CA  HA   sing N N 354 
SER C   O    doub N N 355 
SER C   OXT  sing N N 356 
SER CB  OG   sing N N 357 
SER CB  HB2  sing N N 358 
SER CB  HB3  sing N N 359 
SER OG  HG   sing N N 360 
SER OXT HXT  sing N N 361 
THR N   CA   sing N N 362 
THR N   H    sing N N 363 
THR N   H2   sing N N 364 
THR CA  C    sing N N 365 
THR CA  CB   sing N N 366 
THR CA  HA   sing N N 367 
THR C   O    doub N N 368 
THR C   OXT  sing N N 369 
THR CB  OG1  sing N N 370 
THR CB  CG2  sing N N 371 
THR CB  HB   sing N N 372 
THR OG1 HG1  sing N N 373 
THR CG2 HG21 sing N N 374 
THR CG2 HG22 sing N N 375 
THR CG2 HG23 sing N N 376 
THR OXT HXT  sing N N 377 
TRP N   CA   sing N N 378 
TRP N   H    sing N N 379 
TRP N   H2   sing N N 380 
TRP CA  C    sing N N 381 
TRP CA  CB   sing N N 382 
TRP CA  HA   sing N N 383 
TRP C   O    doub N N 384 
TRP C   OXT  sing N N 385 
TRP CB  CG   sing N N 386 
TRP CB  HB2  sing N N 387 
TRP CB  HB3  sing N N 388 
TRP CG  CD1  doub Y N 389 
TRP CG  CD2  sing Y N 390 
TRP CD1 NE1  sing Y N 391 
TRP CD1 HD1  sing N N 392 
TRP CD2 CE2  doub Y N 393 
TRP CD2 CE3  sing Y N 394 
TRP NE1 CE2  sing Y N 395 
TRP NE1 HE1  sing N N 396 
TRP CE2 CZ2  sing Y N 397 
TRP CE3 CZ3  doub Y N 398 
TRP CE3 HE3  sing N N 399 
TRP CZ2 CH2  doub Y N 400 
TRP CZ2 HZ2  sing N N 401 
TRP CZ3 CH2  sing Y N 402 
TRP CZ3 HZ3  sing N N 403 
TRP CH2 HH2  sing N N 404 
TRP OXT HXT  sing N N 405 
TYR N   CA   sing N N 406 
TYR N   H    sing N N 407 
TYR N   H2   sing N N 408 
TYR CA  C    sing N N 409 
TYR CA  CB   sing N N 410 
TYR CA  HA   sing N N 411 
TYR C   O    doub N N 412 
TYR C   OXT  sing N N 413 
TYR CB  CG   sing N N 414 
TYR CB  HB2  sing N N 415 
TYR CB  HB3  sing N N 416 
TYR CG  CD1  doub Y N 417 
TYR CG  CD2  sing Y N 418 
TYR CD1 CE1  sing Y N 419 
TYR CD1 HD1  sing N N 420 
TYR CD2 CE2  doub Y N 421 
TYR CD2 HD2  sing N N 422 
TYR CE1 CZ   doub Y N 423 
TYR CE1 HE1  sing N N 424 
TYR CE2 CZ   sing Y N 425 
TYR CE2 HE2  sing N N 426 
TYR CZ  OH   sing N N 427 
TYR OH  HH   sing N N 428 
TYR OXT HXT  sing N N 429 
VAL N   CA   sing N N 430 
VAL N   H    sing N N 431 
VAL N   H2   sing N N 432 
VAL CA  C    sing N N 433 
VAL CA  CB   sing N N 434 
VAL CA  HA   sing N N 435 
VAL C   O    doub N N 436 
VAL C   OXT  sing N N 437 
VAL CB  CG1  sing N N 438 
VAL CB  CG2  sing N N 439 
VAL CB  HB   sing N N 440 
VAL CG1 HG11 sing N N 441 
VAL CG1 HG12 sing N N 442 
VAL CG1 HG13 sing N N 443 
VAL CG2 HG21 sing N N 444 
VAL CG2 HG22 sing N N 445 
VAL CG2 HG23 sing N N 446 
VAL OXT HXT  sing N N 447 
# 
_atom_sites.entry_id                    5DP5 
_atom_sites.fract_transf_matrix[1][1]   -0.00425296 
_atom_sites.fract_transf_matrix[1][2]   0.01002261 
_atom_sites.fract_transf_matrix[1][3]   -0.01114712 
_atom_sites.fract_transf_matrix[2][1]   -0.01409704 
_atom_sites.fract_transf_matrix[2][2]   -0.00626596 
_atom_sites.fract_transf_matrix[2][3]   -0.00025542 
_atom_sites.fract_transf_matrix[3][1]   -0.00395506 
_atom_sites.fract_transf_matrix[3][2]   0.00852409 
_atom_sites.fract_transf_matrix[3][3]   0.00917316 
_atom_sites.fract_transf_vector[1]      -0.196145 
_atom_sites.fract_transf_vector[2]      -0.259534 
_atom_sites.fract_transf_vector[3]      -0.121211 
# 
loop_
_atom_type.symbol 
C 
F 
N 
O 
S 
# 
loop_
_atom_site.group_PDB 
_atom_site.id 
_atom_site.type_symbol 
_atom_site.label_atom_id 
_atom_site.label_alt_id 
_atom_site.label_comp_id 
_atom_site.label_asym_id 
_atom_site.label_entity_id 
_atom_site.label_seq_id 
_atom_site.pdbx_PDB_ins_code 
_atom_site.Cartn_x 
_atom_site.Cartn_y 
_atom_site.Cartn_z 
_atom_site.occupancy 
_atom_site.B_iso_or_equiv 
_atom_site.pdbx_formal_charge 
_atom_site.auth_seq_id 
_atom_site.auth_comp_id 
_atom_site.auth_asym_id 
_atom_site.auth_atom_id 
_atom_site.pdbx_PDB_model_num 
ATOM   1    N N   . MET A 1 1   ? 16.112  3.085   -20.938 1.00 49.96 ? 0   MET A N   1 
ATOM   2    C CA  . MET A 1 1   ? 15.113  3.380   -19.871 1.00 47.79 ? 0   MET A CA  1 
ATOM   3    C C   . MET A 1 1   ? 15.709  4.226   -18.790 1.00 45.73 ? 0   MET A C   1 
ATOM   4    O O   . MET A 1 1   ? 16.799  3.944   -18.298 1.00 52.39 ? 0   MET A O   1 
ATOM   5    C CB  . MET A 1 1   ? 14.592  2.100   -19.205 1.00 48.63 ? 0   MET A CB  1 
ATOM   6    C CG  . MET A 1 1   ? 13.462  2.333   -18.188 1.00 46.74 ? 0   MET A CG  1 
ATOM   7    S SD  . MET A 1 1   ? 12.274  0.982   -18.075 1.00 45.75 ? 0   MET A SD  1 
ATOM   8    C CE  . MET A 1 1   ? 12.211  0.325   -19.740 1.00 49.26 ? 0   MET A CE  1 
ATOM   9    N N   . GLY A 1 2   ? 14.943  5.222   -18.383 1.00 40.59 ? 1   GLY A N   1 
ATOM   10   C CA  . GLY A 1 2   ? 15.274  6.027   -17.244 1.00 38.70 ? 1   GLY A CA  1 
ATOM   11   C C   . GLY A 1 2   ? 15.064  5.220   -15.978 1.00 38.86 ? 1   GLY A C   1 
ATOM   12   O O   . GLY A 1 2   ? 14.453  4.142   -15.989 1.00 36.58 ? 1   GLY A O   1 
ATOM   13   N N   . PRO A 1 3   ? 15.591  5.729   -14.879 1.00 39.52 ? 2   PRO A N   1 
ATOM   14   C CA  . PRO A 1 3   ? 15.632  5.030   -13.604 1.00 40.37 ? 2   PRO A CA  1 
ATOM   15   C C   . PRO A 1 3   ? 14.325  5.079   -12.800 1.00 36.95 ? 2   PRO A C   1 
ATOM   16   O O   . PRO A 1 3   ? 14.036  4.148   -12.037 1.00 30.56 ? 2   PRO A O   1 
ATOM   17   C CB  . PRO A 1 3   ? 16.737  5.774   -12.863 1.00 41.48 ? 2   PRO A CB  1 
ATOM   18   C CG  . PRO A 1 3   ? 16.669  7.184   -13.403 1.00 41.61 ? 2   PRO A CG  1 
ATOM   19   C CD  . PRO A 1 3   ? 16.292  7.031   -14.831 1.00 41.67 ? 2   PRO A CD  1 
ATOM   20   N N   . SER A 1 4   ? 13.573  6.167   -12.947 1.00 34.53 ? 3   SER A N   1 
ATOM   21   C CA  . SER A 1 4   ? 12.279  6.279   -12.302 1.00 31.45 ? 3   SER A CA  1 
ATOM   22   C C   . SER A 1 4   ? 11.322  5.251   -12.861 1.00 28.17 ? 3   SER A C   1 
ATOM   23   O O   . SER A 1 4   ? 10.631  4.562   -12.103 1.00 25.30 ? 3   SER A O   1 
ATOM   24   C CB  . SER A 1 4   ? 11.687  7.675   -12.480 1.00 34.03 ? 3   SER A CB  1 
ATOM   25   O OG  . SER A 1 4   ? 11.853  8.467   -11.305 1.00 33.54 ? 3   SER A OG  1 
ATOM   26   N N   . LEU A 1 5   ? 11.297  5.128   -14.185 1.00 23.93 ? 4   LEU A N   1 
ATOM   27   C CA  . LEU A 1 5   ? 10.419  4.168   -14.820 1.00 21.94 ? 4   LEU A CA  1 
ATOM   28   C C   . LEU A 1 5   ? 10.853  2.719   -14.541 1.00 21.06 ? 4   LEU A C   1 
ATOM   29   O O   . LEU A 1 5   ? 10.021  1.839   -14.363 1.00 20.72 ? 4   LEU A O   1 
ATOM   30   C CB  . LEU A 1 5   ? 10.357  4.429   -16.334 1.00 21.66 ? 4   LEU A CB  1 
ATOM   31   C CG  . LEU A 1 5   ? 9.560   3.458   -17.188 1.00 20.73 ? 4   LEU A CG  1 
ATOM   32   C CD1 . LEU A 1 5   ? 8.075   3.529   -16.853 1.00 19.60 ? 4   LEU A CD1 1 
ATOM   33   C CD2 . LEU A 1 5   ? 9.752   3.725   -18.700 1.00 20.79 ? 4   LEU A CD2 1 
ATOM   34   N N   . ASP A 1 6   ? 12.152  2.490   -14.526 1.00 19.43 ? 5   ASP A N   1 
ATOM   35   C CA  . ASP A 1 6   ? 12.713  1.178   -14.242 1.00 19.92 ? 5   ASP A CA  1 
ATOM   36   C C   . ASP A 1 6   ? 12.373  0.693   -12.831 1.00 20.39 ? 5   ASP A C   1 
ATOM   37   O O   . ASP A 1 6   ? 12.051  -0.494  -12.629 1.00 24.99 ? 5   ASP A O   1 
ATOM   38   C CB  . ASP A 1 6   ? 14.236  1.268   -14.427 1.00 19.24 ? 5   ASP A CB  1 
ATOM   39   C CG  . ASP A 1 6   ? 14.947  -0.008  -14.122 1.00 20.72 ? 5   ASP A CG  1 
ATOM   40   O OD1 . ASP A 1 6   ? 15.126  -0.813  -15.019 1.00 21.50 ? 5   ASP A OD1 1 
ATOM   41   O OD2 . ASP A 1 6   ? 15.385  -0.173  -12.990 1.00 22.34 ? 5   ASP A OD2 1 
ATOM   42   N N   . PHE A 1 7   ? 12.456  1.587   -11.853 1.00 20.40 ? 6   PHE A N   1 
ATOM   43   C CA  . PHE A 1 7   ? 12.103  1.275   -10.468 1.00 20.68 ? 6   PHE A CA  1 
ATOM   44   C C   . PHE A 1 7   ? 10.602  0.931   -10.264 1.00 19.83 ? 6   PHE A C   1 
ATOM   45   O O   . PHE A 1 7   ? 10.261  -0.053  -9.601  1.00 16.72 ? 6   PHE A O   1 
ATOM   46   C CB  . PHE A 1 7   ? 12.540  2.418   -9.566  1.00 21.12 ? 6   PHE A CB  1 
ATOM   47   C CG  . PHE A 1 7   ? 12.324  2.157   -8.095  1.00 20.88 ? 6   PHE A CG  1 
ATOM   48   C CD1 . PHE A 1 7   ? 13.207  1.356   -7.386  1.00 20.05 ? 6   PHE A CD1 1 
ATOM   49   C CD2 . PHE A 1 7   ? 11.268  2.746   -7.420  1.00 20.00 ? 6   PHE A CD2 1 
ATOM   50   C CE1 . PHE A 1 7   ? 13.022  1.137   -6.036  1.00 18.98 ? 6   PHE A CE1 1 
ATOM   51   C CE2 . PHE A 1 7   ? 11.088  2.533   -6.069  1.00 19.54 ? 6   PHE A CE2 1 
ATOM   52   C CZ  . PHE A 1 7   ? 11.970  1.720   -5.385  1.00 19.17 ? 6   PHE A CZ  1 
ATOM   53   N N   . ALA A 1 8   ? 9.709   1.678   -10.925 1.00 22.16 ? 7   ALA A N   1 
ATOM   54   C CA  . ALA A 1 8   ? 8.259   1.431   -10.809 1.00 21.11 ? 7   ALA A CA  1 
ATOM   55   C C   . ALA A 1 8   ? 7.858   0.121   -11.495 1.00 20.25 ? 7   ALA A C   1 
ATOM   56   O O   . ALA A 1 8   ? 7.023   -0.636  -10.967 1.00 20.61 ? 7   ALA A O   1 
ATOM   57   C CB  . ALA A 1 8   ? 7.468   2.609   -11.361 1.00 21.13 ? 7   ALA A CB  1 
ATOM   58   N N   . LEU A 1 9   ? 8.462   -0.160  -12.641 1.00 18.69 ? 8   LEU A N   1 
ATOM   59   C CA  . LEU A 1 9   ? 8.147   -1.362  -13.371 1.00 20.09 ? 8   LEU A CA  1 
ATOM   60   C C   . LEU A 1 9   ? 8.651   -2.580  -12.606 1.00 20.93 ? 8   LEU A C   1 
ATOM   61   O O   . LEU A 1 9   ? 7.952   -3.592  -12.472 1.00 18.36 ? 8   LEU A O   1 
ATOM   62   C CB  . LEU A 1 9   ? 8.698   -1.323  -14.810 1.00 21.83 ? 8   LEU A CB  1 
ATOM   63   C CG  . LEU A 1 9   ? 7.964   -0.327  -15.754 1.00 22.00 ? 8   LEU A CG  1 
ATOM   64   C CD1 . LEU A 1 9   ? 8.850   -0.083  -16.985 1.00 24.41 ? 8   LEU A CD1 1 
ATOM   65   C CD2 . LEU A 1 9   ? 6.576   -0.846  -16.120 1.00 22.03 ? 8   LEU A CD2 1 
ATOM   66   N N   . SER A 1 10  ? 9.832   -2.441  -12.046 1.00 21.60 ? 9   SER A N   1 
ATOM   67   C CA  . SER A 1 10  ? 10.401  -3.509  -11.239 1.00 25.22 ? 9   SER A CA  1 
ATOM   68   C C   . SER A 1 10  ? 9.553   -3.792  -9.993  1.00 23.85 ? 9   SER A C   1 
ATOM   69   O O   . SER A 1 10  ? 9.283   -4.945  -9.647  1.00 24.78 ? 9   SER A O   1 
ATOM   70   C CB  . SER A 1 10  ? 11.826  -3.128  -10.841 1.00 26.35 ? 9   SER A CB  1 
ATOM   71   O OG  . SER A 1 10  ? 12.429  -4.209  -10.186 1.00 32.55 ? 9   SER A OG  1 
ATOM   72   N N   . LEU A 1 11  ? 9.143   -2.723  -9.332  1.00 22.09 ? 10  LEU A N   1 
ATOM   73   C CA  . LEU A 1 11  ? 8.147   -2.821  -8.286  1.00 22.66 ? 10  LEU A CA  1 
ATOM   74   C C   . LEU A 1 11  ? 6.913   -3.652  -8.686  1.00 22.41 ? 10  LEU A C   1 
ATOM   75   O O   . LEU A 1 11  ? 6.542   -4.611  -7.968  1.00 22.10 ? 10  LEU A O   1 
ATOM   76   C CB  . LEU A 1 11  ? 7.716   -1.430  -7.825  1.00 22.49 ? 10  LEU A CB  1 
ATOM   77   C CG  . LEU A 1 11  ? 8.335   -0.761  -6.618  1.00 24.40 ? 10  LEU A CG  1 
ATOM   78   C CD1 . LEU A 1 11  ? 7.533   0.490   -6.279  1.00 25.13 ? 10  LEU A CD1 1 
ATOM   79   C CD2 . LEU A 1 11  ? 8.411   -1.661  -5.387  1.00 24.68 ? 10  LEU A CD2 1 
ATOM   80   N N   . LEU A 1 12  ? 6.303   -3.329  -9.827  1.00 21.59 ? 11  LEU A N   1 
ATOM   81   C CA  . LEU A 1 12  ? 5.198   -4.123  -10.397 1.00 21.84 ? 11  LEU A CA  1 
ATOM   82   C C   . LEU A 1 12  ? 5.499   -5.589  -10.671 1.00 22.83 ? 11  LEU A C   1 
ATOM   83   O O   . LEU A 1 12  ? 4.655   -6.455  -10.492 1.00 23.74 ? 11  LEU A O   1 
ATOM   84   C CB  . LEU A 1 12  ? 4.741   -3.521  -11.731 1.00 22.02 ? 11  LEU A CB  1 
ATOM   85   C CG  . LEU A 1 12  ? 3.813   -2.306  -11.681 1.00 23.37 ? 11  LEU A CG  1 
ATOM   86   C CD1 . LEU A 1 12  ? 3.699   -1.727  -13.087 1.00 24.57 ? 11  LEU A CD1 1 
ATOM   87   C CD2 . LEU A 1 12  ? 2.433   -2.711  -11.195 1.00 22.24 ? 11  LEU A CD2 1 
ATOM   88   N N   . ARG A 1 13  ? 6.680   -5.843  -11.199 1.00 22.55 ? 12  ARG A N   1 
ATOM   89   C CA  . ARG A 1 13  ? 7.110   -7.175  -11.556 1.00 21.39 ? 12  ARG A CA  1 
ATOM   90   C C   . ARG A 1 13  ? 7.418   -8.023  -10.295 1.00 20.65 ? 12  ARG A C   1 
ATOM   91   O O   . ARG A 1 13  ? 7.121   -9.214  -10.245 1.00 20.32 ? 12  ARG A O   1 
ATOM   92   C CB  . ARG A 1 13  ? 8.356   -7.028  -12.423 1.00 23.64 ? 12  ARG A CB  1 
ATOM   93   C CG  . ARG A 1 13  ? 8.779   -8.271  -13.190 1.00 25.72 ? 12  ARG A CG  1 
ATOM   94   C CD  . ARG A 1 13  ? 10.065  -8.022  -13.994 1.00 28.84 ? 12  ARG A CD  1 
ATOM   95   N NE  . ARG A 1 13  ? 11.190  -7.727  -13.067 1.00 32.22 ? 12  ARG A NE  1 
ATOM   96   C CZ  . ARG A 1 13  ? 11.836  -6.560  -12.964 1.00 31.43 ? 12  ARG A CZ  1 
ATOM   97   N NH1 . ARG A 1 13  ? 11.549  -5.525  -13.770 1.00 32.74 ? 12  ARG A NH1 1 
ATOM   98   N NH2 . ARG A 1 13  ? 12.779  -6.427  -12.053 1.00 29.15 ? 12  ARG A NH2 1 
ATOM   99   N N   . ARG A 1 14  ? 8.014   -7.428  -9.280  1.00 20.65 ? 13  ARG A N   1 
ATOM   100  C CA  . ARG A 1 14  ? 8.525   -8.209  -8.144  1.00 21.39 ? 13  ARG A CA  1 
ATOM   101  C C   . ARG A 1 14  ? 7.698   -8.062  -6.823  1.00 20.98 ? 13  ARG A C   1 
ATOM   102  O O   . ARG A 1 14  ? 7.753   -8.941  -5.933  1.00 19.11 ? 13  ARG A O   1 
ATOM   103  C CB  . ARG A 1 14  ? 9.945   -7.745  -7.852  1.00 23.51 ? 13  ARG A CB  1 
ATOM   104  C CG  . ARG A 1 14  ? 10.917  -7.808  -9.002  1.00 27.67 ? 13  ARG A CG  1 
ATOM   105  C CD  . ARG A 1 14  ? 11.573  -9.161  -9.143  1.00 29.48 ? 13  ARG A CD  1 
ATOM   106  N NE  . ARG A 1 14  ? 12.731  -9.334  -8.272  1.00 32.15 ? 13  ARG A NE  1 
ATOM   107  C CZ  . ARG A 1 14  ? 13.963  -8.833  -8.484  1.00 33.63 ? 13  ARG A CZ  1 
ATOM   108  N NH1 . ARG A 1 14  ? 14.257  -8.039  -9.519  1.00 36.50 ? 13  ARG A NH1 1 
ATOM   109  N NH2 . ARG A 1 14  ? 14.913  -9.101  -7.624  1.00 33.63 ? 13  ARG A NH2 1 
ATOM   110  N N   . ASN A 1 15  ? 7.035   -6.918  -6.631  1.00 19.24 ? 14  ASN A N   1 
ATOM   111  C CA  . ASN A 1 15  ? 6.447   -6.596  -5.299  1.00 18.33 ? 14  ASN A CA  1 
ATOM   112  C C   . ASN A 1 15  ? 4.954   -6.174  -5.213  1.00 18.63 ? 14  ASN A C   1 
ATOM   113  O O   . ASN A 1 15  ? 4.377   -6.150  -4.105  1.00 16.78 ? 14  ASN A O   1 
ATOM   114  C CB  . ASN A 1 15  ? 7.299   -5.554  -4.563  1.00 18.88 ? 14  ASN A CB  1 
ATOM   115  C CG  . ASN A 1 15  ? 8.709   -6.044  -4.261  1.00 20.37 ? 14  ASN A CG  1 
ATOM   116  O OD1 . ASN A 1 15  ? 9.624   -5.902  -5.091  1.00 21.22 ? 14  ASN A OD1 1 
ATOM   117  N ND2 . ASN A 1 15  ? 8.890   -6.656  -3.101  1.00 19.79 ? 14  ASN A ND2 1 
ATOM   118  N N   . VAL A 1 16  ? 4.340   -5.800  -6.329  1.00 16.11 ? 15  VAL A N   1 
ATOM   119  C CA  . VAL A 1 16  ? 3.022   -5.184  -6.280  1.00 16.13 ? 15  VAL A CA  1 
ATOM   120  C C   . VAL A 1 16  ? 2.094   -6.100  -7.014  1.00 17.04 ? 15  VAL A C   1 
ATOM   121  O O   . VAL A 1 16  ? 2.237   -6.272  -8.230  1.00 16.08 ? 15  VAL A O   1 
ATOM   122  C CB  . VAL A 1 16  ? 3.015   -3.748  -6.891  1.00 17.67 ? 15  VAL A CB  1 
ATOM   123  C CG1 . VAL A 1 16  ? 1.590   -3.152  -6.933  1.00 17.81 ? 15  VAL A CG1 1 
ATOM   124  C CG2 . VAL A 1 16  ? 3.949   -2.846  -6.129  1.00 16.94 ? 15  VAL A CG2 1 
ATOM   125  N N   . ARG A 1 17  ? 1.160   -6.700  -6.260  1.00 17.04 ? 16  ARG A N   1 
ATOM   126  C CA  . ARG A 1 17  ? 0.309   -7.755  -6.735  1.00 16.46 ? 16  ARG A CA  1 
ATOM   127  C C   . ARG A 1 17  ? -1.173  -7.422  -6.754  1.00 15.62 ? 16  ARG A C   1 
ATOM   128  O O   . ARG A 1 17  ? -1.705  -6.722  -5.870  1.00 13.87 ? 16  ARG A O   1 
ATOM   129  C CB  . ARG A 1 17  ? 0.466   -8.978  -5.840  1.00 18.17 ? 16  ARG A CB  1 
ATOM   130  C CG  . ARG A 1 17  ? 1.876   -9.442  -5.692  1.00 21.07 ? 16  ARG A CG  1 
ATOM   131  C CD  . ARG A 1 17  ? 2.342   -10.115 -6.942  1.00 25.19 ? 16  ARG A CD  1 
ATOM   132  N NE  . ARG A 1 17  ? 3.444   -10.961 -6.575  1.00 29.59 ? 16  ARG A NE  1 
ATOM   133  C CZ  . ARG A 1 17  ? 4.691   -10.848 -7.017  1.00 33.05 ? 16  ARG A CZ  1 
ATOM   134  N NH1 . ARG A 1 17  ? 5.041   -9.961  -7.955  1.00 32.22 ? 16  ARG A NH1 1 
ATOM   135  N NH2 . ARG A 1 17  ? 5.590   -11.705 -6.533  1.00 36.55 ? 16  ARG A NH2 1 
ATOM   136  N N   . GLN A 1 18  ? -1.835  -8.006  -7.759  1.00 15.38 ? 17  GLN A N   1 
ATOM   137  C CA  . GLN A 1 18  ? -3.285  -8.074  -7.860  1.00 16.61 ? 17  GLN A CA  1 
ATOM   138  C C   . GLN A 1 18  ? -3.914  -9.059  -6.856  1.00 17.24 ? 17  GLN A C   1 
ATOM   139  O O   . GLN A 1 18  ? -3.633  -10.273 -6.847  1.00 17.36 ? 17  GLN A O   1 
ATOM   140  C CB  . GLN A 1 18  ? -3.702  -8.431  -9.309  1.00 16.87 ? 17  GLN A CB  1 
ATOM   141  C CG  . GLN A 1 18  ? -2.985  -7.641  -10.419 1.00 17.11 ? 17  GLN A CG  1 
ATOM   142  C CD  . GLN A 1 18  ? -3.421  -8.076  -11.822 1.00 17.47 ? 17  GLN A CD  1 
ATOM   143  O OE1 . GLN A 1 18  ? -4.173  -8.992  -11.965 1.00 17.29 ? 17  GLN A OE1 1 
ATOM   144  N NE2 . GLN A 1 18  ? -2.947  -7.392  -12.824 1.00 18.76 ? 17  GLN A NE2 1 
ATOM   145  N N   . VAL A 1 19  ? -4.780  -8.524  -6.004  1.00 18.42 ? 18  VAL A N   1 
ATOM   146  C CA  . VAL A 1 19  ? -5.493  -9.344  -5.023  1.00 19.24 ? 18  VAL A CA  1 
ATOM   147  C C   . VAL A 1 19  ? -7.005  -9.018  -4.944  1.00 20.22 ? 18  VAL A C   1 
ATOM   148  O O   . VAL A 1 19  ? -7.470  -7.976  -5.374  1.00 21.09 ? 18  VAL A O   1 
ATOM   149  C CB  . VAL A 1 19  ? -4.829  -9.291  -3.623  1.00 18.00 ? 18  VAL A CB  1 
ATOM   150  C CG1 . VAL A 1 19  ? -3.295  -9.341  -3.725  1.00 18.29 ? 18  VAL A CG1 1 
ATOM   151  C CG2 . VAL A 1 19  ? -5.266  -8.063  -2.850  1.00 18.36 ? 18  VAL A CG2 1 
ATOM   152  N N   . GLN A 1 20  ? -7.738  -9.971  -4.386  1.00 22.21 ? 19  GLN A N   1 
ATOM   153  C CA  . GLN A 1 20  ? -9.153  -9.845  -4.130  1.00 23.02 ? 19  GLN A CA  1 
ATOM   154  C C   . GLN A 1 20  ? -9.401  -10.468 -2.781  1.00 21.75 ? 19  GLN A C   1 
ATOM   155  O O   . GLN A 1 20  ? -8.906  -11.550 -2.497  1.00 19.77 ? 19  GLN A O   1 
ATOM   156  C CB  . GLN A 1 20  ? -9.991  -10.618 -5.186  1.00 25.44 ? 19  GLN A CB  1 
ATOM   157  C CG  . GLN A 1 20  ? -9.995  -10.043 -6.599  1.00 25.97 ? 19  GLN A CG  1 
ATOM   158  C CD  . GLN A 1 20  ? -10.662 -10.995 -7.578  1.00 27.12 ? 19  GLN A CD  1 
ATOM   159  O OE1 . GLN A 1 20  ? -11.813 -11.349 -7.379  1.00 23.18 ? 19  GLN A OE1 1 
ATOM   160  N NE2 . GLN A 1 20  ? -9.905  -11.455 -8.623  1.00 27.20 ? 19  GLN A NE2 1 
ATOM   161  N N   . THR A 1 21  ? -10.178 -9.774  -1.964  1.00 22.64 ? 20  THR A N   1 
ATOM   162  C CA  . THR A 1 21  ? -10.762 -10.341 -0.769  1.00 23.39 ? 20  THR A CA  1 
ATOM   163  C C   . THR A 1 21  ? -12.252 -10.367 -0.993  1.00 25.54 ? 20  THR A C   1 
ATOM   164  O O   . THR A 1 21  ? -12.733 -9.934  -2.042  1.00 23.00 ? 20  THR A O   1 
ATOM   165  C CB  . THR A 1 21  ? -10.478 -9.466  0.442   1.00 20.66 ? 20  THR A CB  1 
ATOM   166  O OG1 . THR A 1 21  ? -11.070 -8.168  0.247   1.00 18.92 ? 20  THR A OG1 1 
ATOM   167  C CG2 . THR A 1 21  ? -8.972  -9.324  0.606   1.00 19.51 ? 20  THR A CG2 1 
ATOM   168  N N   . ASP A 1 22  ? -12.983 -10.787 0.033   1.00 28.62 ? 21  ASP A N   1 
ATOM   169  C CA  . ASP A 1 22  ? -14.450 -10.648 0.045   1.00 28.15 ? 21  ASP A CA  1 
ATOM   170  C C   . ASP A 1 22  ? -14.925 -9.223  -0.004  1.00 26.61 ? 21  ASP A C   1 
ATOM   171  O O   . ASP A 1 22  ? -16.096 -9.022  -0.277  1.00 27.72 ? 21  ASP A O   1 
ATOM   172  C CB  . ASP A 1 22  ? -15.072 -11.327 1.283   1.00 27.33 ? 21  ASP A CB  1 
ATOM   173  C CG  . ASP A 1 22  ? -14.670 -12.761 1.387   1.00 28.69 ? 21  ASP A CG  1 
ATOM   174  O OD1 . ASP A 1 22  ? -14.218 -13.290 0.363   1.00 33.20 ? 21  ASP A OD1 1 
ATOM   175  O OD2 . ASP A 1 22  ? -14.718 -13.364 2.469   1.00 27.69 ? 21  ASP A OD2 1 
ATOM   176  N N   . GLN A 1 23  ? -14.045 -8.246  0.264   1.00 25.90 ? 22  GLN A N   1 
ATOM   177  C CA  . GLN A 1 23  ? -14.398 -6.799  0.140   1.00 23.95 ? 22  GLN A CA  1 
ATOM   178  C C   . GLN A 1 23  ? -14.149 -6.205  -1.257  1.00 24.23 ? 22  GLN A C   1 
ATOM   179  O O   . GLN A 1 23  ? -14.435 -5.046  -1.479  1.00 24.64 ? 22  GLN A O   1 
ATOM   180  C CB  . GLN A 1 23  ? -13.626 -5.952  1.167   1.00 24.08 ? 22  GLN A CB  1 
ATOM   181  C CG  . GLN A 1 23  ? -13.989 -6.253  2.613   1.00 24.36 ? 22  GLN A CG  1 
ATOM   182  C CD  . GLN A 1 23  ? -15.490 -6.225  2.831   1.00 27.77 ? 22  GLN A CD  1 
ATOM   183  O OE1 . GLN A 1 23  ? -16.090 -7.225  3.272   1.00 29.28 ? 22  GLN A OE1 1 
ATOM   184  N NE2 . GLN A 1 23  ? -16.121 -5.088  2.495   1.00 26.86 ? 22  GLN A NE2 1 
ATOM   185  N N   . GLY A 1 24  ? -13.541 -6.973  -2.163  1.00 24.93 ? 23  GLY A N   1 
ATOM   186  C CA  . GLY A 1 24  ? -13.278 -6.543  -3.540  1.00 24.92 ? 23  GLY A CA  1 
ATOM   187  C C   . GLY A 1 24  ? -11.808 -6.591  -3.983  1.00 22.30 ? 23  GLY A C   1 
ATOM   188  O O   . GLY A 1 24  ? -10.996 -7.336  -3.449  1.00 22.66 ? 23  GLY A O   1 
ATOM   189  N N   . HIS A 1 25  ? -11.481 -5.747  -4.947  1.00 21.45 ? 24  HIS A N   1 
ATOM   190  C CA  . HIS A 1 25  ? -10.160 -5.679  -5.556  1.00 21.36 ? 24  HIS A CA  1 
ATOM   191  C C   . HIS A 1 25  ? -9.217  -4.684  -4.873  1.00 19.92 ? 24  HIS A C   1 
ATOM   192  O O   . HIS A 1 25  ? -9.584  -3.545  -4.578  1.00 21.69 ? 24  HIS A O   1 
ATOM   193  C CB  . HIS A 1 25  ? -10.306 -5.321  -7.037  1.00 21.90 ? 24  HIS A CB  1 
ATOM   194  C CG  . HIS A 1 25  ? -10.856 -6.435  -7.860  1.00 23.93 ? 24  HIS A CG  1 
ATOM   195  N ND1 . HIS A 1 25  ? -12.208 -6.665  -8.015  1.00 27.03 ? 24  HIS A ND1 1 
ATOM   196  C CD2 . HIS A 1 25  ? -10.229 -7.415  -8.543  1.00 24.09 ? 24  HIS A CD2 1 
ATOM   197  C CE1 . HIS A 1 25  ? -12.383 -7.735  -8.769  1.00 26.13 ? 24  HIS A CE1 1 
ATOM   198  N NE2 . HIS A 1 25  ? -11.196 -8.199  -9.114  1.00 25.46 ? 24  HIS A NE2 1 
ATOM   199  N N   . PHE A 1 26  ? -7.987  -5.124  -4.638  1.00 18.46 ? 25  PHE A N   1 
ATOM   200  C CA  . PHE A 1 26  ? -6.955  -4.316  -3.933  1.00 17.58 ? 25  PHE A CA  1 
ATOM   201  C C   . PHE A 1 26  ? -5.593  -4.586  -4.566  1.00 17.75 ? 25  PHE A C   1 
ATOM   202  O O   . PHE A 1 26  ? -5.383  -5.590  -5.236  1.00 18.13 ? 25  PHE A O   1 
ATOM   203  C CB  . PHE A 1 26  ? -6.905  -4.649  -2.412  1.00 17.68 ? 25  PHE A CB  1 
ATOM   204  C CG  . PHE A 1 26  ? -8.158  -4.282  -1.702  1.00 17.08 ? 25  PHE A CG  1 
ATOM   205  C CD1 . PHE A 1 26  ? -8.369  -2.952  -1.234  1.00 17.85 ? 25  PHE A CD1 1 
ATOM   206  C CD2 . PHE A 1 26  ? -9.177  -5.174  -1.618  1.00 17.14 ? 25  PHE A CD2 1 
ATOM   207  C CE1 . PHE A 1 26  ? -9.576  -2.595  -0.678  1.00 18.58 ? 25  PHE A CE1 1 
ATOM   208  C CE2 . PHE A 1 26  ? -10.384 -4.826  -1.024  1.00 19.14 ? 25  PHE A CE2 1 
ATOM   209  C CZ  . PHE A 1 26  ? -10.599 -3.532  -0.553  1.00 18.66 ? 25  PHE A CZ  1 
ATOM   210  N N   . THR A 1 27  ? -4.689  -3.659  -4.351  1.00 17.97 ? 26  THR A N   1 
ATOM   211  C CA  . THR A 1 27  ? -3.295  -3.760  -4.702  1.00 16.79 ? 26  THR A CA  1 
ATOM   212  C C   . THR A 1 27  ? -2.537  -4.184  -3.431  1.00 16.35 ? 26  THR A C   1 
ATOM   213  O O   . THR A 1 27  ? -2.739  -3.583  -2.400  1.00 15.68 ? 26  THR A O   1 
ATOM   214  C CB  . THR A 1 27  ? -2.766  -2.376  -5.173  1.00 17.58 ? 26  THR A CB  1 
ATOM   215  O OG1 . THR A 1 27  ? -3.401  -1.911  -6.409  1.00 15.95 ? 26  THR A OG1 1 
ATOM   216  C CG2 . THR A 1 27  ? -1.273  -2.456  -5.401  1.00 17.14 ? 26  THR A CG2 1 
ATOM   217  N N   . MET A 1 28  ? -1.726  -5.252  -3.479  1.00 14.82 ? 27  MET A N   1 
ATOM   218  C CA  . MET A 1 28  ? -0.996  -5.718  -2.312  1.00 16.18 ? 27  MET A CA  1 
ATOM   219  C C   . MET A 1 28  ? 0.503   -5.385  -2.510  1.00 16.53 ? 27  MET A C   1 
ATOM   220  O O   . MET A 1 28  ? 1.057   -5.534  -3.633  1.00 17.20 ? 27  MET A O   1 
ATOM   221  C CB  . MET A 1 28  ? -1.190  -7.231  -2.107  1.00 16.20 ? 27  MET A CB  1 
ATOM   222  C CG  . MET A 1 28  ? -0.711  -7.768  -0.770  1.00 15.99 ? 27  MET A CG  1 
ATOM   223  S SD  . MET A 1 28  ? -0.557  -9.573  -0.717  1.00 15.93 ? 27  MET A SD  1 
ATOM   224  C CE  . MET A 1 28  ? 0.440   -9.916  -2.171  1.00 16.83 ? 27  MET A CE  1 
ATOM   225  N N   . LEU A 1 29  ? 1.146   -4.918  -1.449  1.00 15.96 ? 28  LEU A N   1 
ATOM   226  C CA  . LEU A 1 29  ? 2.586   -4.738  -1.457  1.00 16.15 ? 28  LEU A CA  1 
ATOM   227  C C   . LEU A 1 29  ? 3.279   -5.875  -0.650  1.00 17.26 ? 28  LEU A C   1 
ATOM   228  O O   . LEU A 1 29  ? 3.094   -6.001  0.576   1.00 15.58 ? 28  LEU A O   1 
ATOM   229  C CB  . LEU A 1 29  ? 2.959   -3.402  -0.908  1.00 16.41 ? 28  LEU A CB  1 
ATOM   230  C CG  . LEU A 1 29  ? 4.477   -3.107  -0.922  1.00 15.89 ? 28  LEU A CG  1 
ATOM   231  C CD1 . LEU A 1 29  ? 5.043   -2.890  -2.293  1.00 15.31 ? 28  LEU A CD1 1 
ATOM   232  C CD2 . LEU A 1 29  ? 4.708   -1.866  -0.056  1.00 16.11 ? 28  LEU A CD2 1 
ATOM   233  N N   . GLY A 1 30  ? 4.012   -6.712  -1.370  1.00 17.11 ? 29  GLY A N   1 
ATOM   234  C CA  . GLY A 1 30  ? 4.943   -7.676  -0.762  1.00 19.90 ? 29  GLY A CA  1 
ATOM   235  C C   . GLY A 1 30  ? 6.254   -6.957  -0.430  1.00 21.19 ? 29  GLY A C   1 
ATOM   236  O O   . GLY A 1 30  ? 6.852   -6.329  -1.301  1.00 22.50 ? 29  GLY A O   1 
ATOM   237  N N   . VAL A 1 31  ? 6.679   -7.036  0.831   1.00 20.79 ? 30  VAL A N   1 
ATOM   238  C CA  . VAL A 1 31  ? 7.803   -6.260  1.367   1.00 21.66 ? 30  VAL A CA  1 
ATOM   239  C C   . VAL A 1 31  ? 9.093   -7.078  1.520   1.00 20.37 ? 30  VAL A C   1 
ATOM   240  O O   . VAL A 1 31  ? 10.168  -6.646  1.120   1.00 22.27 ? 30  VAL A O   1 
ATOM   241  C CB  . VAL A 1 31  ? 7.382   -5.607  2.709   1.00 22.97 ? 30  VAL A CB  1 
ATOM   242  C CG1 . VAL A 1 31  ? 8.549   -4.889  3.382   1.00 24.85 ? 30  VAL A CG1 1 
ATOM   243  C CG2 . VAL A 1 31  ? 6.248   -4.632  2.440   1.00 23.09 ? 30  VAL A CG2 1 
ATOM   244  N N   . ARG A 1 32  ? 8.991   -8.280  2.058   1.00 19.71 ? 31  ARG A N   1 
ATOM   245  C CA  . ARG A 1 32  ? 10.153  -9.141  2.221   1.00 18.77 ? 31  ARG A CA  1 
ATOM   246  C C   . ARG A 1 32  ? 9.626   -10.497 2.640   1.00 18.90 ? 31  ARG A C   1 
ATOM   247  O O   . ARG A 1 32  ? 8.480   -10.592 3.146   1.00 18.91 ? 31  ARG A O   1 
ATOM   248  C CB  . ARG A 1 32  ? 11.102  -8.606  3.304   1.00 19.64 ? 31  ARG A CB  1 
ATOM   249  C CG  . ARG A 1 32  ? 10.550  -8.623  4.740   1.00 18.93 ? 31  ARG A CG  1 
ATOM   250  C CD  . ARG A 1 32  ? 11.643  -8.410  5.794   1.00 21.47 ? 31  ARG A CD  1 
ATOM   251  N NE  . ARG A 1 32  ? 11.053  -8.253  7.130   1.00 21.05 ? 31  ARG A NE  1 
ATOM   252  C CZ  . ARG A 1 32  ? 10.458  -9.227  7.832   1.00 23.17 ? 31  ARG A CZ  1 
ATOM   253  N NH1 . ARG A 1 32  ? 10.393  -10.454 7.367   1.00 23.84 ? 31  ARG A NH1 1 
ATOM   254  N NH2 . ARG A 1 32  ? 9.935   -8.978  9.025   1.00 22.66 ? 31  ARG A NH2 1 
ATOM   255  N N   . ASP A 1 33  ? 10.446  -11.536 2.453   1.00 18.97 ? 32  ASP A N   1 
ATOM   256  C CA  . ASP A 1 33  ? 10.116  -12.905 2.939   1.00 19.58 ? 32  ASP A CA  1 
ATOM   257  C C   . ASP A 1 33  ? 8.681   -13.262 2.581   1.00 18.00 ? 32  ASP A C   1 
ATOM   258  O O   . ASP A 1 33  ? 8.370   -13.264 1.440   1.00 15.99 ? 32  ASP A O   1 
ATOM   259  C CB  . ASP A 1 33  ? 10.406  -13.037 4.440   1.00 21.37 ? 32  ASP A CB  1 
ATOM   260  C CG  . ASP A 1 33  ? 11.837  -12.715 4.747   1.00 23.54 ? 32  ASP A CG  1 
ATOM   261  O OD1 . ASP A 1 33  ? 12.737  -13.439 4.217   1.00 23.68 ? 32  ASP A OD1 1 
ATOM   262  O OD2 . ASP A 1 33  ? 12.059  -11.693 5.423   1.00 24.91 ? 32  ASP A OD2 1 
ATOM   263  N N   . ARG A 1 34  ? 7.801   -13.529 3.548   1.00 18.09 ? 33  ARG A N   1 
ATOM   264  C CA  . ARG A 1 34  ? 6.426   -13.848 3.233   1.00 19.25 ? 33  ARG A CA  1 
ATOM   265  C C   . ARG A 1 34  ? 5.468   -12.751 3.738   1.00 16.72 ? 33  ARG A C   1 
ATOM   266  O O   . ARG A 1 34  ? 4.326   -13.003 4.024   1.00 16.56 ? 33  ARG A O   1 
ATOM   267  C CB  . ARG A 1 34  ? 6.061   -15.193 3.875   1.00 22.71 ? 33  ARG A CB  1 
ATOM   268  C CG  . ARG A 1 34  ? 6.519   -16.367 3.064   1.00 29.49 ? 33  ARG A CG  1 
ATOM   269  C CD  . ARG A 1 34  ? 7.750   -17.042 3.607   1.00 35.70 ? 33  ARG A CD  1 
ATOM   270  N NE  . ARG A 1 34  ? 8.165   -18.079 2.652   1.00 44.75 ? 33  ARG A NE  1 
ATOM   271  C CZ  . ARG A 1 34  ? 9.314   -18.731 2.690   1.00 44.48 ? 33  ARG A CZ  1 
ATOM   272  N NH1 . ARG A 1 34  ? 10.203  -18.488 3.649   1.00 47.24 ? 33  ARG A NH1 1 
ATOM   273  N NH2 . ARG A 1 34  ? 9.572   -19.629 1.753   1.00 47.01 ? 33  ARG A NH2 1 
ATOM   274  N N   . LEU A 1 35  ? 5.983   -11.556 3.871   1.00 15.36 ? 34  LEU A N   1 
ATOM   275  C CA  . LEU A 1 35  ? 5.338   -10.516 4.578   1.00 14.26 ? 34  LEU A CA  1 
ATOM   276  C C   . LEU A 1 35  ? 4.875   -9.561  3.529   1.00 12.78 ? 34  LEU A C   1 
ATOM   277  O O   . LEU A 1 35  ? 5.673   -9.011  2.784   1.00 12.47 ? 34  LEU A O   1 
ATOM   278  C CB  . LEU A 1 35  ? 6.320   -9.804  5.525   1.00 14.67 ? 34  LEU A CB  1 
ATOM   279  C CG  . LEU A 1 35  ? 5.681   -8.641  6.349   1.00 15.63 ? 34  LEU A CG  1 
ATOM   280  C CD1 . LEU A 1 35  ? 4.607   -9.191  7.246   1.00 14.59 ? 34  LEU A CD1 1 
ATOM   281  C CD2 . LEU A 1 35  ? 6.751   -7.941  7.194   1.00 17.13 ? 34  LEU A CD2 1 
ATOM   282  N N   . ALA A 1 36  ? 3.572   -9.341  3.497   1.00 12.99 ? 35  ALA A N   1 
ATOM   283  C CA  . ALA A 1 36  ? 2.960   -8.259  2.713   1.00 12.03 ? 35  ALA A CA  1 
ATOM   284  C C   . ALA A 1 36  ? 2.060   -7.341  3.542   1.00 12.59 ? 35  ALA A C   1 
ATOM   285  O O   . ALA A 1 36  ? 1.763   -7.588  4.721   1.00 13.74 ? 35  ALA A O   1 
ATOM   286  C CB  . ALA A 1 36  ? 2.173   -8.851  1.557   1.00 12.83 ? 35  ALA A CB  1 
ATOM   287  N N   . VAL A 1 37  ? 1.696   -6.233  2.933   1.00 13.12 ? 36  VAL A N   1 
ATOM   288  C CA  . VAL A 1 37  ? 0.822   -5.271  3.524   1.00 14.60 ? 36  VAL A CA  1 
ATOM   289  C C   . VAL A 1 37  ? -0.343  -4.937  2.568   1.00 15.74 ? 36  VAL A C   1 
ATOM   290  O O   . VAL A 1 37  ? -0.187  -4.842  1.318   1.00 14.15 ? 36  VAL A O   1 
ATOM   291  C CB  . VAL A 1 37  ? 1.593   -4.002  3.958   1.00 15.48 ? 36  VAL A CB  1 
ATOM   292  C CG1 . VAL A 1 37  ? 2.108   -3.233  2.771   1.00 16.22 ? 36  VAL A CG1 1 
ATOM   293  C CG2 . VAL A 1 37  ? 0.763   -3.097  4.910   1.00 17.21 ? 36  VAL A CG2 1 
ATOM   294  N N   . LEU A 1 38  ? -1.513  -4.792  3.209   1.00 17.38 ? 37  LEU A N   1 
ATOM   295  C CA  . LEU A 1 38  ? -2.757  -4.375  2.584   1.00 18.83 ? 37  LEU A CA  1 
ATOM   296  C C   . LEU A 1 38  ? -3.407  -3.279  3.442   1.00 19.03 ? 37  LEU A C   1 
ATOM   297  O O   . LEU A 1 38  ? -3.083  -3.169  4.645   1.00 17.74 ? 37  LEU A O   1 
ATOM   298  C CB  . LEU A 1 38  ? -3.737  -5.556  2.556   1.00 19.75 ? 37  LEU A CB  1 
ATOM   299  C CG  . LEU A 1 38  ? -3.570  -6.685  1.549   1.00 21.16 ? 37  LEU A CG  1 
ATOM   300  C CD1 . LEU A 1 38  ? -4.520  -7.803  1.965   1.00 22.60 ? 37  LEU A CD1 1 
ATOM   301  C CD2 . LEU A 1 38  ? -3.846  -6.264  0.130   1.00 21.06 ? 37  LEU A CD2 1 
ATOM   302  N N   . PRO A 1 39  ? -4.378  -2.541  2.861   1.00 19.26 ? 38  PRO A N   1 
ATOM   303  C CA  . PRO A 1 39  ? -5.237  -1.631  3.646   1.00 19.77 ? 38  PRO A CA  1 
ATOM   304  C C   . PRO A 1 39  ? -6.112  -2.424  4.550   1.00 19.93 ? 38  PRO A C   1 
ATOM   305  O O   . PRO A 1 39  ? -6.621  -3.489  4.140   1.00 20.82 ? 38  PRO A O   1 
ATOM   306  C CB  . PRO A 1 39  ? -6.084  -0.891  2.594   1.00 19.56 ? 38  PRO A CB  1 
ATOM   307  C CG  . PRO A 1 39  ? -5.495  -1.220  1.297   1.00 20.47 ? 38  PRO A CG  1 
ATOM   308  C CD  . PRO A 1 39  ? -4.732  -2.519  1.432   1.00 19.17 ? 38  PRO A CD  1 
ATOM   309  N N   . ARG A 1 40  ? -6.259  -1.975  5.793   1.00 18.42 ? 39  ARG A N   1 
ATOM   310  C CA  . ARG A 1 40  ? -7.023  -2.734  6.752   1.00 18.76 ? 39  ARG A CA  1 
ATOM   311  C C   . ARG A 1 40  ? -8.462  -2.992  6.263   1.00 17.65 ? 39  ARG A C   1 
ATOM   312  O O   . ARG A 1 40  ? -8.983  -4.100  6.492   1.00 18.95 ? 39  ARG A O   1 
ATOM   313  C CB  . ARG A 1 40  ? -7.054  -2.054  8.114   1.00 19.72 ? 39  ARG A CB  1 
ATOM   314  C CG  . ARG A 1 40  ? -7.737  -2.863  9.188   1.00 22.35 ? 39  ARG A CG  1 
ATOM   315  C CD  . ARG A 1 40  ? -8.212  -1.956  10.317  1.00 24.64 ? 39  ARG A CD  1 
ATOM   316  N NE  . ARG A 1 40  ? -8.940  -0.829  9.773   1.00 25.55 ? 39  ARG A NE  1 
ATOM   317  C CZ  . ARG A 1 40  ? -10.166 -0.889  9.290   1.00 27.45 ? 39  ARG A CZ  1 
ATOM   318  N NH1 . ARG A 1 40  ? -10.849 -2.025  9.309   1.00 31.21 ? 39  ARG A NH1 1 
ATOM   319  N NH2 . ARG A 1 40  ? -10.713 0.194   8.773   1.00 29.36 ? 39  ARG A NH2 1 
ATOM   320  N N   . HIS A 1 41  ? -9.092  -2.021  5.598   0.50 16.35 ? 40  HIS A N   1 
ATOM   321  C CA  . HIS A 1 41  ? -10.471 -2.204  5.164   0.50 15.36 ? 40  HIS A CA  1 
ATOM   322  C C   . HIS A 1 41  ? -10.677 -3.353  4.179   0.50 15.43 ? 40  HIS A C   1 
ATOM   323  O O   . HIS A 1 41  ? -11.798 -3.844  4.031   0.50 13.30 ? 40  HIS A O   1 
ATOM   324  C CB  . HIS A 1 41  ? -11.083 -0.910  4.617   0.50 15.10 ? 40  HIS A CB  1 
ATOM   325  C CG  . HIS A 1 41  ? -10.323 -0.289  3.503   0.50 15.15 ? 40  HIS A CG  1 
ATOM   326  N ND1 . HIS A 1 41  ? -9.359  0.682   3.705   0.50 15.74 ? 40  HIS A ND1 1 
ATOM   327  C CD2 . HIS A 1 41  ? -10.413 -0.458  2.161   0.50 14.91 ? 40  HIS A CD2 1 
ATOM   328  C CE1 . HIS A 1 41  ? -8.868  1.065   2.539   0.50 15.34 ? 40  HIS A CE1 1 
ATOM   329  N NE2 . HIS A 1 41  ? -9.486  0.381   1.588   0.50 15.87 ? 40  HIS A NE2 1 
ATOM   330  N N   . SER A 1 42  ? -9.613  -3.824  3.525   1.00 17.04 ? 41  SER A N   1 
ATOM   331  C CA  . SER A 1 42  ? -9.737  -5.041  2.697   1.00 17.43 ? 41  SER A CA  1 
ATOM   332  C C   . SER A 1 42  ? -10.123 -6.301  3.478   1.00 19.35 ? 41  SER A C   1 
ATOM   333  O O   . SER A 1 42  ? -10.550 -7.297  2.878   1.00 20.79 ? 41  SER A O   1 
ATOM   334  C CB  . SER A 1 42  ? -8.437  -5.305  1.905   1.00 18.45 ? 41  SER A CB  1 
ATOM   335  O OG  . SER A 1 42  ? -7.454  -5.868  2.769   1.00 16.93 ? 41  SER A OG  1 
ATOM   336  N N   . GLN A 1 43  ? -9.933  -6.302  4.799   1.00 21.26 ? 42  GLN A N   1 
ATOM   337  C CA  . GLN A 1 43  ? -10.319 -7.432  5.646   1.00 21.84 ? 42  GLN A CA  1 
ATOM   338  C C   . GLN A 1 43  ? -9.971  -8.818  5.061   1.00 21.29 ? 42  GLN A C   1 
ATOM   339  O O   . GLN A 1 43  ? -10.873 -9.646  4.859   1.00 19.87 ? 42  GLN A O   1 
ATOM   340  C CB  . GLN A 1 43  ? -11.825 -7.379  5.933   1.00 24.40 ? 42  GLN A CB  1 
ATOM   341  C CG  . GLN A 1 43  ? -12.367 -5.971  6.088   1.00 26.77 ? 42  GLN A CG  1 
ATOM   342  C CD  . GLN A 1 43  ? -12.222 -5.382  7.490   1.00 35.53 ? 42  GLN A CD  1 
ATOM   343  O OE1 . GLN A 1 43  ? -11.352 -5.788  8.302   1.00 37.19 ? 42  GLN A OE1 1 
ATOM   344  N NE2 . GLN A 1 43  ? -13.072 -4.371  7.785   1.00 42.36 ? 42  GLN A NE2 1 
ATOM   345  N N   . PRO A 1 44  ? -8.678  -9.084  4.825   1.00 21.18 ? 43  PRO A N   1 
ATOM   346  C CA  . PRO A 1 44  ? -8.274  -10.422 4.396   1.00 22.99 ? 43  PRO A CA  1 
ATOM   347  C C   . PRO A 1 44  ? -8.759  -11.495 5.377   1.00 25.92 ? 43  PRO A C   1 
ATOM   348  O O   . PRO A 1 44  ? -8.652  -11.346 6.584   1.00 23.09 ? 43  PRO A O   1 
ATOM   349  C CB  . PRO A 1 44  ? -6.748  -10.353 4.406   1.00 22.01 ? 43  PRO A CB  1 
ATOM   350  C CG  . PRO A 1 44  ? -6.393  -9.193  5.256   1.00 22.09 ? 43  PRO A CG  1 
ATOM   351  C CD  . PRO A 1 44  ? -7.516  -8.213  5.092   1.00 21.68 ? 43  PRO A CD  1 
ATOM   352  N N   . GLY A 1 45  ? -9.302  -12.575 4.849   1.00 29.59 ? 44  GLY A N   1 
ATOM   353  C CA  . GLY A 1 45  ? -9.800  -13.661 5.696   1.00 31.52 ? 44  GLY A CA  1 
ATOM   354  C C   . GLY A 1 45  ? -8.702  -14.668 5.863   1.00 28.83 ? 44  GLY A C   1 
ATOM   355  O O   . GLY A 1 45  ? -7.552  -14.263 5.977   1.00 34.00 ? 44  GLY A O   1 
ATOM   356  N N   . LYS A 1 46  ? -9.053  -15.965 5.871   1.00 26.73 ? 45  LYS A N   1 
ATOM   357  C CA  . LYS A 1 46  ? -8.082  -17.047 6.064   1.00 26.31 ? 45  LYS A CA  1 
ATOM   358  C C   . LYS A 1 46  ? -7.276  -17.367 4.794   1.00 23.78 ? 45  LYS A C   1 
ATOM   359  O O   . LYS A 1 46  ? -6.214  -18.035 4.853   1.00 20.97 ? 45  LYS A O   1 
ATOM   360  C CB  . LYS A 1 46  ? -8.783  -18.310 6.550   1.00 29.66 ? 45  LYS A CB  1 
ATOM   361  C CG  . LYS A 1 46  ? -9.503  -18.189 7.883   1.00 30.44 ? 45  LYS A CG  1 
ATOM   362  C CD  . LYS A 1 46  ? -8.625  -17.573 8.952   1.00 31.89 ? 45  LYS A CD  1 
ATOM   363  C CE  . LYS A 1 46  ? -9.373  -17.460 10.274  1.00 33.89 ? 45  LYS A CE  1 
ATOM   364  N NZ  . LYS A 1 46  ? -8.855  -16.315 11.078  1.00 35.07 ? 45  LYS A NZ  1 
ATOM   365  N N   . THR A 1 47  ? -7.819  -16.935 3.649   1.00 21.73 ? 46  THR A N   1 
ATOM   366  C CA  . THR A 1 47  ? -7.163  -17.086 2.341   1.00 21.35 ? 46  THR A CA  1 
ATOM   367  C C   . THR A 1 47  ? -7.370  -15.782 1.589   1.00 18.64 ? 46  THR A C   1 
ATOM   368  O O   . THR A 1 47  ? -8.269  -15.068 1.882   1.00 18.36 ? 46  THR A O   1 
ATOM   369  C CB  . THR A 1 47  ? -7.820  -18.177 1.452   1.00 20.93 ? 46  THR A CB  1 
ATOM   370  O OG1 . THR A 1 47  ? -9.158  -17.773 1.150   1.00 18.05 ? 46  THR A OG1 1 
ATOM   371  C CG2 . THR A 1 47  ? -7.783  -19.571 2.127   1.00 22.55 ? 46  THR A CG2 1 
ATOM   372  N N   . ILE A 1 48  ? -6.533  -15.512 0.618   1.00 18.89 ? 47  ILE A N   1 
ATOM   373  C CA  . ILE A 1 48  ? -6.686  -14.346 -0.251  1.00 19.21 ? 47  ILE A CA  1 
ATOM   374  C C   . ILE A 1 48  ? -6.323  -14.787 -1.653  1.00 18.17 ? 47  ILE A C   1 
ATOM   375  O O   . ILE A 1 48  ? -5.473  -15.645 -1.844  1.00 19.89 ? 47  ILE A O   1 
ATOM   376  C CB  . ILE A 1 48  ? -5.769  -13.181 0.230   1.00 18.42 ? 47  ILE A CB  1 
ATOM   377  C CG1 . ILE A 1 48  ? -5.929  -11.916 -0.607  1.00 18.10 ? 47  ILE A CG1 1 
ATOM   378  C CG2 . ILE A 1 48  ? -4.324  -13.642 0.279   1.00 19.61 ? 47  ILE A CG2 1 
ATOM   379  C CD1 . ILE A 1 48  ? -5.239  -10.695 -0.006  1.00 19.16 ? 47  ILE A CD1 1 
ATOM   380  N N   . TRP A 1 49  ? -6.970  -14.208 -2.639  1.00 18.15 ? 48  TRP A N   1 
ATOM   381  C CA  . TRP A 1 49  ? -6.677  -14.526 -4.025  1.00 19.00 ? 48  TRP A CA  1 
ATOM   382  C C   . TRP A 1 49  ? -5.511  -13.649 -4.494  1.00 18.21 ? 48  TRP A C   1 
ATOM   383  O O   . TRP A 1 49  ? -5.646  -12.468 -4.563  1.00 18.79 ? 48  TRP A O   1 
ATOM   384  C CB  . TRP A 1 49  ? -7.917  -14.300 -4.887  1.00 19.70 ? 48  TRP A CB  1 
ATOM   385  C CG  . TRP A 1 49  ? -7.702  -14.639 -6.360  1.00 20.24 ? 48  TRP A CG  1 
ATOM   386  C CD1 . TRP A 1 49  ? -7.487  -13.758 -7.364  1.00 19.92 ? 48  TRP A CD1 1 
ATOM   387  C CD2 . TRP A 1 49  ? -7.627  -15.948 -6.947  1.00 20.86 ? 48  TRP A CD2 1 
ATOM   388  N NE1 . TRP A 1 49  ? -7.317  -14.426 -8.554  1.00 21.10 ? 48  TRP A NE1 1 
ATOM   389  C CE2 . TRP A 1 49  ? -7.371  -15.771 -8.329  1.00 21.42 ? 48  TRP A CE2 1 
ATOM   390  C CE3 . TRP A 1 49  ? -7.778  -17.243 -6.456  1.00 20.32 ? 48  TRP A CE3 1 
ATOM   391  C CZ2 . TRP A 1 49  ? -7.265  -16.853 -9.230  1.00 20.39 ? 48  TRP A CZ2 1 
ATOM   392  C CZ3 . TRP A 1 49  ? -7.648  -18.325 -7.359  1.00 20.60 ? 48  TRP A CZ3 1 
ATOM   393  C CH2 . TRP A 1 49  ? -7.405  -18.106 -8.721  1.00 20.37 ? 48  TRP A CH2 1 
ATOM   394  N N   . ILE A 1 50  ? -4.379  -14.225 -4.832  1.00 17.87 ? 49  ILE A N   1 
ATOM   395  C CA  . ILE A 1 50  ? -3.246  -13.433 -5.307  1.00 16.90 ? 49  ILE A CA  1 
ATOM   396  C C   . ILE A 1 50  ? -2.980  -13.852 -6.752  1.00 19.46 ? 49  ILE A C   1 
ATOM   397  O O   . ILE A 1 50  ? -2.657  -15.026 -7.036  1.00 16.77 ? 49  ILE A O   1 
ATOM   398  C CB  . ILE A 1 50  ? -2.000  -13.594 -4.417  1.00 15.38 ? 49  ILE A CB  1 
ATOM   399  C CG1 . ILE A 1 50  ? -2.351  -13.367 -2.947  1.00 14.64 ? 49  ILE A CG1 1 
ATOM   400  C CG2 . ILE A 1 50  ? -0.899  -12.611 -4.781  1.00 14.57 ? 49  ILE A CG2 1 
ATOM   401  C CD1 . ILE A 1 50  ? -1.151  -13.466 -2.047  1.00 14.05 ? 49  ILE A CD1 1 
ATOM   402  N N   . GLU A 1 51  ? -3.206  -12.869 -7.639  1.00 22.20 ? 50  GLU A N   1 
ATOM   403  C CA  . GLU A 1 51  ? -3.077  -12.994 -9.093  1.00 24.30 ? 50  GLU A CA  1 
ATOM   404  C C   . GLU A 1 51  ? -3.813  -14.132 -9.757  1.00 26.01 ? 50  GLU A C   1 
ATOM   405  O O   . GLU A 1 51  ? -4.767  -13.894 -10.490 1.00 24.79 ? 50  GLU A O   1 
ATOM   406  C CB  . GLU A 1 51  ? -1.609  -12.964 -9.524  1.00 25.80 ? 50  GLU A CB  1 
ATOM   407  C CG  . GLU A 1 51  ? -1.309  -11.658 -10.250 1.00 30.78 ? 50  GLU A CG  1 
ATOM   408  C CD  . GLU A 1 51  ? -0.153  -10.928 -9.661  1.00 31.62 ? 50  GLU A CD  1 
ATOM   409  O OE1 . GLU A 1 51  ? 0.801   -11.628 -9.251  1.00 36.74 ? 50  GLU A OE1 1 
ATOM   410  O OE2 . GLU A 1 51  ? -0.204  -9.681  -9.603  1.00 28.05 ? 50  GLU A OE2 1 
ATOM   411  N N   . HIS A 1 52  ? -3.320  -15.352 -9.584  1.00 27.30 ? 51  HIS A N   1 
ATOM   412  C CA  . HIS A 1 52  ? -3.909  -16.493 -10.293 1.00 30.16 ? 51  HIS A CA  1 
ATOM   413  C C   . HIS A 1 52  ? -4.181  -17.663 -9.386  1.00 27.25 ? 51  HIS A C   1 
ATOM   414  O O   . HIS A 1 52  ? -4.401  -18.749 -9.864  1.00 26.60 ? 51  HIS A O   1 
ATOM   415  C CB  . HIS A 1 52  ? -3.016  -16.936 -11.478 1.00 33.77 ? 51  HIS A CB  1 
ATOM   416  C CG  . HIS A 1 52  ? -2.755  -15.844 -12.479 1.00 39.17 ? 51  HIS A CG  1 
ATOM   417  N ND1 . HIS A 1 52  ? -3.764  -15.115 -13.076 1.00 41.23 ? 51  HIS A ND1 1 
ATOM   418  C CD2 . HIS A 1 52  ? -1.595  -15.347 -12.972 1.00 41.53 ? 51  HIS A CD2 1 
ATOM   419  C CE1 . HIS A 1 52  ? -3.238  -14.221 -13.896 1.00 39.84 ? 51  HIS A CE1 1 
ATOM   420  N NE2 . HIS A 1 52  ? -1.924  -14.344 -13.853 1.00 42.57 ? 51  HIS A NE2 1 
ATOM   421  N N   . LYS A 1 53  ? -4.216  -17.436 -8.078  1.00 24.76 ? 52  LYS A N   1 
ATOM   422  C CA  . LYS A 1 53  ? -4.269  -18.544 -7.163  1.00 23.61 ? 52  LYS A CA  1 
ATOM   423  C C   . LYS A 1 53  ? -4.613  -18.126 -5.755  1.00 21.47 ? 52  LYS A C   1 
ATOM   424  O O   . LYS A 1 53  ? -4.341  -17.014 -5.330  1.00 20.55 ? 52  LYS A O   1 
ATOM   425  C CB  . LYS A 1 53  ? -2.959  -19.335 -7.217  1.00 25.42 ? 52  LYS A CB  1 
ATOM   426  C CG  . LYS A 1 53  ? -1.823  -18.770 -6.428  1.00 25.02 ? 52  LYS A CG  1 
ATOM   427  C CD  . LYS A 1 53  ? -0.931  -19.867 -5.865  1.00 27.92 ? 52  LYS A CD  1 
ATOM   428  C CE  . LYS A 1 53  ? 0.015   -20.412 -6.923  1.00 30.54 ? 52  LYS A CE  1 
ATOM   429  N NZ  . LYS A 1 53  ? 1.431   -20.540 -6.443  1.00 31.06 ? 52  LYS A NZ  1 
ATOM   430  N N   . LEU A 1 54  ? -5.294  -19.022 -5.061  1.00 22.27 ? 53  LEU A N   1 
ATOM   431  C CA  . LEU A 1 54  ? -5.715  -18.798 -3.701  1.00 22.13 ? 53  LEU A CA  1 
ATOM   432  C C   . LEU A 1 54  ? -4.540  -19.143 -2.812  1.00 22.49 ? 53  LEU A C   1 
ATOM   433  O O   . LEU A 1 54  ? -3.929  -20.221 -2.944  1.00 20.35 ? 53  LEU A O   1 
ATOM   434  C CB  . LEU A 1 54  ? -6.960  -19.651 -3.361  1.00 23.35 ? 53  LEU A CB  1 
ATOM   435  C CG  . LEU A 1 54  ? -7.770  -19.160 -2.171  1.00 23.25 ? 53  LEU A CG  1 
ATOM   436  C CD1 . LEU A 1 54  ? -8.273  -17.711 -2.325  1.00 22.63 ? 53  LEU A CD1 1 
ATOM   437  C CD2 . LEU A 1 54  ? -8.926  -20.086 -1.918  1.00 24.73 ? 53  LEU A CD2 1 
ATOM   438  N N   . VAL A 1 55  ? -4.204  -18.198 -1.943  1.00 21.21 ? 54  VAL A N   1 
ATOM   439  C CA  . VAL A 1 55  ? -3.035  -18.281 -1.077  1.00 20.92 ? 54  VAL A CA  1 
ATOM   440  C C   . VAL A 1 55  ? -3.531  -18.237 0.359   1.00 21.97 ? 54  VAL A C   1 
ATOM   441  O O   . VAL A 1 55  ? -4.373  -17.421 0.696   1.00 23.35 ? 54  VAL A O   1 
ATOM   442  C CB  . VAL A 1 55  ? -2.075  -17.120 -1.361  1.00 20.64 ? 54  VAL A CB  1 
ATOM   443  C CG1 . VAL A 1 55  ? -0.844  -17.196 -0.466  1.00 20.22 ? 54  VAL A CG1 1 
ATOM   444  C CG2 . VAL A 1 55  ? -1.694  -17.135 -2.841  1.00 20.52 ? 54  VAL A CG2 1 
ATOM   445  N N   . ASN A 1 56  ? -3.019  -19.127 1.196   1.00 22.43 ? 55  ASN A N   1 
ATOM   446  C CA  . ASN A 1 56  ? -3.374  -19.151 2.622   1.00 22.87 ? 55  ASN A CA  1 
ATOM   447  C C   . ASN A 1 56  ? -2.726  -18.039 3.395   1.00 20.46 ? 55  ASN A C   1 
ATOM   448  O O   . ASN A 1 56  ? -1.529  -17.800 3.246   1.00 19.66 ? 55  ASN A O   1 
ATOM   449  C CB  . ASN A 1 56  ? -2.935  -20.480 3.234   1.00 25.37 ? 55  ASN A CB  1 
ATOM   450  C CG  . ASN A 1 56  ? -3.720  -21.632 2.689   1.00 30.06 ? 55  ASN A CG  1 
ATOM   451  O OD1 . ASN A 1 56  ? -4.824  -21.436 2.169   1.00 34.10 ? 55  ASN A OD1 1 
ATOM   452  N ND2 . ASN A 1 56  ? -3.176  -22.851 2.804   1.00 33.70 ? 55  ASN A ND2 1 
ATOM   453  N N   . ILE A 1 57  ? -3.493  -17.367 4.248   1.00 19.58 ? 56  ILE A N   1 
ATOM   454  C CA  . ILE A 1 57  ? -2.903  -16.376 5.150   1.00 19.28 ? 56  ILE A CA  1 
ATOM   455  C C   . ILE A 1 57  ? -2.628  -17.006 6.504   1.00 18.57 ? 56  ILE A C   1 
ATOM   456  O O   . ILE A 1 57  ? -3.556  -17.482 7.117   1.00 18.81 ? 56  ILE A O   1 
ATOM   457  C CB  . ILE A 1 57  ? -3.845  -15.185 5.325   1.00 18.02 ? 56  ILE A CB  1 
ATOM   458  C CG1 . ILE A 1 57  ? -3.879  -14.382 4.006   1.00 18.57 ? 56  ILE A CG1 1 
ATOM   459  C CG2 . ILE A 1 57  ? -3.446  -14.352 6.527   1.00 17.41 ? 56  ILE A CG2 1 
ATOM   460  C CD1 . ILE A 1 57  ? -4.942  -13.305 3.967   1.00 18.79 ? 56  ILE A CD1 1 
ATOM   461  N N   . LEU A 1 58  ? -1.382  -16.952 6.976   1.00 17.10 ? 57  LEU A N   1 
ATOM   462  C CA  . LEU A 1 58  ? -0.987  -17.610 8.214   1.00 19.04 ? 57  LEU A CA  1 
ATOM   463  C C   . LEU A 1 58  ? -1.195  -16.697 9.457   1.00 21.45 ? 57  LEU A C   1 
ATOM   464  O O   . LEU A 1 58  ? -1.323  -17.184 10.561  1.00 20.16 ? 57  LEU A O   1 
ATOM   465  C CB  . LEU A 1 58  ? 0.496   -18.036 8.160   1.00 18.64 ? 57  LEU A CB  1 
ATOM   466  C CG  . LEU A 1 58  ? 0.793   -19.103 7.086   1.00 18.77 ? 57  LEU A CG  1 
ATOM   467  C CD1 . LEU A 1 58  ? 2.274   -19.256 6.908   1.00 18.12 ? 57  LEU A CD1 1 
ATOM   468  C CD2 . LEU A 1 58  ? 0.183   -20.457 7.484   1.00 19.37 ? 57  LEU A CD2 1 
ATOM   469  N N   . ASP A 1 59  ? -1.202  -15.387 9.239   1.00 21.91 ? 58  ASP A N   1 
ATOM   470  C CA  . ASP A 1 59  ? -1.271  -14.426 10.301  1.00 22.71 ? 58  ASP A CA  1 
ATOM   471  C C   . ASP A 1 59  ? -1.602  -13.074 9.702   1.00 20.97 ? 58  ASP A C   1 
ATOM   472  O O   . ASP A 1 59  ? -1.087  -12.697 8.634   1.00 19.84 ? 58  ASP A O   1 
ATOM   473  C CB  . ASP A 1 59  ? 0.076   -14.325 10.981  1.00 27.03 ? 58  ASP A CB  1 
ATOM   474  C CG  . ASP A 1 59  ? -0.021  -13.733 12.326  1.00 32.32 ? 58  ASP A CG  1 
ATOM   475  O OD1 . ASP A 1 59  ? -0.775  -14.287 13.162  1.00 37.50 ? 58  ASP A OD1 1 
ATOM   476  O OD2 . ASP A 1 59  ? 0.622   -12.695 12.551  1.00 37.87 ? 58  ASP A OD2 1 
ATOM   477  N N   . ALA A 1 60  ? -2.396  -12.316 10.429  1.00 19.47 ? 59  ALA A N   1 
ATOM   478  C CA  . ALA A 1 60  ? -2.809  -10.980 10.011  1.00 19.39 ? 59  ALA A CA  1 
ATOM   479  C C   . ALA A 1 60  ? -2.724  -10.095 11.256  1.00 22.34 ? 59  ALA A C   1 
ATOM   480  O O   . ALA A 1 60  ? -3.264  -10.479 12.306  1.00 22.52 ? 59  ALA A O   1 
ATOM   481  C CB  . ALA A 1 60  ? -4.210  -11.014 9.434   1.00 18.76 ? 59  ALA A CB  1 
ATOM   482  N N   . VAL A 1 61  ? -1.929  -9.017  11.160  1.00 21.19 ? 60  VAL A N   1 
ATOM   483  C CA  . VAL A 1 61  ? -1.741  -8.067  12.219  1.00 21.81 ? 60  VAL A CA  1 
ATOM   484  C C   . VAL A 1 61  ? -2.228  -6.690  11.723  1.00 22.93 ? 60  VAL A C   1 
ATOM   485  O O   . VAL A 1 61  ? -1.626  -6.054  10.810  1.00 21.04 ? 60  VAL A O   1 
ATOM   486  C CB  . VAL A 1 61  ? -0.257  -8.023  12.666  1.00 22.23 ? 60  VAL A CB  1 
ATOM   487  C CG1 . VAL A 1 61  ? -0.019  -6.894  13.639  1.00 20.24 ? 60  VAL A CG1 1 
ATOM   488  C CG2 . VAL A 1 61  ? 0.169   -9.353  13.295  1.00 21.64 ? 60  VAL A CG2 1 
ATOM   489  N N   . GLU A 1 62  ? -3.328  -6.229  12.323  1.00 22.83 ? 61  GLU A N   1 
ATOM   490  C CA  . GLU A 1 62  ? -3.842  -4.866  12.087  1.00 24.77 ? 61  GLU A CA  1 
ATOM   491  C C   . GLU A 1 62  ? -3.112  -3.827  12.959  1.00 26.08 ? 61  GLU A C   1 
ATOM   492  O O   . GLU A 1 62  ? -3.161  -3.908  14.195  1.00 30.15 ? 61  GLU A O   1 
ATOM   493  C CB  . GLU A 1 62  ? -5.359  -4.780  12.297  1.00 25.51 ? 61  GLU A CB  1 
ATOM   494  C CG  . GLU A 1 62  ? -6.167  -5.695  11.363  1.00 24.74 ? 61  GLU A CG  1 
ATOM   495  C CD  . GLU A 1 62  ? -7.670  -5.515  11.470  1.00 27.24 ? 61  GLU A CD  1 
ATOM   496  O OE1 . GLU A 1 62  ? -8.143  -4.772  12.346  1.00 28.01 ? 61  GLU A OE1 1 
ATOM   497  O OE2 . GLU A 1 62  ? -8.388  -6.114  10.659  1.00 28.86 ? 61  GLU A OE2 1 
ATOM   498  N N   . LEU A 1 63  ? -2.436  -2.878  12.315  1.00 22.09 ? 62  LEU A N   1 
ATOM   499  C CA  . LEU A 1 63  ? -1.557  -1.935  12.996  1.00 22.27 ? 62  LEU A CA  1 
ATOM   500  C C   . LEU A 1 63  ? -2.310  -0.726  13.601  1.00 22.06 ? 62  LEU A C   1 
ATOM   501  O O   . LEU A 1 63  ? -3.031  -0.005  12.896  1.00 21.82 ? 62  LEU A O   1 
ATOM   502  C CB  . LEU A 1 63  ? -0.502  -1.422  12.014  1.00 22.90 ? 62  LEU A CB  1 
ATOM   503  C CG  . LEU A 1 63  ? 0.438   -2.477  11.444  1.00 23.29 ? 62  LEU A CG  1 
ATOM   504  C CD1 . LEU A 1 63  ? 1.288   -1.814  10.372  1.00 23.33 ? 62  LEU A CD1 1 
ATOM   505  C CD2 . LEU A 1 63  ? 1.311   -3.096  12.554  1.00 24.21 ? 62  LEU A CD2 1 
ATOM   506  N N   . VAL A 1 64  ? -2.112  -0.508  14.899  1.00 21.48 ? 63  VAL A N   1 
ATOM   507  C CA  . VAL A 1 64  ? -2.674  0.681   15.582  1.00 21.98 ? 63  VAL A CA  1 
ATOM   508  C C   . VAL A 1 64  ? -1.540  1.473   16.212  1.00 22.65 ? 63  VAL A C   1 
ATOM   509  O O   . VAL A 1 64  ? -0.486  0.935   16.505  1.00 26.18 ? 63  VAL A O   1 
ATOM   510  C CB  . VAL A 1 64  ? -3.720  0.288   16.655  1.00 21.79 ? 63  VAL A CB  1 
ATOM   511  C CG1 . VAL A 1 64  ? -4.963  -0.333  16.014  1.00 22.55 ? 63  VAL A CG1 1 
ATOM   512  C CG2 . VAL A 1 64  ? -3.120  -0.628  17.717  1.00 22.27 ? 63  VAL A CG2 1 
ATOM   513  N N   . ASP A 1 65  ? -1.740  2.753   16.432  1.00 24.32 ? 64  ASP A N   1 
ATOM   514  C CA  . ASP A 1 65  ? -0.702  3.499   17.108  1.00 26.58 ? 64  ASP A CA  1 
ATOM   515  C C   . ASP A 1 65  ? -0.813  3.294   18.623  1.00 29.30 ? 64  ASP A C   1 
ATOM   516  O O   . ASP A 1 65  ? -1.582  2.441   19.080  1.00 31.43 ? 64  ASP A O   1 
ATOM   517  C CB  . ASP A 1 65  ? -0.710  4.970   16.693  1.00 26.97 ? 64  ASP A CB  1 
ATOM   518  C CG  . ASP A 1 65  ? -1.811  5.755   17.346  1.00 24.88 ? 64  ASP A CG  1 
ATOM   519  O OD1 . ASP A 1 65  ? -2.531  5.173   18.151  1.00 27.01 ? 64  ASP A OD1 1 
ATOM   520  O OD2 . ASP A 1 65  ? -1.969  6.941   17.047  1.00 25.92 ? 64  ASP A OD2 1 
ATOM   521  N N   . GLU A 1 66  ? -0.031  4.076   19.376  1.00 31.52 ? 65  GLU A N   1 
ATOM   522  C CA  . GLU A 1 66  ? 0.045   3.977   20.836  1.00 31.68 ? 65  GLU A CA  1 
ATOM   523  C C   . GLU A 1 66  ? -1.226  4.362   21.549  1.00 30.50 ? 65  GLU A C   1 
ATOM   524  O O   . GLU A 1 66  ? -1.462  3.889   22.636  1.00 31.97 ? 65  GLU A O   1 
ATOM   525  C CB  . GLU A 1 66  ? 1.162   4.860   21.395  1.00 34.97 ? 65  GLU A CB  1 
ATOM   526  C CG  . GLU A 1 66  ? 0.718   6.297   21.793  1.00 37.52 ? 65  GLU A CG  1 
ATOM   527  C CD  . GLU A 1 66  ? 0.777   7.311   20.655  1.00 40.68 ? 65  GLU A CD  1 
ATOM   528  O OE1 . GLU A 1 66  ? 1.268   6.958   19.539  1.00 43.86 ? 65  GLU A OE1 1 
ATOM   529  O OE2 . GLU A 1 66  ? 0.376   8.493   20.889  1.00 41.55 ? 65  GLU A OE2 1 
ATOM   530  N N   . GLN A 1 67  ? -1.999  5.261   20.964  1.00 32.36 ? 66  GLN A N   1 
ATOM   531  C CA  . GLN A 1 67  ? -3.325  5.636   21.462  1.00 34.31 ? 66  GLN A CA  1 
ATOM   532  C C   . GLN A 1 67  ? -4.388  4.598   21.061  1.00 29.63 ? 66  GLN A C   1 
ATOM   533  O O   . GLN A 1 67  ? -5.563  4.850   21.187  1.00 31.84 ? 66  GLN A O   1 
ATOM   534  C CB  . GLN A 1 67  ? -3.741  6.990   20.843  1.00 38.61 ? 66  GLN A CB  1 
ATOM   535  C CG  . GLN A 1 67  ? -2.765  8.158   21.057  1.00 43.61 ? 66  GLN A CG  1 
ATOM   536  C CD  . GLN A 1 67  ? -2.735  9.194   19.897  1.00 47.61 ? 66  GLN A CD  1 
ATOM   537  O OE1 . GLN A 1 67  ? -3.704  9.961   19.666  1.00 45.19 ? 66  GLN A OE1 1 
ATOM   538  N NE2 . GLN A 1 67  ? -1.586  9.260   19.203  1.00 46.57 ? 66  GLN A NE2 1 
ATOM   539  N N   . GLY A 1 68  ? -3.984  3.460   20.513  1.00 28.15 ? 67  GLY A N   1 
ATOM   540  C CA  . GLY A 1 68  ? -4.925  2.492   19.944  1.00 25.03 ? 67  GLY A CA  1 
ATOM   541  C C   . GLY A 1 68  ? -5.679  2.990   18.715  1.00 22.65 ? 67  GLY A C   1 
ATOM   542  O O   . GLY A 1 68  ? -6.721  2.436   18.363  1.00 24.35 ? 67  GLY A O   1 
ATOM   543  N N   . VAL A 1 69  ? -5.184  4.004   18.030  1.00 21.61 ? 68  VAL A N   1 
ATOM   544  C CA  . VAL A 1 69  ? -5.911  4.536   16.871  1.00 22.04 ? 68  VAL A CA  1 
ATOM   545  C C   . VAL A 1 69  ? -5.432  3.791   15.599  1.00 23.35 ? 68  VAL A C   1 
ATOM   546  O O   . VAL A 1 69  ? -4.256  3.473   15.453  1.00 21.93 ? 68  VAL A O   1 
ATOM   547  C CB  . VAL A 1 69  ? -5.765  6.053   16.723  1.00 23.89 ? 68  VAL A CB  1 
ATOM   548  C CG1 . VAL A 1 69  ? -6.494  6.574   15.476  1.00 25.61 ? 68  VAL A CG1 1 
ATOM   549  C CG2 . VAL A 1 69  ? -6.262  6.774   17.989  1.00 22.21 ? 68  VAL A CG2 1 
ATOM   550  N N   . ASN A 1 70  ? -6.404  3.502   14.741  1.00 22.90 ? 69  ASN A N   1 
ATOM   551  C CA  . ASN A 1 70  ? -6.239  2.874   13.441  1.00 23.08 ? 69  ASN A CA  1 
ATOM   552  C C   . ASN A 1 70  ? -5.143  3.462   12.594  1.00 20.82 ? 69  ASN A C   1 
ATOM   553  O O   . ASN A 1 70  ? -5.058  4.672   12.443  1.00 20.72 ? 69  ASN A O   1 
ATOM   554  C CB  . ASN A 1 70  ? -7.569  3.010   12.691  1.00 21.79 ? 69  ASN A CB  1 
ATOM   555  C CG  . ASN A 1 70  ? -7.548  2.349   11.325  1.00 21.56 ? 69  ASN A CG  1 
ATOM   556  O OD1 . ASN A 1 70  ? -7.091  1.219   11.206  1.00 22.52 ? 69  ASN A OD1 1 
ATOM   557  N ND2 . ASN A 1 70  ? -7.996  3.063   10.289  1.00 18.15 ? 69  ASN A ND2 1 
ATOM   558  N N   . LEU A 1 71  ? -4.280  2.604   12.033  1.00 21.89 ? 70  LEU A N   1 
ATOM   559  C CA  . LEU A 1 71  ? -3.331  3.068   11.038  1.00 19.08 ? 70  LEU A CA  1 
ATOM   560  C C   . LEU A 1 71  ? -3.694  2.612   9.622   1.00 19.59 ? 70  LEU A C   1 
ATOM   561  O O   . LEU A 1 71  ? -3.046  3.024   8.637   1.00 18.71 ? 70  LEU A O   1 
ATOM   562  C CB  . LEU A 1 71  ? -1.904  2.659   11.442  1.00 20.86 ? 70  LEU A CB  1 
ATOM   563  C CG  . LEU A 1 71  ? -1.475  3.192   12.827  1.00 20.13 ? 70  LEU A CG  1 
ATOM   564  C CD1 . LEU A 1 71  ? -0.056  2.732   13.144  1.00 19.79 ? 70  LEU A CD1 1 
ATOM   565  C CD2 . LEU A 1 71  ? -1.585  4.716   12.800  1.00 20.30 ? 70  LEU A CD2 1 
ATOM   566  N N   . GLU A 1 72  ? -4.733  1.795   9.524   1.00 18.65 ? 71  GLU A N   1 
ATOM   567  C CA  . GLU A 1 72  ? -5.305  1.380   8.255   1.00 18.92 ? 71  GLU A CA  1 
ATOM   568  C C   . GLU A 1 72  ? -4.390  0.474   7.435   1.00 18.73 ? 71  GLU A C   1 
ATOM   569  O O   . GLU A 1 72  ? -4.457  0.435   6.190   1.00 16.78 ? 71  GLU A O   1 
ATOM   570  C CB  . GLU A 1 72  ? -5.766  2.598   7.476   1.00 19.59 ? 71  GLU A CB  1 
ATOM   571  C CG  . GLU A 1 72  ? -6.674  2.345   6.303   1.00 21.41 ? 71  GLU A CG  1 
ATOM   572  C CD  . GLU A 1 72  ? -7.896  1.552   6.657   1.00 25.06 ? 71  GLU A CD  1 
ATOM   573  O OE1 . GLU A 1 72  ? -8.375  1.629   7.817   1.00 24.75 ? 71  GLU A OE1 1 
ATOM   574  O OE2 . GLU A 1 72  ? -8.351  0.807   5.774   1.00 26.23 ? 71  GLU A OE2 1 
ATOM   575  N N   . LEU A 1 73  ? -3.555  -0.295  8.137   1.00 19.55 ? 72  LEU A N   1 
ATOM   576  C CA  . LEU A 1 73  ? -2.683  -1.261  7.485   1.00 18.25 ? 72  LEU A CA  1 
ATOM   577  C C   . LEU A 1 73  ? -2.854  -2.583  8.153   1.00 19.23 ? 72  LEU A C   1 
ATOM   578  O O   . LEU A 1 73  ? -2.939  -2.661  9.383   1.00 18.17 ? 72  LEU A O   1 
ATOM   579  C CB  . LEU A 1 73  ? -1.204  -0.830  7.549   1.00 18.94 ? 72  LEU A CB  1 
ATOM   580  C CG  . LEU A 1 73  ? -0.826  0.481   6.834   1.00 19.74 ? 72  LEU A CG  1 
ATOM   581  C CD1 . LEU A 1 73  ? 0.553   0.993   7.228   1.00 20.47 ? 72  LEU A CD1 1 
ATOM   582  C CD2 . LEU A 1 73  ? -0.911  0.314   5.307   1.00 20.28 ? 72  LEU A CD2 1 
ATOM   583  N N   . THR A 1 74  ? -2.827  -3.638  7.338   1.00 18.30 ? 73  THR A N   1 
ATOM   584  C CA  . THR A 1 74  ? -2.754  -5.000  7.842   1.00 18.72 ? 73  THR A CA  1 
ATOM   585  C C   . THR A 1 74  ? -1.560  -5.725  7.259   1.00 18.06 ? 73  THR A C   1 
ATOM   586  O O   . THR A 1 74  ? -1.362  -5.839  6.014   1.00 16.73 ? 73  THR A O   1 
ATOM   587  C CB  . THR A 1 74  ? -4.057  -5.761  7.527   1.00 19.99 ? 73  THR A CB  1 
ATOM   588  O OG1 . THR A 1 74  ? -5.148  -5.050  8.119   1.00 19.90 ? 73  THR A OG1 1 
ATOM   589  C CG2 . THR A 1 74  ? -4.016  -7.167  8.048   1.00 19.99 ? 73  THR A CG2 1 
ATOM   590  N N   . LEU A 1 75  ? -0.747  -6.210  8.168   1.00 19.15 ? 74  LEU A N   1 
ATOM   591  C CA  . LEU A 1 75  ? 0.406   -7.023  7.819   1.00 21.32 ? 74  LEU A CA  1 
ATOM   592  C C   . LEU A 1 75  ? -0.051  -8.467  7.727   1.00 22.30 ? 74  LEU A C   1 
ATOM   593  O O   . LEU A 1 75  ? -0.552  -9.034  8.706   1.00 22.73 ? 74  LEU A O   1 
ATOM   594  C CB  . LEU A 1 75  ? 1.491   -6.917  8.871   1.00 21.53 ? 74  LEU A CB  1 
ATOM   595  C CG  . LEU A 1 75  ? 2.693   -5.988  8.703   1.00 24.25 ? 74  LEU A CG  1 
ATOM   596  C CD1 . LEU A 1 75  ? 2.443   -4.813  7.770   1.00 25.83 ? 74  LEU A CD1 1 
ATOM   597  C CD2 . LEU A 1 75  ? 3.190   -5.544  10.065  1.00 22.64 ? 74  LEU A CD2 1 
ATOM   598  N N   . ILE A 1 76  ? 0.155   -9.068  6.558   1.00 21.13 ? 75  ILE A N   1 
ATOM   599  C CA  . ILE A 1 76  ? -0.151  -10.476 6.360   1.00 20.16 ? 75  ILE A CA  1 
ATOM   600  C C   . ILE A 1 76  ? 1.114   -11.315 6.044   1.00 18.33 ? 75  ILE A C   1 
ATOM   601  O O   . ILE A 1 76  ? 2.049   -10.904 5.371   1.00 19.44 ? 75  ILE A O   1 
ATOM   602  C CB  . ILE A 1 76  ? -1.288  -10.667 5.319   1.00 19.55 ? 75  ILE A CB  1 
ATOM   603  C CG1 . ILE A 1 76  ? -0.911  -10.052 3.984   1.00 19.45 ? 75  ILE A CG1 1 
ATOM   604  C CG2 . ILE A 1 76  ? -2.556  -9.968  5.811   1.00 20.59 ? 75  ILE A CG2 1 
ATOM   605  C CD1 . ILE A 1 76  ? -1.781  -10.447 2.827   1.00 19.46 ? 75  ILE A CD1 1 
ATOM   606  N N   . THR A 1 77  ? 1.121   -12.505 6.593   1.00 17.78 ? 76  THR A N   1 
ATOM   607  C CA  . THR A 1 77  ? 2.202   -13.480 6.432   1.00 17.56 ? 76  THR A CA  1 
ATOM   608  C C   . THR A 1 77  ? 1.633   -14.599 5.583   1.00 16.10 ? 76  THR A C   1 
ATOM   609  O O   . THR A 1 77  ? 0.598   -15.142 5.923   1.00 14.33 ? 76  THR A O   1 
ATOM   610  C CB  . THR A 1 77  ? 2.639   -14.023 7.784   1.00 16.58 ? 76  THR A CB  1 
ATOM   611  O OG1 . THR A 1 77  ? 3.177   -12.948 8.512   1.00 17.07 ? 76  THR A OG1 1 
ATOM   612  C CG2 . THR A 1 77  ? 3.722   -15.080 7.641   1.00 17.54 ? 76  THR A CG2 1 
ATOM   613  N N   . LEU A 1 78  ? 2.258   -14.870 4.430   1.00 17.05 ? 77  LEU A N   1 
ATOM   614  C CA  . LEU A 1 78  ? 1.680   -15.772 3.453   1.00 18.01 ? 77  LEU A CA  1 
ATOM   615  C C   . LEU A 1 78  ? 2.285   -17.168 3.519   1.00 19.07 ? 77  LEU A C   1 
ATOM   616  O O   . LEU A 1 78  ? 3.479   -17.344 3.851   1.00 21.03 ? 77  LEU A O   1 
ATOM   617  C CB  . LEU A 1 78  ? 1.916   -15.243 2.033   1.00 18.68 ? 77  LEU A CB  1 
ATOM   618  C CG  . LEU A 1 78  ? 1.458   -13.832 1.782   1.00 19.58 ? 77  LEU A CG  1 
ATOM   619  C CD1 . LEU A 1 78  ? 1.893   -13.478 0.365   1.00 18.12 ? 77  LEU A CD1 1 
ATOM   620  C CD2 . LEU A 1 78  ? -0.086  -13.800 1.978   1.00 19.89 ? 77  LEU A CD2 1 
ATOM   621  N N   . ASP A 1 79  ? 1.468   -18.169 3.164   1.00 18.80 ? 78  ASP A N   1 
ATOM   622  C CA  . ASP A 1 79  ? 1.961   -19.543 3.071   1.00 18.00 ? 78  ASP A CA  1 
ATOM   623  C C   . ASP A 1 79  ? 2.399   -19.730 1.617   1.00 19.35 ? 78  ASP A C   1 
ATOM   624  O O   . ASP A 1 79  ? 1.678   -20.181 0.783   1.00 17.41 ? 78  ASP A O   1 
ATOM   625  C CB  . ASP A 1 79  ? 0.894   -20.538 3.438   1.00 17.49 ? 78  ASP A CB  1 
ATOM   626  C CG  . ASP A 1 79  ? 1.349   -21.967 3.294   1.00 17.11 ? 78  ASP A CG  1 
ATOM   627  O OD1 . ASP A 1 79  ? 2.551   -22.210 3.095   1.00 16.07 ? 78  ASP A OD1 1 
ATOM   628  O OD2 . ASP A 1 79  ? 0.480   -22.832 3.459   1.00 16.92 ? 78  ASP A OD2 1 
ATOM   629  N N   . THR A 1 80  ? 3.604   -19.309 1.332   1.00 24.06 ? 79  THR A N   1 
ATOM   630  C CA  . THR A 1 80  ? 4.154   -19.452 0.006   1.00 26.17 ? 79  THR A CA  1 
ATOM   631  C C   . THR A 1 80  ? 5.595   -19.846 0.056   1.00 26.57 ? 79  THR A C   1 
ATOM   632  O O   . THR A 1 80  ? 6.259   -19.709 1.088   1.00 27.71 ? 79  THR A O   1 
ATOM   633  C CB  . THR A 1 80  ? 4.114   -18.121 -0.738  1.00 27.17 ? 79  THR A CB  1 
ATOM   634  O OG1 . THR A 1 80  ? 4.713   -17.112 0.086   1.00 27.06 ? 79  THR A OG1 1 
ATOM   635  C CG2 . THR A 1 80  ? 2.721   -17.768 -1.048  1.00 28.21 ? 79  THR A CG2 1 
ATOM   636  N N   . ASN A 1 81  ? 6.067   -20.319 -1.098  1.00 30.01 ? 80  ASN A N   1 
ATOM   637  C CA  . ASN A 1 81  ? 7.471   -20.637 -1.349  1.00 31.23 ? 80  ASN A CA  1 
ATOM   638  C C   . ASN A 1 81  ? 8.228   -19.363 -1.640  1.00 33.48 ? 80  ASN A C   1 
ATOM   639  O O   . ASN A 1 81  ? 9.366   -19.204 -1.241  1.00 41.60 ? 80  ASN A O   1 
ATOM   640  C CB  . ASN A 1 81  ? 7.564   -21.514 -2.611  1.00 31.64 ? 80  ASN A CB  1 
ATOM   641  C CG  . ASN A 1 81  ? 6.854   -22.833 -2.459  1.00 35.42 ? 80  ASN A CG  1 
ATOM   642  O OD1 . ASN A 1 81  ? 5.972   -23.186 -3.249  1.00 39.62 ? 80  ASN A OD1 1 
ATOM   643  N ND2 . ASN A 1 81  ? 7.220   -23.571 -1.423  1.00 36.57 ? 80  ASN A ND2 1 
ATOM   644  N N   . GLU A 1 82  ? 7.613   -18.457 -2.398  1.00 33.76 ? 81  GLU A N   1 
ATOM   645  C CA  . GLU A 1 82  ? 8.270   -17.188 -2.748  1.00 32.51 ? 81  GLU A CA  1 
ATOM   646  C C   . GLU A 1 82  ? 8.698   -16.373 -1.513  1.00 29.86 ? 81  GLU A C   1 
ATOM   647  O O   . GLU A 1 82  ? 7.959   -16.285 -0.566  1.00 33.31 ? 81  GLU A O   1 
ATOM   648  C CB  . GLU A 1 82  ? 7.327   -16.336 -3.593  1.00 32.25 ? 81  GLU A CB  1 
ATOM   649  C CG  . GLU A 1 82  ? 7.932   -15.009 -3.966  1.00 33.54 ? 81  GLU A CG  1 
ATOM   650  C CD  . GLU A 1 82  ? 7.052   -14.214 -4.868  1.00 34.10 ? 81  GLU A CD  1 
ATOM   651  O OE1 . GLU A 1 82  ? 7.556   -13.242 -5.447  1.00 33.39 ? 81  GLU A OE1 1 
ATOM   652  O OE2 . GLU A 1 82  ? 5.876   -14.580 -5.007  1.00 38.46 ? 81  GLU A OE2 1 
ATOM   653  N N   . LYS A 1 83  ? 9.919   -15.831 -1.525  1.00 29.20 ? 82  LYS A N   1 
ATOM   654  C CA  . LYS A 1 83  ? 10.279  -14.703 -0.697  1.00 28.31 ? 82  LYS A CA  1 
ATOM   655  C C   . LYS A 1 83  ? 10.222  -13.514 -1.638  1.00 24.83 ? 82  LYS A C   1 
ATOM   656  O O   . LYS A 1 83  ? 10.749  -13.595 -2.757  1.00 24.41 ? 82  LYS A O   1 
ATOM   657  C CB  . LYS A 1 83  ? 11.680  -14.846 -0.116  1.00 28.66 ? 82  LYS A CB  1 
ATOM   658  C CG  . LYS A 1 83  ? 11.922  -16.195 0.552   1.00 32.10 ? 82  LYS A CG  1 
ATOM   659  C CD  . LYS A 1 83  ? 12.608  -16.043 1.901   1.00 34.95 ? 82  LYS A CD  1 
ATOM   660  C CE  . LYS A 1 83  ? 14.095  -15.733 1.802   1.00 36.82 ? 82  LYS A CE  1 
ATOM   661  N NZ  . LYS A 1 83  ? 14.924  -16.870 2.297   1.00 36.04 ? 82  LYS A NZ  1 
ATOM   662  N N   . PHE A 1 84  ? 9.563   -12.431 -1.208  1.00 21.49 ? 83  PHE A N   1 
ATOM   663  C CA  . PHE A 1 84  ? 9.487   -11.190 -1.993  1.00 20.07 ? 83  PHE A CA  1 
ATOM   664  C C   . PHE A 1 84  ? 10.887  -10.639 -2.054  1.00 20.73 ? 83  PHE A C   1 
ATOM   665  O O   . PHE A 1 84  ? 11.612  -10.724 -1.069  1.00 21.69 ? 83  PHE A O   1 
ATOM   666  C CB  . PHE A 1 84  ? 8.585   -10.124 -1.302  1.00 19.38 ? 83  PHE A CB  1 
ATOM   667  C CG  . PHE A 1 84  ? 7.122   -10.489 -1.287  1.00 19.06 ? 83  PHE A CG  1 
ATOM   668  C CD1 . PHE A 1 84  ? 6.407   -10.607 -2.483  1.00 19.12 ? 83  PHE A CD1 1 
ATOM   669  C CD2 . PHE A 1 84  ? 6.483   -10.826 -0.090  1.00 19.32 ? 83  PHE A CD2 1 
ATOM   670  C CE1 . PHE A 1 84  ? 5.058   -11.003 -2.490  1.00 19.73 ? 83  PHE A CE1 1 
ATOM   671  C CE2 . PHE A 1 84  ? 5.148   -11.214 -0.091  1.00 18.90 ? 83  PHE A CE2 1 
ATOM   672  C CZ  . PHE A 1 84  ? 4.427   -11.292 -1.292  1.00 19.54 ? 83  PHE A CZ  1 
ATOM   673  N N   . ARG A 1 85  ? 11.277  -10.054 -3.180  1.00 20.68 ? 84  ARG A N   1 
ATOM   674  C CA  . ARG A 1 85  ? 12.448  -9.232  -3.163  1.00 21.57 ? 84  ARG A CA  1 
ATOM   675  C C   . ARG A 1 85  ? 12.314  -8.265  -2.002  1.00 21.51 ? 84  ARG A C   1 
ATOM   676  O O   . ARG A 1 85  ? 11.285  -7.616  -1.857  1.00 23.36 ? 84  ARG A O   1 
ATOM   677  C CB  . ARG A 1 85  ? 12.614  -8.443  -4.464  1.00 22.63 ? 84  ARG A CB  1 
ATOM   678  C CG  . ARG A 1 85  ? 13.711  -7.406  -4.289  1.00 23.54 ? 84  ARG A CG  1 
ATOM   679  C CD  . ARG A 1 85  ? 13.841  -6.479  -5.455  1.00 26.11 ? 84  ARG A CD  1 
ATOM   680  N NE  . ARG A 1 85  ? 12.638  -5.713  -5.719  1.00 26.51 ? 84  ARG A NE  1 
ATOM   681  C CZ  . ARG A 1 85  ? 12.597  -4.729  -6.599  1.00 27.51 ? 84  ARG A CZ  1 
ATOM   682  N NH1 . ARG A 1 85  ? 13.688  -4.402  -7.284  1.00 28.54 ? 84  ARG A NH1 1 
ATOM   683  N NH2 . ARG A 1 85  ? 11.482  -4.053  -6.787  1.00 25.18 ? 84  ARG A NH2 1 
ATOM   684  N N   . ASP A 1 86  ? 13.344  -8.153  -1.170  1.00 20.89 ? 85  ASP A N   1 
ATOM   685  C CA  . ASP A 1 86  ? 13.290  -7.281  0.019   1.00 19.10 ? 85  ASP A CA  1 
ATOM   686  C C   . ASP A 1 86  ? 13.422  -5.837  -0.400  1.00 19.72 ? 85  ASP A C   1 
ATOM   687  O O   . ASP A 1 86  ? 14.488  -5.405  -0.820  1.00 22.44 ? 85  ASP A O   1 
ATOM   688  C CB  . ASP A 1 86  ? 14.446  -7.583  0.956   1.00 19.19 ? 85  ASP A CB  1 
ATOM   689  C CG  . ASP A 1 86  ? 14.327  -6.906  2.288   1.00 19.18 ? 85  ASP A CG  1 
ATOM   690  O OD1 . ASP A 1 86  ? 13.753  -5.814  2.440   1.00 18.51 ? 85  ASP A OD1 1 
ATOM   691  O OD2 . ASP A 1 86  ? 14.886  -7.462  3.228   1.00 21.24 ? 85  ASP A OD2 1 
ATOM   692  N N   . ILE A 1 87  ? 12.361  -5.074  -0.204  1.00 19.72 ? 86  ILE A N   1 
ATOM   693  C CA  . ILE A 1 87  ? 12.363  -3.649  -0.482  1.00 19.92 ? 86  ILE A CA  1 
ATOM   694  C C   . ILE A 1 87  ? 12.335  -2.784  0.781   1.00 18.15 ? 86  ILE A C   1 
ATOM   695  O O   . ILE A 1 87  ? 12.031  -1.616  0.693   1.00 17.25 ? 86  ILE A O   1 
ATOM   696  C CB  . ILE A 1 87  ? 11.154  -3.264  -1.353  1.00 20.79 ? 86  ILE A CB  1 
ATOM   697  C CG1 . ILE A 1 87  ? 9.852   -3.652  -0.647  1.00 21.96 ? 86  ILE A CG1 1 
ATOM   698  C CG2 . ILE A 1 87  ? 11.283  -3.898  -2.722  1.00 19.97 ? 86  ILE A CG2 1 
ATOM   699  C CD1 . ILE A 1 87  ? 8.605   -3.226  -1.396  1.00 23.70 ? 86  ILE A CD1 1 
ATOM   700  N N   . THR A 1 88  ? 12.663  -3.340  1.931   1.00 17.79 ? 87  THR A N   1 
ATOM   701  C CA  . THR A 1 88  ? 12.642  -2.575  3.186   1.00 19.07 ? 87  THR A CA  1 
ATOM   702  C C   . THR A 1 88  ? 13.577  -1.370  3.232   1.00 20.57 ? 87  THR A C   1 
ATOM   703  O O   . THR A 1 88  ? 13.315  -0.334  3.884   1.00 19.12 ? 87  THR A O   1 
ATOM   704  C CB  . THR A 1 88  ? 12.877  -3.499  4.426   1.00 18.99 ? 87  THR A CB  1 
ATOM   705  O OG1 . THR A 1 88  ? 14.080  -4.260  4.335   1.00 17.65 ? 87  THR A OG1 1 
ATOM   706  C CG2 . THR A 1 88  ? 11.759  -4.462  4.566   1.00 19.13 ? 87  THR A CG2 1 
ATOM   707  N N   . LYS A 1 89  ? 14.696  -1.490  2.531   1.00 22.43 ? 88  LYS A N   1 
ATOM   708  C CA  . LYS A 1 89  ? 15.610  -0.390  2.505   1.00 23.05 ? 88  LYS A CA  1 
ATOM   709  C C   . LYS A 1 89  ? 15.079  0.754   1.644   1.00 22.15 ? 88  LYS A C   1 
ATOM   710  O O   . LYS A 1 89  ? 15.637  1.821   1.724   1.00 19.43 ? 88  LYS A O   1 
ATOM   711  C CB  . LYS A 1 89  ? 16.948  -0.827  1.981   1.00 24.41 ? 88  LYS A CB  1 
ATOM   712  C CG  . LYS A 1 89  ? 16.904  -1.169  0.514   1.00 25.41 ? 88  LYS A CG  1 
ATOM   713  C CD  . LYS A 1 89  ? 18.154  -1.921  0.154   1.00 27.90 ? 88  LYS A CD  1 
ATOM   714  C CE  . LYS A 1 89  ? 18.075  -2.313  -1.286  1.00 29.21 ? 88  LYS A CE  1 
ATOM   715  N NZ  . LYS A 1 89  ? 19.023  -3.434  -1.430  1.00 29.52 ? 88  LYS A NZ  1 
ATOM   716  N N   . PHE A 1 90  ? 14.053  0.534   0.813   1.00 20.68 ? 89  PHE A N   1 
ATOM   717  C CA  . PHE A 1 90  ? 13.444  1.667   0.084   1.00 22.02 ? 89  PHE A CA  1 
ATOM   718  C C   . PHE A 1 90  ? 12.342  2.381   0.861   1.00 21.94 ? 89  PHE A C   1 
ATOM   719  O O   . PHE A 1 90  ? 11.879  3.456   0.437   1.00 20.98 ? 89  PHE A O   1 
ATOM   720  C CB  . PHE A 1 90  ? 12.887  1.288   -1.292  1.00 24.18 ? 89  PHE A CB  1 
ATOM   721  C CG  . PHE A 1 90  ? 13.825  0.522   -2.157  1.00 25.68 ? 89  PHE A CG  1 
ATOM   722  C CD1 . PHE A 1 90  ? 15.113  0.957   -2.381  1.00 27.09 ? 89  PHE A CD1 1 
ATOM   723  C CD2 . PHE A 1 90  ? 13.405  -0.637  -2.781  1.00 28.13 ? 89  PHE A CD2 1 
ATOM   724  C CE1 . PHE A 1 90  ? 15.967  0.235   -3.205  1.00 26.25 ? 89  PHE A CE1 1 
ATOM   725  C CE2 . PHE A 1 90  ? 14.253  -1.367  -3.600  1.00 28.13 ? 89  PHE A CE2 1 
ATOM   726  C CZ  . PHE A 1 90  ? 15.546  -0.926  -3.807  1.00 26.60 ? 89  PHE A CZ  1 
ATOM   727  N N   . ILE A 1 91  ? 11.984  1.833   2.021   1.00 23.08 ? 90  ILE A N   1 
ATOM   728  C CA  . ILE A 1 91  ? 10.971  2.386   2.924   1.00 23.05 ? 90  ILE A CA  1 
ATOM   729  C C   . ILE A 1 91  ? 11.693  3.229   3.986   1.00 24.70 ? 90  ILE A C   1 
ATOM   730  O O   . ILE A 1 91  ? 12.618  2.722   4.701   1.00 23.25 ? 90  ILE A O   1 
ATOM   731  C CB  . ILE A 1 91  ? 10.207  1.258   3.631   1.00 22.65 ? 90  ILE A CB  1 
ATOM   732  C CG1 . ILE A 1 91  ? 9.533   0.326   2.602   1.00 23.00 ? 90  ILE A CG1 1 
ATOM   733  C CG2 . ILE A 1 91  ? 9.201   1.801   4.627   1.00 22.43 ? 90  ILE A CG2 1 
ATOM   734  C CD1 . ILE A 1 91  ? 8.913   -0.866  3.267   1.00 22.92 ? 90  ILE A CD1 1 
ATOM   735  N N   . PRO A 1 92  ? 11.290  4.507   4.109   1.00 24.56 ? 91  PRO A N   1 
ATOM   736  C CA  . PRO A 1 92  ? 11.983  5.389   5.062   1.00 25.29 ? 91  PRO A CA  1 
ATOM   737  C C   . PRO A 1 92  ? 11.766  4.948   6.494   1.00 25.25 ? 91  PRO A C   1 
ATOM   738  O O   . PRO A 1 92  ? 10.784  4.264   6.779   1.00 23.66 ? 91  PRO A O   1 
ATOM   739  C CB  . PRO A 1 92  ? 11.385  6.779   4.795   1.00 26.22 ? 91  PRO A CB  1 
ATOM   740  C CG  . PRO A 1 92  ? 10.146  6.548   4.008   1.00 25.99 ? 91  PRO A CG  1 
ATOM   741  C CD  . PRO A 1 92  ? 10.233  5.203   3.348   1.00 25.00 ? 91  PRO A CD  1 
ATOM   742  N N   . GLU A 1 93  ? 12.707  5.310   7.359   1.00 25.25 ? 92  GLU A N   1 
ATOM   743  C CA  . GLU A 1 93  ? 12.625  5.003   8.772   1.00 28.40 ? 92  GLU A CA  1 
ATOM   744  C C   . GLU A 1 93  ? 11.477  5.754   9.446   1.00 26.77 ? 92  GLU A C   1 
ATOM   745  O O   . GLU A 1 93  ? 10.975  5.325   10.491  1.00 25.62 ? 92  GLU A O   1 
ATOM   746  C CB  . GLU A 1 93  ? 13.950  5.333   9.470   1.00 32.03 ? 92  GLU A CB  1 
ATOM   747  C CG  . GLU A 1 93  ? 15.198  4.886   8.734   1.00 37.03 ? 92  GLU A CG  1 
ATOM   748  C CD  . GLU A 1 93  ? 16.321  4.402   9.661   1.00 42.01 ? 92  GLU A CD  1 
ATOM   749  O OE1 . GLU A 1 93  ? 16.055  3.627   10.612  1.00 50.63 ? 92  GLU A OE1 1 
ATOM   750  O OE2 . GLU A 1 93  ? 17.490  4.760   9.424   1.00 44.52 ? 92  GLU A OE2 1 
ATOM   751  N N   . ASN A 1 94  ? 11.071  6.888   8.862   1.00 27.52 ? 93  ASN A N   1 
ATOM   752  C CA  . ASN A 1 94  ? 9.937   7.627   9.370   1.00 26.87 ? 93  ASN A CA  1 
ATOM   753  C C   . ASN A 1 94  ? 9.090   8.077   8.220   1.00 27.36 ? 93  ASN A C   1 
ATOM   754  O O   . ASN A 1 94  ? 9.531   8.084   7.096   1.00 24.40 ? 93  ASN A O   1 
ATOM   755  C CB  . ASN A 1 94  ? 10.422  8.811   10.205  1.00 29.78 ? 93  ASN A CB  1 
ATOM   756  C CG  . ASN A 1 94  ? 11.104  8.341   11.500  1.00 32.22 ? 93  ASN A CG  1 
ATOM   757  O OD1 . ASN A 1 94  ? 12.345  8.213   11.583  1.00 36.04 ? 93  ASN A OD1 1 
ATOM   758  N ND2 . ASN A 1 94  ? 10.292  7.994   12.481  1.00 33.11 ? 93  ASN A ND2 1 
ATOM   759  N N   . ILE A 1 95  ? 7.867   8.470   8.524   1.00 27.82 ? 94  ILE A N   1 
ATOM   760  C CA  . ILE A 1 95  ? 6.898   8.791   7.502   1.00 28.57 ? 94  ILE A CA  1 
ATOM   761  C C   . ILE A 1 95  ? 7.333   10.088  6.862   1.00 28.44 ? 94  ILE A C   1 
ATOM   762  O O   . ILE A 1 95  ? 7.484   11.087  7.537   1.00 28.52 ? 94  ILE A O   1 
ATOM   763  C CB  . ILE A 1 95  ? 5.474   8.769   8.093   1.00 29.65 ? 94  ILE A CB  1 
ATOM   764  C CG1 . ILE A 1 95  ? 5.216   7.361   8.584   1.00 29.95 ? 94  ILE A CG1 1 
ATOM   765  C CG2 . ILE A 1 95  ? 4.421   9.196   7.064   1.00 32.02 ? 94  ILE A CG2 1 
ATOM   766  C CD1 . ILE A 1 95  ? 3.910   7.157   9.296   1.00 33.08 ? 94  ILE A CD1 1 
ATOM   767  N N   . SER A 1 96  ? 7.619   10.025  5.566   1.00 26.68 ? 95  SER A N   1 
ATOM   768  C CA  . SER A 1 96  ? 8.308   11.076  4.850   1.00 28.54 ? 95  SER A CA  1 
ATOM   769  C C   . SER A 1 96  ? 7.508   11.539  3.652   1.00 32.60 ? 95  SER A C   1 
ATOM   770  O O   . SER A 1 96  ? 6.828   10.756  3.012   1.00 40.48 ? 95  SER A O   1 
ATOM   771  C CB  . SER A 1 96  ? 9.645   10.589  4.320   1.00 27.89 ? 95  SER A CB  1 
ATOM   772  O OG  . SER A 1 96  ? 10.472  10.069  5.337   1.00 26.25 ? 95  SER A OG  1 
ATOM   773  N N   . THR A 1 97  ? 7.662   12.804  3.309   1.00 29.63 ? 96  THR A N   1 
ATOM   774  C CA  . THR A 1 97  ? 6.937   13.414  2.236   1.00 28.98 ? 96  THR A CA  1 
ATOM   775  C C   . THR A 1 97  ? 7.712   13.250  0.970   1.00 27.32 ? 96  THR A C   1 
ATOM   776  O O   . THR A 1 97  ? 8.797   12.718  0.981   1.00 23.27 ? 96  THR A O   1 
ATOM   777  C CB  . THR A 1 97  ? 6.767   14.896  2.531   1.00 31.11 ? 96  THR A CB  1 
ATOM   778  O OG1 . THR A 1 97  ? 8.044   15.529  2.527   1.00 33.64 ? 96  THR A OG1 1 
ATOM   779  C CG2 . THR A 1 97  ? 6.167   15.058  3.874   1.00 31.19 ? 96  THR A CG2 1 
ATOM   780  N N   . ALA A 1 98  ? 7.171   13.721  -0.139  1.00 29.23 ? 97  ALA A N   1 
ATOM   781  C CA  . ALA A 1 98  ? 7.873   13.611  -1.408  1.00 29.80 ? 97  ALA A CA  1 
ATOM   782  C C   . ALA A 1 98  ? 7.356   14.606  -2.431  1.00 27.78 ? 97  ALA A C   1 
ATOM   783  O O   . ALA A 1 98  ? 6.257   15.114  -2.306  1.00 32.28 ? 97  ALA A O   1 
ATOM   784  C CB  . ALA A 1 98  ? 7.744   12.186  -1.951  1.00 30.43 ? 97  ALA A CB  1 
ATOM   785  N N   . SER A 1 99  ? 8.145   14.867  -3.467  1.00 28.65 ? 98  SER A N   1 
ATOM   786  C CA  . SER A 1 99  ? 7.668   15.719  -4.562  1.00 32.14 ? 98  SER A CA  1 
ATOM   787  C C   . SER A 1 99  ? 7.296   14.862  -5.749  1.00 32.19 ? 98  SER A C   1 
ATOM   788  O O   . SER A 1 99  ? 7.994   13.903  -6.060  1.00 31.35 ? 98  SER A O   1 
ATOM   789  C CB  . SER A 1 99  ? 8.737   16.712  -4.994  1.00 30.45 ? 98  SER A CB  1 
ATOM   790  O OG  . SER A 1 99  ? 8.969   17.637  -3.962  1.00 28.78 ? 98  SER A OG  1 
ATOM   791  N N   . ASP A 1 100 ? 6.215   15.218  -6.430  1.00 31.44 ? 99  ASP A N   1 
ATOM   792  C CA  . ASP A 1 100 ? 5.898   14.584  -7.701  1.00 31.42 ? 99  ASP A CA  1 
ATOM   793  C C   . ASP A 1 100 ? 5.954   13.059  -7.609  1.00 27.27 ? 99  ASP A C   1 
ATOM   794  O O   . ASP A 1 100 ? 6.623   12.420  -8.420  1.00 24.60 ? 99  ASP A O   1 
ATOM   795  C CB  . ASP A 1 100 ? 6.902   15.010  -8.757  1.00 34.13 ? 99  ASP A CB  1 
ATOM   796  C CG  . ASP A 1 100 ? 6.452   16.170  -9.571  1.00 38.95 ? 99  ASP A CG  1 
ATOM   797  O OD1 . ASP A 1 100 ? 5.315   16.679  -9.404  1.00 42.46 ? 99  ASP A OD1 1 
ATOM   798  O OD2 . ASP A 1 100 ? 7.283   16.580  -10.394 1.00 43.48 ? 99  ASP A OD2 1 
ATOM   799  N N   . ALA A 1 101 ? 5.225   12.506  -6.644  1.00 26.34 ? 100 ALA A N   1 
ATOM   800  C CA  . ALA A 1 101 ? 5.101   11.047  -6.460  1.00 23.66 ? 100 ALA A CA  1 
ATOM   801  C C   . ALA A 1 101 ? 4.237   10.414  -7.543  1.00 24.67 ? 100 ALA A C   1 
ATOM   802  O O   . ALA A 1 101 ? 3.502   11.097  -8.279  1.00 23.85 ? 100 ALA A O   1 
ATOM   803  C CB  . ALA A 1 101 ? 4.493   10.745  -5.113  1.00 22.72 ? 100 ALA A CB  1 
ATOM   804  N N   . THR A 1 102 ? 4.364   9.098   -7.660  1.00 21.66 ? 101 THR A N   1 
ATOM   805  C CA  . THR A 1 102 ? 3.563   8.354   -8.571  1.00 21.53 ? 101 THR A CA  1 
ATOM   806  C C   . THR A 1 102 ? 2.898   7.258   -7.757  1.00 20.02 ? 101 THR A C   1 
ATOM   807  O O   . THR A 1 102 ? 3.541   6.569   -6.948  1.00 18.61 ? 101 THR A O   1 
ATOM   808  C CB  . THR A 1 102 ? 4.387   7.751   -9.700  1.00 20.17 ? 101 THR A CB  1 
ATOM   809  O OG1 . THR A 1 102 ? 4.963   8.791   -10.461 1.00 20.73 ? 101 THR A OG1 1 
ATOM   810  C CG2 . THR A 1 102 ? 3.493   6.950   -10.648 1.00 19.48 ? 101 THR A CG2 1 
ATOM   811  N N   . LEU A 1 103 ? 1.601   7.122   -7.951  1.00 19.70 ? 102 LEU A N   1 
ATOM   812  C CA  . LEU A 1 103 ? 0.857   6.039   -7.328  1.00 19.02 ? 102 LEU A CA  1 
ATOM   813  C C   . LEU A 1 103 ? 0.827   4.852   -8.282  1.00 20.07 ? 102 LEU A C   1 
ATOM   814  O O   . LEU A 1 103 ? 0.432   4.992   -9.430  1.00 18.48 ? 102 LEU A O   1 
ATOM   815  C CB  . LEU A 1 103 ? -0.541  6.507   -7.057  1.00 19.64 ? 102 LEU A CB  1 
ATOM   816  C CG  . LEU A 1 103 ? -1.450  5.589   -6.327  1.00 19.15 ? 102 LEU A CG  1 
ATOM   817  C CD1 . LEU A 1 103 ? -0.862  5.244   -4.949  1.00 20.80 ? 102 LEU A CD1 1 
ATOM   818  C CD2 . LEU A 1 103 ? -2.802  6.264   -6.205  1.00 20.21 ? 102 LEU A CD2 1 
ATOM   819  N N   . VAL A 1 104 ? 1.285   3.705   -7.800  1.00 21.01 ? 103 VAL A N   1 
ATOM   820  C CA  . VAL A 1 104 ? 1.330   2.470   -8.606  1.00 21.03 ? 103 VAL A CA  1 
ATOM   821  C C   . VAL A 1 104 ? 0.253   1.503   -8.112  1.00 19.83 ? 103 VAL A C   1 
ATOM   822  O O   . VAL A 1 104 ? 0.266   0.984   -6.974  1.00 19.22 ? 103 VAL A O   1 
ATOM   823  C CB  . VAL A 1 104 ? 2.730   1.820   -8.565  1.00 22.00 ? 103 VAL A CB  1 
ATOM   824  C CG1 . VAL A 1 104 ? 2.796   0.509   -9.386  1.00 21.51 ? 103 VAL A CG1 1 
ATOM   825  C CG2 . VAL A 1 104 ? 3.763   2.848   -9.025  1.00 22.11 ? 103 VAL A CG2 1 
ATOM   826  N N   . ILE A 1 105 ? -0.701  1.291   -9.003  1.00 17.60 ? 104 ILE A N   1 
ATOM   827  C CA  . ILE A 1 105 ? -1.831  0.436   -8.752  1.00 17.00 ? 104 ILE A CA  1 
ATOM   828  C C   . ILE A 1 105 ? -1.738  -0.792  -9.645  1.00 15.61 ? 104 ILE A C   1 
ATOM   829  O O   . ILE A 1 105 ? -1.281  -0.733  -10.819 1.00 15.27 ? 104 ILE A O   1 
ATOM   830  C CB  . ILE A 1 105 ? -3.131  1.182   -9.082  1.00 17.07 ? 104 ILE A CB  1 
ATOM   831  C CG1 . ILE A 1 105 ? -3.362  2.383   -8.168  1.00 16.92 ? 104 ILE A CG1 1 
ATOM   832  C CG2 . ILE A 1 105 ? -4.355  0.273   -9.003  1.00 17.32 ? 104 ILE A CG2 1 
ATOM   833  C CD1 . ILE A 1 105 ? -3.986  3.533   -8.931  1.00 16.32 ? 104 ILE A CD1 1 
ATOM   834  N N   . ASN A 1 106 ? -2.191  -1.905  -9.062  1.00 15.47 ? 105 ASN A N   1 
ATOM   835  C CA  . ASN A 1 106 ? -2.196  -3.211  -9.722  1.00 15.42 ? 105 ASN A CA  1 
ATOM   836  C C   . ASN A 1 106 ? -3.291  -4.125  -9.187  1.00 14.90 ? 105 ASN A C   1 
ATOM   837  O O   . ASN A 1 106 ? -3.165  -4.844  -8.179  1.00 15.24 ? 105 ASN A O   1 
ATOM   838  C CB  . ASN A 1 106 ? -0.839  -3.902  -9.620  1.00 16.43 ? 105 ASN A CB  1 
ATOM   839  C CG  . ASN A 1 106 ? -0.687  -4.989  -10.626 1.00 16.93 ? 105 ASN A CG  1 
ATOM   840  O OD1 . ASN A 1 106 ? -1.232  -4.912  -11.751 1.00 15.96 ? 105 ASN A OD1 1 
ATOM   841  N ND2 . ASN A 1 106 ? 0.056   -6.024  -10.251 1.00 19.36 ? 105 ASN A ND2 1 
ATOM   842  N N   . THR A 1 107 ? -4.353  -4.102  -9.937  1.00 15.11 ? 106 THR A N   1 
ATOM   843  C CA  . THR A 1 107 ? -5.573  -4.810  -9.669  1.00 16.29 ? 106 THR A CA  1 
ATOM   844  C C   . THR A 1 107 ? -6.014  -5.502  -10.982 1.00 17.77 ? 106 THR A C   1 
ATOM   845  O O   . THR A 1 107 ? -5.548  -5.154  -12.081 1.00 17.58 ? 106 THR A O   1 
ATOM   846  C CB  . THR A 1 107 ? -6.525  -3.709  -9.250  1.00 17.24 ? 106 THR A CB  1 
ATOM   847  O OG1 . THR A 1 107 ? -6.418  -3.490  -7.828  1.00 19.15 ? 106 THR A OG1 1 
ATOM   848  C CG2 . THR A 1 107 ? -7.841  -3.901  -9.699  1.00 16.75 ? 106 THR A CG2 1 
ATOM   849  N N   . GLU A 1 108 ? -6.914  -6.463  -10.892 1.00 19.83 ? 107 GLU A N   1 
ATOM   850  C CA  . GLU A 1 108 ? -7.447  -7.098  -12.110 1.00 20.76 ? 107 GLU A CA  1 
ATOM   851  C C   . GLU A 1 108 ? -8.171  -6.067  -12.978 1.00 19.64 ? 107 GLU A C   1 
ATOM   852  O O   . GLU A 1 108 ? -8.107  -6.108  -14.195 1.00 17.01 ? 107 GLU A O   1 
ATOM   853  C CB  . GLU A 1 108 ? -8.402  -8.235  -11.706 1.00 23.02 ? 107 GLU A CB  1 
ATOM   854  C CG  . GLU A 1 108 ? -8.833  -9.083  -12.882 1.00 26.48 ? 107 GLU A CG  1 
ATOM   855  C CD  . GLU A 1 108 ? -10.038 -9.906  -12.569 1.00 29.49 ? 107 GLU A CD  1 
ATOM   856  O OE1 . GLU A 1 108 ? -10.398 -10.065 -11.390 1.00 34.07 ? 107 GLU A OE1 1 
ATOM   857  O OE2 . GLU A 1 108 ? -10.643 -10.384 -13.524 1.00 36.47 ? 107 GLU A OE2 1 
ATOM   858  N N   . HIS A 1 109 ? -8.860  -5.131  -12.342 1.00 19.53 ? 108 HIS A N   1 
ATOM   859  C CA  . HIS A 1 109 ? -9.569  -4.058  -13.038 1.00 21.06 ? 108 HIS A CA  1 
ATOM   860  C C   . HIS A 1 109 ? -8.718  -2.859  -13.509 1.00 19.91 ? 108 HIS A C   1 
ATOM   861  O O   . HIS A 1 109 ? -9.089  -2.157  -14.479 1.00 19.62 ? 108 HIS A O   1 
ATOM   862  C CB  . HIS A 1 109 ? -10.755 -3.558  -12.168 1.00 23.41 ? 108 HIS A CB  1 
ATOM   863  C CG  . HIS A 1 109 ? -11.786 -4.619  -11.879 1.00 26.53 ? 108 HIS A CG  1 
ATOM   864  N ND1 . HIS A 1 109 ? -12.018 -5.690  -12.721 1.00 29.71 ? 108 HIS A ND1 1 
ATOM   865  C CD2 . HIS A 1 109 ? -12.669 -4.754  -10.858 1.00 27.74 ? 108 HIS A CD2 1 
ATOM   866  C CE1 . HIS A 1 109 ? -12.996 -6.439  -12.237 1.00 28.83 ? 108 HIS A CE1 1 
ATOM   867  N NE2 . HIS A 1 109 ? -13.398 -5.900  -11.098 1.00 31.58 ? 108 HIS A NE2 1 
ATOM   868  N N   . MET A 1 110 ? -7.588  -2.651  -12.856 1.00 18.40 ? 109 MET A N   1 
ATOM   869  C CA  . MET A 1 110 ? -6.663  -1.528  -13.071 1.00 18.90 ? 109 MET A CA  1 
ATOM   870  C C   . MET A 1 110 ? -5.244  -2.110  -13.011 1.00 17.83 ? 109 MET A C   1 
ATOM   871  O O   . MET A 1 110 ? -4.453  -1.844  -12.111 1.00 21.09 ? 109 MET A O   1 
ATOM   872  C CB  . MET A 1 110 ? -6.879  -0.378  -12.038 1.00 18.72 ? 109 MET A CB  1 
ATOM   873  C CG  . MET A 1 110 ? -8.128  0.474   -12.281 1.00 19.97 ? 109 MET A CG  1 
ATOM   874  S SD  . MET A 1 110 ? -8.512  1.810   -11.101 1.00 22.59 ? 109 MET A SD  1 
ATOM   875  C CE  . MET A 1 110 ? -9.682  1.020   -10.018 1.00 23.31 ? 109 MET A CE  1 
ATOM   876  N N   . PRO A 1 111 ? -4.922  -2.976  -13.961 1.00 18.30 ? 110 PRO A N   1 
ATOM   877  C CA  . PRO A 1 111 ? -3.597  -3.554  -13.994 1.00 18.41 ? 110 PRO A CA  1 
ATOM   878  C C   . PRO A 1 111 ? -2.493  -2.571  -14.405 1.00 17.22 ? 110 PRO A C   1 
ATOM   879  O O   . PRO A 1 111 ? -2.660  -1.747  -15.356 1.00 18.69 ? 110 PRO A O   1 
ATOM   880  C CB  . PRO A 1 111 ? -3.748  -4.642  -15.059 1.00 19.31 ? 110 PRO A CB  1 
ATOM   881  C CG  . PRO A 1 111 ? -4.649  -3.978  -16.055 1.00 18.23 ? 110 PRO A CG  1 
ATOM   882  C CD  . PRO A 1 111 ? -5.684  -3.287  -15.182 1.00 18.82 ? 110 PRO A CD  1 
ATOM   883  N N   . SER A 1 112 ? -1.361  -2.719  -13.739 1.00 16.53 ? 111 SER A N   1 
ATOM   884  C CA  . SER A 1 112 ? -0.131  -1.976  -13.999 1.00 17.14 ? 111 SER A CA  1 
ATOM   885  C C   . SER A 1 112 ? -0.377  -0.511  -14.314 1.00 17.39 ? 111 SER A C   1 
ATOM   886  O O   . SER A 1 112 ? 0.070   -0.044  -15.362 1.00 17.47 ? 111 SER A O   1 
ATOM   887  C CB  . SER A 1 112 ? 0.578   -2.633  -15.177 1.00 18.13 ? 111 SER A CB  1 
ATOM   888  O OG  . SER A 1 112 ? 1.079   -3.889  -14.771 1.00 19.07 ? 111 SER A OG  1 
ATOM   889  N N   . MET A 1 113 ? -1.062  0.194   -13.399 1.00 18.17 ? 112 MET A N   1 
ATOM   890  C CA  . MET A 1 113 ? -1.535  1.587   -13.602 1.00 19.08 ? 112 MET A CA  1 
ATOM   891  C C   . MET A 1 113 ? -0.700  2.610   -12.832 1.00 19.69 ? 112 MET A C   1 
ATOM   892  O O   . MET A 1 113 ? -0.484  2.508   -11.609 1.00 20.78 ? 112 MET A O   1 
ATOM   893  C CB  . MET A 1 113 ? -3.028  1.703   -13.255 1.00 17.73 ? 112 MET A CB  1 
ATOM   894  C CG  . MET A 1 113 ? -3.650  3.112   -13.291 1.00 18.22 ? 112 MET A CG  1 
ATOM   895  S SD  . MET A 1 113 ? -5.360  3.044   -12.715 1.00 18.91 ? 112 MET A SD  1 
ATOM   896  C CE  . MET A 1 113 ? -5.964  4.606   -13.325 1.00 17.38 ? 112 MET A CE  1 
ATOM   897  N N   . PHE A 1 114 ? -0.238  3.618   -13.567 1.00 22.13 ? 113 PHE A N   1 
ATOM   898  C CA  . PHE A 1 114 ? 0.630   4.648   -13.022 1.00 23.91 ? 113 PHE A CA  1 
ATOM   899  C C   . PHE A 1 114 ? -0.144  5.943   -12.928 1.00 22.56 ? 113 PHE A C   1 
ATOM   900  O O   . PHE A 1 114 ? -0.628  6.431   -13.925 1.00 21.63 ? 113 PHE A O   1 
ATOM   901  C CB  . PHE A 1 114 ? 1.810   4.891   -13.956 1.00 27.07 ? 113 PHE A CB  1 
ATOM   902  C CG  . PHE A 1 114 ? 2.812   3.779   -13.995 1.00 31.48 ? 113 PHE A CG  1 
ATOM   903  C CD1 . PHE A 1 114 ? 4.149   4.046   -13.840 1.00 32.30 ? 113 PHE A CD1 1 
ATOM   904  C CD2 . PHE A 1 114 ? 2.427   2.461   -14.236 1.00 35.92 ? 113 PHE A CD2 1 
ATOM   905  C CE1 . PHE A 1 114 ? 5.084   3.040   -13.912 1.00 33.13 ? 113 PHE A CE1 1 
ATOM   906  C CE2 . PHE A 1 114 ? 3.358   1.455   -14.276 1.00 36.67 ? 113 PHE A CE2 1 
ATOM   907  C CZ  . PHE A 1 114 ? 4.697   1.744   -14.111 1.00 32.94 ? 113 PHE A CZ  1 
ATOM   908  N N   . VAL A 1 115 ? -0.207  6.510   -11.740 1.00 22.40 ? 114 VAL A N   1 
ATOM   909  C CA  . VAL A 1 115 ? -1.029  7.686   -11.504 1.00 23.11 ? 114 VAL A CA  1 
ATOM   910  C C   . VAL A 1 115 ? -0.179  8.801   -10.861 1.00 23.30 ? 114 VAL A C   1 
ATOM   911  O O   . VAL A 1 115 ? 0.245   8.717   -9.704  1.00 21.20 ? 114 VAL A O   1 
ATOM   912  C CB  . VAL A 1 115 ? -2.239  7.330   -10.639 1.00 22.93 ? 114 VAL A CB  1 
ATOM   913  C CG1 . VAL A 1 115 ? -3.033  8.575   -10.259 1.00 24.41 ? 114 VAL A CG1 1 
ATOM   914  C CG2 . VAL A 1 115 ? -3.129  6.358   -11.386 1.00 22.42 ? 114 VAL A CG2 1 
ATOM   915  N N   . PRO A 1 116 ? 0.040   9.875   -11.618 1.00 26.39 ? 115 PRO A N   1 
ATOM   916  C CA  . PRO A 1 116 ? 0.902   10.954  -11.219 1.00 27.80 ? 115 PRO A CA  1 
ATOM   917  C C   . PRO A 1 116 ? 0.185   11.839  -10.219 1.00 25.50 ? 115 PRO A C   1 
ATOM   918  O O   . PRO A 1 116 ? -0.485  12.770  -10.614 1.00 28.11 ? 115 PRO A O   1 
ATOM   919  C CB  . PRO A 1 116 ? 1.113   11.696  -12.548 1.00 28.75 ? 115 PRO A CB  1 
ATOM   920  C CG  . PRO A 1 116 ? -0.208  11.607  -13.197 1.00 28.01 ? 115 PRO A CG  1 
ATOM   921  C CD  . PRO A 1 116 ? -0.771  10.258  -12.793 1.00 28.23 ? 115 PRO A CD  1 
ATOM   922  N N   . VAL A 1 117 ? 0.319   11.569  -8.938  1.00 24.74 ? 116 VAL A N   1 
ATOM   923  C CA  . VAL A 1 117 ? -0.500  12.297  -7.943  1.00 25.28 ? 116 VAL A CA  1 
ATOM   924  C C   . VAL A 1 117 ? 0.155   13.590  -7.453  1.00 25.90 ? 116 VAL A C   1 
ATOM   925  O O   . VAL A 1 117 ? -0.450  14.318  -6.670  1.00 27.20 ? 116 VAL A O   1 
ATOM   926  C CB  . VAL A 1 117 ? -0.853  11.456  -6.691  1.00 24.44 ? 116 VAL A CB  1 
ATOM   927  C CG1 . VAL A 1 117 ? -1.653  10.202  -7.052  1.00 24.07 ? 116 VAL A CG1 1 
ATOM   928  C CG2 . VAL A 1 117 ? 0.392   11.120  -5.889  1.00 25.64 ? 116 VAL A CG2 1 
ATOM   929  N N   . GLY A 1 118 ? 1.402   13.838  -7.843  1.00 27.74 ? 117 GLY A N   1 
ATOM   930  C CA  . GLY A 1 118 ? 2.110   15.029  -7.357  1.00 29.61 ? 117 GLY A CA  1 
ATOM   931  C C   . GLY A 1 118 ? 2.676   14.983  -5.940  1.00 30.18 ? 117 GLY A C   1 
ATOM   932  O O   . GLY A 1 118 ? 2.977   13.935  -5.400  1.00 27.85 ? 117 GLY A O   1 
ATOM   933  N N   . ASP A 1 119 ? 2.869   16.157  -5.346  1.00 30.29 ? 118 ASP A N   1 
ATOM   934  C CA  . ASP A 1 119 ? 3.530   16.244  -4.064  1.00 29.47 ? 118 ASP A CA  1 
ATOM   935  C C   . ASP A 1 119 ? 2.676   15.543  -3.018  1.00 27.49 ? 118 ASP A C   1 
ATOM   936  O O   . ASP A 1 119 ? 1.443   15.582  -3.038  1.00 27.00 ? 118 ASP A O   1 
ATOM   937  C CB  . ASP A 1 119 ? 3.814   17.708  -3.617  1.00 32.08 ? 118 ASP A CB  1 
ATOM   938  C CG  . ASP A 1 119 ? 4.657   18.524  -4.607  1.00 32.21 ? 118 ASP A CG  1 
ATOM   939  O OD1 . ASP A 1 119 ? 5.428   18.022  -5.476  1.00 27.45 ? 118 ASP A OD1 1 
ATOM   940  O OD2 . ASP A 1 119 ? 4.539   19.756  -4.479  1.00 37.23 ? 118 ASP A OD2 1 
ATOM   941  N N   . VAL A 1 120 ? 3.353   14.878  -2.096  1.00 25.95 ? 119 VAL A N   1 
ATOM   942  C CA  . VAL A 1 120 ? 2.691   14.133  -1.038  1.00 24.09 ? 119 VAL A CA  1 
ATOM   943  C C   . VAL A 1 120 ? 3.013   14.812  0.259   1.00 23.59 ? 119 VAL A C   1 
ATOM   944  O O   . VAL A 1 120 ? 4.172   14.909  0.606   1.00 27.32 ? 119 VAL A O   1 
ATOM   945  C CB  . VAL A 1 120 ? 3.235   12.697  -0.980  1.00 21.67 ? 119 VAL A CB  1 
ATOM   946  C CG1 . VAL A 1 120 ? 2.768   12.023  0.290   1.00 20.84 ? 119 VAL A CG1 1 
ATOM   947  C CG2 . VAL A 1 120 ? 2.771   11.939  -2.211  1.00 20.37 ? 119 VAL A CG2 1 
ATOM   948  N N   . VAL A 1 121 ? 2.029   15.293  0.990   1.00 25.60 ? 120 VAL A N   1 
ATOM   949  C CA  . VAL A 1 121 ? 2.333   16.135  2.154   1.00 26.22 ? 120 VAL A CA  1 
ATOM   950  C C   . VAL A 1 121 ? 1.892   15.472  3.421   1.00 29.03 ? 120 VAL A C   1 
ATOM   951  O O   . VAL A 1 121 ? 1.002   14.623  3.368   1.00 29.36 ? 120 VAL A O   1 
ATOM   952  C CB  . VAL A 1 121 ? 1.710   17.568  2.047   1.00 24.50 ? 120 VAL A CB  1 
ATOM   953  C CG1 . VAL A 1 121 ? 2.063   18.209  0.721   1.00 24.40 ? 120 VAL A CG1 1 
ATOM   954  C CG2 . VAL A 1 121 ? 0.208   17.566  2.267   1.00 25.18 ? 120 VAL A CG2 1 
ATOM   955  N N   . GLN A 1 122 ? 2.481   15.866  4.568   1.00 32.19 ? 121 GLN A N   1 
ATOM   956  C CA  . GLN A 1 122 ? 2.007   15.355  5.856   1.00 33.53 ? 121 GLN A CA  1 
ATOM   957  C C   . GLN A 1 122 ? 0.577   15.801  5.977   1.00 34.13 ? 121 GLN A C   1 
ATOM   958  O O   . GLN A 1 122 ? 0.249   16.920  5.641   1.00 36.95 ? 121 GLN A O   1 
ATOM   959  C CB  . GLN A 1 122 ? 2.755   15.899  7.089   1.00 33.76 ? 121 GLN A CB  1 
ATOM   960  C CG  . GLN A 1 122 ? 4.235   15.606  7.203   1.00 35.56 ? 121 GLN A CG  1 
ATOM   961  C CD  . GLN A 1 122 ? 4.606   14.137  7.033   1.00 37.58 ? 121 GLN A CD  1 
ATOM   962  O OE1 . GLN A 1 122 ? 3.768   13.212  7.106   1.00 36.43 ? 121 GLN A OE1 1 
ATOM   963  N NE2 . GLN A 1 122 ? 5.868   13.917  6.804   1.00 36.63 ? 121 GLN A NE2 1 
ATOM   964  N N   . TYR A 1 123 ? -0.275  14.915  6.458   1.00 35.38 ? 122 TYR A N   1 
ATOM   965  C CA  . TYR A 1 123 ? -1.661  15.240  6.704   1.00 34.00 ? 122 TYR A CA  1 
ATOM   966  C C   . TYR A 1 123 ? -1.988  14.892  8.149   1.00 32.15 ? 122 TYR A C   1 
ATOM   967  O O   . TYR A 1 123 ? -2.594  15.676  8.852   1.00 28.82 ? 122 TYR A O   1 
ATOM   968  C CB  . TYR A 1 123 ? -2.582  14.512  5.705   1.00 35.24 ? 122 TYR A CB  1 
ATOM   969  C CG  . TYR A 1 123 ? -3.972  15.122  5.587   1.00 35.40 ? 122 TYR A CG  1 
ATOM   970  C CD1 . TYR A 1 123 ? -4.222  16.182  4.715   1.00 36.65 ? 122 TYR A CD1 1 
ATOM   971  C CD2 . TYR A 1 123 ? -5.019  14.668  6.361   1.00 36.26 ? 122 TYR A CD2 1 
ATOM   972  C CE1 . TYR A 1 123 ? -5.480  16.761  4.617   1.00 35.68 ? 122 TYR A CE1 1 
ATOM   973  C CE2 . TYR A 1 123 ? -6.286  15.243  6.264   1.00 37.85 ? 122 TYR A CE2 1 
ATOM   974  C CZ  . TYR A 1 123 ? -6.499  16.286  5.383   1.00 36.93 ? 122 TYR A CZ  1 
ATOM   975  O OH  . TYR A 1 123 ? -7.740  16.864  5.299   1.00 38.61 ? 122 TYR A OH  1 
ATOM   976  N N   . GLY A 1 124 ? -1.588  13.718  8.606   1.00 32.30 ? 123 GLY A N   1 
ATOM   977  C CA  . GLY A 1 124 ? -1.865  13.300  9.984   1.00 31.46 ? 123 GLY A CA  1 
ATOM   978  C C   . GLY A 1 124 ? -3.169  12.519  10.158  1.00 34.45 ? 123 GLY A C   1 
ATOM   979  O O   . GLY A 1 124 ? -3.273  11.336  9.757   1.00 35.10 ? 123 GLY A O   1 
ATOM   980  N N   . PHE A 1 125 ? -4.156  13.184  10.765  1.00 32.44 ? 124 PHE A N   1 
ATOM   981  C CA  . PHE A 1 125 ? -5.476  12.635  11.043  1.00 32.00 ? 124 PHE A CA  1 
ATOM   982  C C   . PHE A 1 125 ? -6.440  12.639  9.837   1.00 32.80 ? 124 PHE A C   1 
ATOM   983  O O   . PHE A 1 125 ? -6.571  13.635  9.113   1.00 36.75 ? 124 PHE A O   1 
ATOM   984  C CB  . PHE A 1 125 ? -6.110  13.418  12.176  1.00 34.02 ? 124 PHE A CB  1 
ATOM   985  C CG  . PHE A 1 125 ? -7.497  12.991  12.486  1.00 32.94 ? 124 PHE A CG  1 
ATOM   986  C CD1 . PHE A 1 125 ? -7.732  12.182  13.587  1.00 33.10 ? 124 PHE A CD1 1 
ATOM   987  C CD2 . PHE A 1 125 ? -8.567  13.361  11.659  1.00 31.85 ? 124 PHE A CD2 1 
ATOM   988  C CE1 . PHE A 1 125 ? -9.016  11.777  13.898  1.00 33.90 ? 124 PHE A CE1 1 
ATOM   989  C CE2 . PHE A 1 125 ? -9.851  12.936  11.944  1.00 33.27 ? 124 PHE A CE2 1 
ATOM   990  C CZ  . PHE A 1 125 ? -10.080 12.152  13.075  1.00 34.33 ? 124 PHE A CZ  1 
ATOM   991  N N   . LEU A 1 126 ? -7.125  11.511  9.632   1.00 33.01 ? 125 LEU A N   1 
ATOM   992  C CA  . LEU A 1 126 ? -8.119  11.382  8.566   1.00 30.24 ? 125 LEU A CA  1 
ATOM   993  C C   . LEU A 1 126 ? -9.281  10.590  9.097   1.00 29.82 ? 125 LEU A C   1 
ATOM   994  O O   . LEU A 1 126 ? -9.126  9.648   9.852   1.00 29.33 ? 125 LEU A O   1 
ATOM   995  C CB  . LEU A 1 126 ? -7.524  10.746  7.313   1.00 30.17 ? 125 LEU A CB  1 
ATOM   996  C CG  . LEU A 1 126 ? -8.420  10.490  6.110   1.00 30.67 ? 125 LEU A CG  1 
ATOM   997  C CD1 . LEU A 1 126 ? -8.861  11.802  5.500   1.00 31.28 ? 125 LEU A CD1 1 
ATOM   998  C CD2 . LEU A 1 126 ? -7.686  9.644   5.067   1.00 30.50 ? 125 LEU A CD2 1 
ATOM   999  N N   . ASN A 1 127 ? -10.475 11.026  8.760   1.00 31.70 ? 126 ASN A N   1 
ATOM   1000 C CA  . ASN A 1 127 ? -11.655 10.333  9.212   1.00 36.34 ? 126 ASN A CA  1 
ATOM   1001 C C   . ASN A 1 127 ? -12.203 9.465   8.082   1.00 38.63 ? 126 ASN A C   1 
ATOM   1002 O O   . ASN A 1 127 ? -12.654 9.965   7.060   1.00 41.07 ? 126 ASN A O   1 
ATOM   1003 C CB  . ASN A 1 127 ? -12.686 11.325  9.695   1.00 38.83 ? 126 ASN A CB  1 
ATOM   1004 C CG  . ASN A 1 127 ? -14.072 10.803  9.571   1.00 38.02 ? 126 ASN A CG  1 
ATOM   1005 O OD1 . ASN A 1 127 ? -14.891 11.428  8.907   1.00 39.94 ? 126 ASN A OD1 1 
ATOM   1006 N ND2 . ASN A 1 127 ? -14.356 9.648   10.204  1.00 40.52 ? 126 ASN A ND2 1 
ATOM   1007 N N   . LEU A 1 128 ? -12.142 8.158   8.274   1.00 35.39 ? 127 LEU A N   1 
ATOM   1008 C CA  . LEU A 1 128 ? -12.412 7.215   7.204   1.00 34.21 ? 127 LEU A CA  1 
ATOM   1009 C C   . LEU A 1 128 ? -13.789 6.614   7.361   1.00 31.49 ? 127 LEU A C   1 
ATOM   1010 O O   . LEU A 1 128 ? -13.937 5.577   7.966   1.00 26.76 ? 127 LEU A O   1 
ATOM   1011 C CB  . LEU A 1 128 ? -11.395 6.096   7.281   1.00 37.09 ? 127 LEU A CB  1 
ATOM   1012 C CG  . LEU A 1 128 ? -10.568 5.897   6.053   1.00 40.59 ? 127 LEU A CG  1 
ATOM   1013 C CD1 . LEU A 1 128 ? -10.277 7.190   5.296   1.00 41.68 ? 127 LEU A CD1 1 
ATOM   1014 C CD2 . LEU A 1 128 ? -9.281  5.220   6.526   1.00 41.86 ? 127 LEU A CD2 1 
ATOM   1015 N N   . SER A 1 129 ? -14.804 7.281   6.818   1.00 35.27 ? 128 SER A N   1 
ATOM   1016 C CA  . SER A 1 129 ? -16.170 6.791   6.908   1.00 34.26 ? 128 SER A CA  1 
ATOM   1017 C C   . SER A 1 129 ? -16.528 6.414   8.349   1.00 34.79 ? 128 SER A C   1 
ATOM   1018 O O   . SER A 1 129 ? -17.078 5.355   8.605   1.00 38.80 ? 128 SER A O   1 
ATOM   1019 C CB  . SER A 1 129 ? -16.337 5.612   5.937   1.00 34.16 ? 128 SER A CB  1 
ATOM   1020 O OG  . SER A 1 129 ? -16.099 6.041   4.597   1.00 29.32 ? 128 SER A OG  1 
ATOM   1021 N N   . GLY A 1 130 ? -16.162 7.278   9.291   1.00 36.51 ? 129 GLY A N   1 
ATOM   1022 C CA  . GLY A 1 130 ? -16.425 7.047   10.724  1.00 36.33 ? 129 GLY A CA  1 
ATOM   1023 C C   . GLY A 1 130 ? -15.297 6.409   11.536  1.00 38.30 ? 129 GLY A C   1 
ATOM   1024 O O   . GLY A 1 130 ? -15.439 6.160   12.743  1.00 35.99 ? 129 GLY A O   1 
ATOM   1025 N N   . LYS A 1 131 ? -14.167 6.127   10.899  1.00 36.30 ? 130 LYS A N   1 
ATOM   1026 C CA  . LYS A 1 131 ? -13.042 5.513   11.593  1.00 32.03 ? 130 LYS A CA  1 
ATOM   1027 C C   . LYS A 1 131 ? -11.886 6.511   11.594  1.00 32.54 ? 130 LYS A C   1 
ATOM   1028 O O   . LYS A 1 131 ? -11.373 6.892   10.521  1.00 30.80 ? 130 LYS A O   1 
ATOM   1029 C CB  . LYS A 1 131 ? -12.685 4.216   10.903  1.00 33.01 ? 130 LYS A CB  1 
ATOM   1030 C CG  . LYS A 1 131 ? -11.298 3.684   11.171  1.00 33.55 ? 130 LYS A CG  1 
ATOM   1031 C CD  . LYS A 1 131 ? -11.340 2.611   12.218  1.00 34.76 ? 130 LYS A CD  1 
ATOM   1032 C CE  . LYS A 1 131 ? -12.060 1.352   11.748  1.00 34.28 ? 130 LYS A CE  1 
ATOM   1033 N NZ  . LYS A 1 131 ? -12.511 0.612   12.959  1.00 36.04 ? 130 LYS A NZ  1 
ATOM   1034 N N   . PRO A 1 132 ? -11.529 7.016   12.798  1.00 30.11 ? 131 PRO A N   1 
ATOM   1035 C CA  . PRO A 1 132 ? -10.353 7.871   12.949  1.00 29.48 ? 131 PRO A CA  1 
ATOM   1036 C C   . PRO A 1 132 ? -9.036  7.101   12.685  1.00 27.53 ? 131 PRO A C   1 
ATOM   1037 O O   . PRO A 1 132 ? -8.852  5.980   13.113  1.00 28.04 ? 131 PRO A O   1 
ATOM   1038 C CB  . PRO A 1 132 ? -10.424 8.360   14.396  1.00 30.65 ? 131 PRO A CB  1 
ATOM   1039 C CG  . PRO A 1 132 ? -11.655 7.760   15.015  1.00 29.91 ? 131 PRO A CG  1 
ATOM   1040 C CD  . PRO A 1 132 ? -12.218 6.755   14.072  1.00 29.66 ? 131 PRO A CD  1 
ATOM   1041 N N   . THR A 1 133 ? -8.122  7.756   12.019  1.00 27.23 ? 132 THR A N   1 
ATOM   1042 C CA  . THR A 1 133 ? -7.008  7.081   11.421  1.00 27.86 ? 132 THR A CA  1 
ATOM   1043 C C   . THR A 1 133 ? -5.867  8.054   11.493  1.00 26.35 ? 132 THR A C   1 
ATOM   1044 O O   . THR A 1 133 ? -6.017  9.217   11.083  1.00 30.98 ? 132 THR A O   1 
ATOM   1045 C CB  . THR A 1 133 ? -7.339  6.714   9.954   1.00 25.31 ? 132 THR A CB  1 
ATOM   1046 O OG1 . THR A 1 133 ? -8.416  5.760   9.973   1.00 24.65 ? 132 THR A OG1 1 
ATOM   1047 C CG2 . THR A 1 133 ? -6.085  6.158   9.204   1.00 24.11 ? 132 THR A CG2 1 
ATOM   1048 N N   . HIS A 1 134 ? -4.741  7.585   12.040  1.00 25.00 ? 133 HIS A N   1 
ATOM   1049 C CA  . HIS A 1 134 ? -3.539  8.387   12.098  1.00 23.78 ? 133 HIS A CA  1 
ATOM   1050 C C   . HIS A 1 134 ? -2.494  8.083   11.042  1.00 24.27 ? 133 HIS A C   1 
ATOM   1051 O O   . HIS A 1 134 ? -2.560  7.078   10.297  1.00 20.76 ? 133 HIS A O   1 
ATOM   1052 C CB  . HIS A 1 134 ? -2.946  8.299   13.481  1.00 25.97 ? 133 HIS A CB  1 
ATOM   1053 C CG  . HIS A 1 134 ? -3.745  9.035   14.510  1.00 26.29 ? 133 HIS A CG  1 
ATOM   1054 N ND1 . HIS A 1 134 ? -3.551  8.881   15.863  1.00 29.97 ? 133 HIS A ND1 1 
ATOM   1055 C CD2 . HIS A 1 134 ? -4.747  9.939   14.375  1.00 27.37 ? 133 HIS A CD2 1 
ATOM   1056 C CE1 . HIS A 1 134 ? -4.391  9.669   16.520  1.00 27.32 ? 133 HIS A CE1 1 
ATOM   1057 N NE2 . HIS A 1 134 ? -5.126  10.318  15.639  1.00 25.55 ? 133 HIS A NE2 1 
ATOM   1058 N N   . ARG A 1 135 ? -1.534  9.004   10.976  1.00 24.30 ? 134 ARG A N   1 
ATOM   1059 C CA  . ARG A 1 135 ? -0.280  8.826   10.241  1.00 23.63 ? 134 ARG A CA  1 
ATOM   1060 C C   . ARG A 1 135 ? -0.472  8.774   8.723   1.00 24.32 ? 134 ARG A C   1 
ATOM   1061 O O   . ARG A 1 135 ? 0.264   8.100   8.012   1.00 26.19 ? 134 ARG A O   1 
ATOM   1062 C CB  . ARG A 1 135 ? 0.485   7.609   10.765  1.00 21.33 ? 134 ARG A CB  1 
ATOM   1063 C CG  . ARG A 1 135 ? 0.741   7.634   12.263  1.00 20.32 ? 134 ARG A CG  1 
ATOM   1064 C CD  . ARG A 1 135 ? 1.931   6.768   12.624  1.00 20.68 ? 134 ARG A CD  1 
ATOM   1065 N NE  . ARG A 1 135 ? 2.018   6.507   14.059  1.00 19.30 ? 134 ARG A NE  1 
ATOM   1066 C CZ  . ARG A 1 135 ? 2.771   5.562   14.586  1.00 21.06 ? 134 ARG A CZ  1 
ATOM   1067 N NH1 . ARG A 1 135 ? 3.528   4.763   13.813  1.00 21.50 ? 134 ARG A NH1 1 
ATOM   1068 N NH2 . ARG A 1 135 ? 2.754   5.385   15.889  1.00 20.86 ? 134 ARG A NH2 1 
ATOM   1069 N N   . THR A 1 136 ? -1.438  9.553   8.252   1.00 24.96 ? 135 THR A N   1 
ATOM   1070 C CA  . THR A 1 136 ? -1.756  9.671   6.831   1.00 22.43 ? 135 THR A CA  1 
ATOM   1071 C C   . THR A 1 136 ? -1.024  10.829  6.184   1.00 23.49 ? 135 THR A C   1 
ATOM   1072 O O   . THR A 1 136 ? -0.628  11.784  6.839   1.00 24.13 ? 135 THR A O   1 
ATOM   1073 C CB  . THR A 1 136 ? -3.293  9.849   6.607   1.00 21.61 ? 135 THR A CB  1 
ATOM   1074 O OG1 . THR A 1 136 ? -3.735  11.172  7.011   1.00 21.31 ? 135 THR A OG1 1 
ATOM   1075 C CG2 . THR A 1 136 ? -4.090  8.787   7.379   1.00 19.25 ? 135 THR A CG2 1 
ATOM   1076 N N   . MET A 1 137 ? -0.857  10.724  4.872   1.00 24.53 ? 136 MET A N   1 
ATOM   1077 C CA  . MET A 1 137 ? -0.423  11.817  4.033   1.00 23.00 ? 136 MET A CA  1 
ATOM   1078 C C   . MET A 1 137 ? -1.459  12.033  2.916   1.00 22.28 ? 136 MET A C   1 
ATOM   1079 O O   . MET A 1 137 ? -2.410  11.253  2.767   1.00 21.60 ? 136 MET A O   1 
ATOM   1080 C CB  . MET A 1 137 ? 1.000   11.533  3.498   1.00 25.04 ? 136 MET A CB  1 
ATOM   1081 C CG  . MET A 1 137 ? 2.057   11.460  4.615   1.00 26.03 ? 136 MET A CG  1 
ATOM   1082 S SD  . MET A 1 137 ? 3.753   11.348  4.036   1.00 26.12 ? 136 MET A SD  1 
ATOM   1083 C CE  . MET A 1 137 ? 3.735   9.760   3.215   1.00 29.16 ? 136 MET A CE  1 
ATOM   1084 N N   . MET A 1 138 ? -1.272  13.089  2.125   1.00 23.35 ? 137 MET A N   1 
ATOM   1085 C CA  . MET A 1 138 ? -2.309  13.610  1.238   1.00 24.85 ? 137 MET A CA  1 
ATOM   1086 C C   . MET A 1 138 ? -1.681  14.094  -0.044  1.00 23.96 ? 137 MET A C   1 
ATOM   1087 O O   . MET A 1 138 ? -0.546  14.616  -0.043  1.00 23.41 ? 137 MET A O   1 
ATOM   1088 C CB  . MET A 1 138 ? -3.085  14.764  1.937   1.00 27.15 ? 137 MET A CB  1 
ATOM   1089 C CG  . MET A 1 138 ? -4.104  15.488  1.056   1.00 27.47 ? 137 MET A CG  1 
ATOM   1090 S SD  . MET A 1 138 ? -3.428  16.650  -0.134  1.00 30.00 ? 137 MET A SD  1 
ATOM   1091 C CE  . MET A 1 138 ? -3.584  18.144  0.885   1.00 29.86 ? 137 MET A CE  1 
ATOM   1092 N N   . TYR A 1 139 ? -2.394  13.875  -1.154  1.00 23.65 ? 138 TYR A N   1 
ATOM   1093 C CA  . TYR A 1 139 ? -1.991  14.367  -2.477  1.00 23.14 ? 138 TYR A CA  1 
ATOM   1094 C C   . TYR A 1 139 ? -3.237  14.959  -3.116  1.00 25.91 ? 138 TYR A C   1 
ATOM   1095 O O   . TYR A 1 139 ? -4.341  14.394  -2.990  1.00 24.75 ? 138 TYR A O   1 
ATOM   1096 C CB  . TYR A 1 139 ? -1.397  13.274  -3.377  1.00 23.26 ? 138 TYR A CB  1 
ATOM   1097 C CG  . TYR A 1 139 ? -1.691  11.856  -2.896  1.00 24.68 ? 138 TYR A CG  1 
ATOM   1098 C CD1 . TYR A 1 139 ? -2.623  11.065  -3.533  1.00 22.50 ? 138 TYR A CD1 1 
ATOM   1099 C CD2 . TYR A 1 139 ? -1.014  11.304  -1.772  1.00 23.37 ? 138 TYR A CD2 1 
ATOM   1100 C CE1 . TYR A 1 139 ? -2.896  9.785   -3.063  1.00 22.14 ? 138 TYR A CE1 1 
ATOM   1101 C CE2 . TYR A 1 139 ? -1.299  10.027  -1.315  1.00 22.49 ? 138 TYR A CE2 1 
ATOM   1102 C CZ  . TYR A 1 139 ? -2.237  9.276   -1.964  1.00 21.40 ? 138 TYR A CZ  1 
ATOM   1103 O OH  . TYR A 1 139 ? -2.496  8.008   -1.511  1.00 21.10 ? 138 TYR A OH  1 
ATOM   1104 N N   . ASN A 1 140 ? -3.096  16.113  -3.774  1.00 27.00 ? 139 ASN A N   1 
ATOM   1105 C CA  . ASN A 1 140 ? -4.282  16.773  -4.313  1.00 27.37 ? 139 ASN A CA  1 
ATOM   1106 C C   . ASN A 1 140 ? -4.524  16.173  -5.684  1.00 27.83 ? 139 ASN A C   1 
ATOM   1107 O O   . ASN A 1 140 ? -4.250  16.798  -6.699  1.00 26.96 ? 139 ASN A O   1 
ATOM   1108 C CB  . ASN A 1 140 ? -4.126  18.305  -4.343  1.00 27.98 ? 139 ASN A CB  1 
ATOM   1109 C CG  . ASN A 1 140 ? -4.226  18.936  -2.953  1.00 27.88 ? 139 ASN A CG  1 
ATOM   1110 O OD1 . ASN A 1 140 ? -3.304  19.597  -2.502  1.00 32.69 ? 139 ASN A OD1 1 
ATOM   1111 N ND2 . ASN A 1 140 ? -5.352  18.771  -2.293  1.00 28.49 ? 139 ASN A ND2 1 
ATOM   1112 N N   . PHE A 1 141 ? -5.004  14.921  -5.689  1.00 27.45 ? 140 PHE A N   1 
ATOM   1113 C CA  . PHE A 1 141 ? -5.382  14.227  -6.910  1.00 26.52 ? 140 PHE A CA  1 
ATOM   1114 C C   . PHE A 1 141 ? -6.717  13.544  -6.624  1.00 25.99 ? 140 PHE A C   1 
ATOM   1115 O O   . PHE A 1 141 ? -6.929  13.057  -5.509  1.00 26.43 ? 140 PHE A O   1 
ATOM   1116 C CB  . PHE A 1 141 ? -4.336  13.178  -7.345  1.00 25.68 ? 140 PHE A CB  1 
ATOM   1117 C CG  . PHE A 1 141 ? -4.568  12.622  -8.739  1.00 27.20 ? 140 PHE A CG  1 
ATOM   1118 C CD1 . PHE A 1 141 ? -4.008  13.223  -9.832  1.00 26.14 ? 140 PHE A CD1 1 
ATOM   1119 C CD2 . PHE A 1 141 ? -5.375  11.495  -8.941  1.00 29.25 ? 140 PHE A CD2 1 
ATOM   1120 C CE1 . PHE A 1 141 ? -4.215  12.730  -11.098 1.00 27.97 ? 140 PHE A CE1 1 
ATOM   1121 C CE2 . PHE A 1 141 ? -5.598  10.991  -10.209 1.00 26.72 ? 140 PHE A CE2 1 
ATOM   1122 C CZ  . PHE A 1 141 ? -5.024  11.623  -11.293 1.00 27.77 ? 140 PHE A CZ  1 
ATOM   1123 N N   . PRO A 1 142 ? -7.611  13.475  -7.633  1.00 25.19 ? 141 PRO A N   1 
ATOM   1124 C CA  . PRO A 1 142 ? -8.900  12.865  -7.304  1.00 24.79 ? 141 PRO A CA  1 
ATOM   1125 C C   . PRO A 1 142 ? -8.845  11.355  -7.555  1.00 24.02 ? 141 PRO A C   1 
ATOM   1126 O O   . PRO A 1 142 ? -9.313  10.878  -8.579  1.00 23.97 ? 141 PRO A O   1 
ATOM   1127 C CB  . PRO A 1 142 ? -9.856  13.584  -8.228  1.00 24.36 ? 141 PRO A CB  1 
ATOM   1128 C CG  . PRO A 1 142 ? -9.036  13.897  -9.434  1.00 26.73 ? 141 PRO A CG  1 
ATOM   1129 C CD  . PRO A 1 142 ? -7.590  14.006  -9.000  1.00 24.94 ? 141 PRO A CD  1 
ATOM   1130 N N   . THR A 1 143 ? -8.272  10.630  -6.599  1.00 23.97 ? 142 THR A N   1 
ATOM   1131 C CA  . THR A 1 143 ? -8.196  9.184   -6.646  1.00 22.80 ? 142 THR A CA  1 
ATOM   1132 C C   . THR A 1 143 ? -9.620  8.621   -6.567  1.00 25.01 ? 142 THR A C   1 
ATOM   1133 O O   . THR A 1 143 ? -10.573 9.393   -6.274  1.00 22.75 ? 142 THR A O   1 
ATOM   1134 C CB  . THR A 1 143 ? -7.314  8.647   -5.508  1.00 23.89 ? 142 THR A CB  1 
ATOM   1135 O OG1 . THR A 1 143 ? -7.752  9.173   -4.238  1.00 22.82 ? 142 THR A OG1 1 
ATOM   1136 C CG2 . THR A 1 143 ? -5.828  9.022   -5.759  1.00 23.87 ? 142 THR A CG2 1 
ATOM   1137 N N   . LYS A 1 144 ? -9.770  7.312   -6.855  1.00 22.16 ? 143 LYS A N   1 
ATOM   1138 C CA  . LYS A 1 144 ? -11.101 6.663   -6.872  1.00 22.47 ? 143 LYS A CA  1 
ATOM   1139 C C   . LYS A 1 144 ? -11.175 5.275   -6.279  1.00 20.35 ? 143 LYS A C   1 
ATOM   1140 O O   . LYS A 1 144 ? -10.155 4.662   -5.985  1.00 19.33 ? 143 LYS A O   1 
ATOM   1141 C CB  . LYS A 1 144 ? -11.638 6.633   -8.306  1.00 25.42 ? 143 LYS A CB  1 
ATOM   1142 C CG  . LYS A 1 144 ? -10.779 5.918   -9.303  1.00 26.61 ? 143 LYS A CG  1 
ATOM   1143 C CD  . LYS A 1 144 ? -11.311 6.179   -10.713 1.00 29.57 ? 143 LYS A CD  1 
ATOM   1144 C CE  . LYS A 1 144 ? -12.021 4.996   -11.333 1.00 32.36 ? 143 LYS A CE  1 
ATOM   1145 N NZ  . LYS A 1 144 ? -11.087 4.285   -12.269 1.00 37.10 ? 143 LYS A NZ  1 
ATOM   1146 N N   . ALA A 1 145 ? -12.405 4.766   -6.118  1.00 22.02 ? 144 ALA A N   1 
ATOM   1147 C CA  . ALA A 1 145 ? -12.621 3.381   -5.734  1.00 21.48 ? 144 ALA A CA  1 
ATOM   1148 C C   . ALA A 1 145 ? -11.811 2.447   -6.629  1.00 20.08 ? 144 ALA A C   1 
ATOM   1149 O O   . ALA A 1 145 ? -11.617 2.693   -7.830  1.00 20.20 ? 144 ALA A O   1 
ATOM   1150 C CB  . ALA A 1 145 ? -14.111 2.996   -5.767  1.00 22.65 ? 144 ALA A CB  1 
ATOM   1151 N N   . GLY A 1 146 ? -11.300 1.385   -6.009  1.00 19.96 ? 145 GLY A N   1 
ATOM   1152 C CA  . GLY A 1 146 ? -10.519 0.400   -6.709  1.00 18.91 ? 145 GLY A CA  1 
ATOM   1153 C C   . GLY A 1 146 ? -9.036  0.687   -6.624  1.00 18.28 ? 145 GLY A C   1 
ATOM   1154 O O   . GLY A 1 146 ? -8.251  -0.123  -7.080  1.00 17.35 ? 145 GLY A O   1 
ATOM   1155 N N   . GLN A 1 147 ? -8.643  1.830   -6.045  1.00 16.54 ? 146 GLN A N   1 
ATOM   1156 C CA  . GLN A 1 147 ? -7.249  2.202   -5.996  1.00 16.87 ? 146 GLN A CA  1 
ATOM   1157 C C   . GLN A 1 147 ? -6.584  1.996   -4.634  1.00 16.89 ? 146 GLN A C   1 
ATOM   1158 O O   . GLN A 1 147 ? -5.415  2.255   -4.508  1.00 20.08 ? 146 GLN A O   1 
ATOM   1159 C CB  . GLN A 1 147 ? -7.056  3.621   -6.534  1.00 17.42 ? 146 GLN A CB  1 
ATOM   1160 C CG  . GLN A 1 147 ? -7.314  3.680   -8.058  1.00 16.90 ? 146 GLN A CG  1 
ATOM   1161 C CD  . GLN A 1 147 ? -7.235  5.074   -8.659  1.00 17.48 ? 146 GLN A CD  1 
ATOM   1162 O OE1 . GLN A 1 147 ? -7.392  6.075   -7.974  1.00 16.77 ? 146 GLN A OE1 1 
ATOM   1163 N NE2 . GLN A 1 147 ? -6.983  5.135   -9.968  1.00 19.53 ? 146 GLN A NE2 1 
ATOM   1164 N N   . CYS A 1 148 ? -7.316  1.511   -3.646  1.00 18.18 ? 147 CYS A N   1 
ATOM   1165 C CA  . CYS A 1 148 ? -6.768  1.237   -2.306  1.00 18.78 ? 147 CYS A CA  1 
ATOM   1166 C C   . CYS A 1 148 ? -5.734  0.107   -2.372  1.00 18.41 ? 147 CYS A C   1 
ATOM   1167 O O   . CYS A 1 148 ? -5.930  -0.850  -3.118  1.00 17.59 ? 147 CYS A O   1 
ATOM   1168 C CB  . CYS A 1 148 ? -7.866  0.917   -1.311  1.00 19.78 ? 147 CYS A CB  1 
ATOM   1169 S SG  . CYS A 1 148 ? -8.759  2.416   -0.918  1.00 20.92 ? 147 CYS A SG  1 
ATOM   1170 N N   . GLY A 1 149 ? -4.593  0.322   -1.715  1.00 16.86 ? 148 GLY A N   1 
ATOM   1171 C CA  . GLY A 1 149 ? -3.481  -0.596  -1.745  1.00 17.51 ? 148 GLY A CA  1 
ATOM   1172 C C   . GLY A 1 149 ? -2.406  -0.060  -2.650  1.00 17.10 ? 148 GLY A C   1 
ATOM   1173 O O   . GLY A 1 149 ? -1.259  -0.469  -2.555  1.00 16.78 ? 148 GLY A O   1 
ATOM   1174 N N   . GLY A 1 150 ? -2.778  0.852   -3.543  1.00 16.84 ? 149 GLY A N   1 
ATOM   1175 C CA  . GLY A 1 150 ? -1.818  1.481   -4.439  1.00 15.98 ? 149 GLY A CA  1 
ATOM   1176 C C   . GLY A 1 150 ? -0.601  2.005   -3.699  1.00 15.99 ? 149 GLY A C   1 
ATOM   1177 O O   . GLY A 1 150 ? -0.688  2.479   -2.559  1.00 16.20 ? 149 GLY A O   1 
ATOM   1178 N N   . VAL A 1 151 ? 0.557   1.857   -4.318  1.00 16.15 ? 150 VAL A N   1 
ATOM   1179 C CA  . VAL A 1 151 ? 1.804   2.185   -3.643  1.00 17.64 ? 150 VAL A CA  1 
ATOM   1180 C C   . VAL A 1 151 ? 2.297   3.553   -4.076  1.00 17.52 ? 150 VAL A C   1 
ATOM   1181 O O   . VAL A 1 151 ? 2.536   3.811   -5.281  1.00 16.42 ? 150 VAL A O   1 
ATOM   1182 C CB  . VAL A 1 151 ? 2.865   1.114   -3.895  1.00 17.80 ? 150 VAL A CB  1 
ATOM   1183 C CG1 . VAL A 1 151 ? 4.120   1.377   -3.104  1.00 18.83 ? 150 VAL A CG1 1 
ATOM   1184 C CG2 . VAL A 1 151 ? 2.333   -0.250  -3.530  1.00 18.59 ? 150 VAL A CG2 1 
ATOM   1185 N N   . VAL A 1 152 ? 2.386   4.432   -3.075  1.00 18.83 ? 151 VAL A N   1 
ATOM   1186 C CA  . VAL A 1 152 ? 2.893   5.796   -3.246  1.00 19.36 ? 151 VAL A CA  1 
ATOM   1187 C C   . VAL A 1 152 ? 4.435   5.781   -3.366  1.00 20.06 ? 151 VAL A C   1 
ATOM   1188 O O   . VAL A 1 152 ? 5.131   5.367   -2.457  1.00 18.47 ? 151 VAL A O   1 
ATOM   1189 C CB  . VAL A 1 152 ? 2.413   6.747   -2.108  1.00 19.16 ? 151 VAL A CB  1 
ATOM   1190 C CG1 . VAL A 1 152 ? 2.802   8.166   -2.409  1.00 19.48 ? 151 VAL A CG1 1 
ATOM   1191 C CG2 . VAL A 1 152 ? 0.888   6.718   -1.941  1.00 18.93 ? 151 VAL A CG2 1 
ATOM   1192 N N   . THR A 1 153 ? 4.965   6.251   -4.489  1.00 22.01 ? 152 THR A N   1 
ATOM   1193 C CA  . THR A 1 153 ? 6.424   6.216   -4.717  1.00 24.94 ? 152 THR A CA  1 
ATOM   1194 C C   . THR A 1 153 ? 7.088   7.447   -5.356  1.00 27.62 ? 152 THR A C   1 
ATOM   1195 O O   . THR A 1 153 ? 6.474   8.171   -6.172  1.00 27.71 ? 152 THR A O   1 
ATOM   1196 C CB  . THR A 1 153 ? 6.805   5.046   -5.614  1.00 25.93 ? 152 THR A CB  1 
ATOM   1197 O OG1 . THR A 1 153 ? 6.163   5.216   -6.888  1.00 26.81 ? 152 THR A OG1 1 
ATOM   1198 C CG2 . THR A 1 153 ? 6.379   3.734   -4.992  1.00 27.60 ? 152 THR A CG2 1 
ATOM   1199 N N   . SER A 1 154 ? 8.374   7.635   -5.017  1.00 29.09 ? 153 SER A N   1 
ATOM   1200 C CA  . SER A 1 154 ? 9.146   8.791   -5.491  1.00 31.45 ? 153 SER A CA  1 
ATOM   1201 C C   . SER A 1 154 ? 10.646  8.618   -5.307  1.00 34.51 ? 153 SER A C   1 
ATOM   1202 O O   . SER A 1 154 ? 11.108  8.406   -4.175  1.00 34.95 ? 153 SER A O   1 
ATOM   1203 C CB  . SER A 1 154 ? 8.708   10.041  -4.721  1.00 33.11 ? 153 SER A CB  1 
ATOM   1204 O OG  . SER A 1 154 ? 9.496   11.173  -5.054  1.00 37.67 ? 153 SER A OG  1 
ATOM   1205 N N   . VAL A 1 155 ? 11.392  8.758   -6.410  1.00 34.52 ? 154 VAL A N   1 
ATOM   1206 C CA  . VAL A 1 155 ? 12.876  8.676   -6.441  1.00 35.00 ? 154 VAL A CA  1 
ATOM   1207 C C   . VAL A 1 155 ? 13.464  7.483   -5.644  1.00 31.05 ? 154 VAL A C   1 
ATOM   1208 O O   . VAL A 1 155 ? 14.393  7.674   -4.892  1.00 31.15 ? 154 VAL A O   1 
ATOM   1209 C CB  . VAL A 1 155 ? 13.602  10.022  -6.048  1.00 33.99 ? 154 VAL A CB  1 
ATOM   1210 C CG1 . VAL A 1 155 ? 13.235  11.170  -6.985  1.00 34.38 ? 154 VAL A CG1 1 
ATOM   1211 C CG2 . VAL A 1 155 ? 13.330  10.446  -4.612  1.00 33.74 ? 154 VAL A CG2 1 
ATOM   1212 N N   . GLY A 1 156 ? 12.921  6.278   -5.864  1.00 29.02 ? 155 GLY A N   1 
ATOM   1213 C CA  . GLY A 1 156 ? 13.425  5.033   -5.310  1.00 26.11 ? 155 GLY A CA  1 
ATOM   1214 C C   . GLY A 1 156 ? 13.023  4.845   -3.872  1.00 28.87 ? 155 GLY A C   1 
ATOM   1215 O O   . GLY A 1 156 ? 13.714  4.152   -3.116  1.00 30.96 ? 155 GLY A O   1 
ATOM   1216 N N   . LYS A 1 157 ? 11.922  5.489   -3.474  1.00 25.94 ? 156 LYS A N   1 
ATOM   1217 C CA  . LYS A 1 157 ? 11.391  5.347   -2.134  1.00 25.66 ? 156 LYS A CA  1 
ATOM   1218 C C   . LYS A 1 157 ? 9.911   4.940   -2.170  1.00 23.79 ? 156 LYS A C   1 
ATOM   1219 O O   . LYS A 1 157 ? 9.149   5.404   -3.025  1.00 23.38 ? 156 LYS A O   1 
ATOM   1220 C CB  . LYS A 1 157 ? 11.575  6.633   -1.356  1.00 30.00 ? 156 LYS A CB  1 
ATOM   1221 C CG  . LYS A 1 157 ? 12.992  6.851   -0.835  1.00 33.30 ? 156 LYS A CG  1 
ATOM   1222 C CD  . LYS A 1 157 ? 12.954  7.285   0.635   1.00 35.57 ? 156 LYS A CD  1 
ATOM   1223 C CE  . LYS A 1 157 ? 14.311  7.762   1.153   1.00 37.43 ? 156 LYS A CE  1 
ATOM   1224 N NZ  . LYS A 1 157 ? 14.987  8.673   0.176   1.00 40.05 ? 156 LYS A NZ  1 
ATOM   1225 N N   . VAL A 1 158 ? 9.543   4.068   -1.234  1.00 21.85 ? 157 VAL A N   1 
ATOM   1226 C CA  . VAL A 1 158 ? 8.190   3.523   -1.045  1.00 20.08 ? 157 VAL A CA  1 
ATOM   1227 C C   . VAL A 1 158 ? 7.638   4.084   0.255   1.00 20.45 ? 157 VAL A C   1 
ATOM   1228 O O   . VAL A 1 158 ? 8.061   3.709   1.336   1.00 19.25 ? 157 VAL A O   1 
ATOM   1229 C CB  . VAL A 1 158 ? 8.276   1.981   -1.002  1.00 20.28 ? 157 VAL A CB  1 
ATOM   1230 C CG1 . VAL A 1 158 ? 6.894   1.342   -0.839  1.00 19.34 ? 157 VAL A CG1 1 
ATOM   1231 C CG2 . VAL A 1 158 ? 8.931   1.489   -2.307  1.00 20.49 ? 157 VAL A CG2 1 
ATOM   1232 N N   . ILE A 1 159 ? 6.707   5.013   0.152   1.00 21.64 ? 158 ILE A N   1 
ATOM   1233 C CA  . ILE A 1 159 ? 6.370   5.866   1.297   1.00 20.72 ? 158 ILE A CA  1 
ATOM   1234 C C   . ILE A 1 159 ? 4.962   5.718   1.827   1.00 19.23 ? 158 ILE A C   1 
ATOM   1235 O O   . ILE A 1 159 ? 4.683   6.166   2.920   1.00 18.83 ? 158 ILE A O   1 
ATOM   1236 C CB  . ILE A 1 159 ? 6.618   7.371   0.988   1.00 22.75 ? 158 ILE A CB  1 
ATOM   1237 C CG1 . ILE A 1 159 ? 5.714   7.890   -0.135  1.00 22.66 ? 158 ILE A CG1 1 
ATOM   1238 C CG2 . ILE A 1 159 ? 8.060   7.597   0.598   1.00 22.00 ? 158 ILE A CG2 1 
ATOM   1239 C CD1 . ILE A 1 159 ? 5.798   9.378   -0.340  1.00 23.75 ? 158 ILE A CD1 1 
ATOM   1240 N N   . GLY A 1 160 ? 4.067   5.109   1.059   1.00 18.39 ? 159 GLY A N   1 
ATOM   1241 C CA  . GLY A 1 160 ? 2.722   4.905   1.532   1.00 18.17 ? 159 GLY A CA  1 
ATOM   1242 C C   . GLY A 1 160 ? 1.899   3.931   0.754   1.00 17.54 ? 159 GLY A C   1 
ATOM   1243 O O   . GLY A 1 160 ? 2.283   3.504   -0.337  1.00 17.02 ? 159 GLY A O   1 
ATOM   1244 N N   . ILE A 1 161 ? 0.763   3.590   1.361   1.00 17.42 ? 160 ILE A N   1 
ATOM   1245 C CA  . ILE A 1 161 ? -0.297  2.738   0.792   1.00 17.81 ? 160 ILE A CA  1 
ATOM   1246 C C   . ILE A 1 161 ? -1.654  3.481   0.699   1.00 18.35 ? 160 ILE A C   1 
ATOM   1247 O O   . ILE A 1 161 ? -2.180  3.990   1.692   1.00 15.52 ? 160 ILE A O   1 
ATOM   1248 C CB  . ILE A 1 161 ? -0.510  1.540   1.722   1.00 18.44 ? 160 ILE A CB  1 
ATOM   1249 C CG1 . ILE A 1 161 ? 0.763   0.687   1.744   1.00 20.02 ? 160 ILE A CG1 1 
ATOM   1250 C CG2 . ILE A 1 161 ? -1.729  0.700   1.340   1.00 20.12 ? 160 ILE A CG2 1 
ATOM   1251 C CD1 . ILE A 1 161 ? 1.261   0.242   0.375   1.00 19.47 ? 160 ILE A CD1 1 
ATOM   1252 N N   . HIS A 1 162 ? -2.246  3.474   -0.477  1.00 18.09 ? 161 HIS A N   1 
ATOM   1253 C CA  . HIS A 1 162 ? -3.418  4.252   -0.715  1.00 19.47 ? 161 HIS A CA  1 
ATOM   1254 C C   . HIS A 1 162 ? -4.582  3.701   0.017   1.00 19.36 ? 161 HIS A C   1 
ATOM   1255 O O   . HIS A 1 162 ? -4.819  2.521   -0.054  1.00 18.90 ? 161 HIS A O   1 
ATOM   1256 C CB  . HIS A 1 162 ? -3.733  4.366   -2.223  1.00 19.10 ? 161 HIS A CB  1 
ATOM   1257 C CG  . HIS A 1 162 ? -4.869  5.290   -2.494  1.00 18.98 ? 161 HIS A CG  1 
ATOM   1258 N ND1 . HIS A 1 162 ? -4.723  6.658   -2.434  1.00 20.97 ? 161 HIS A ND1 1 
ATOM   1259 C CD2 . HIS A 1 162 ? -6.190  5.061   -2.699  1.00 19.06 ? 161 HIS A CD2 1 
ATOM   1260 C CE1 . HIS A 1 162 ? -5.896  7.240   -2.638  1.00 19.76 ? 161 HIS A CE1 1 
ATOM   1261 N NE2 . HIS A 1 162 ? -6.806  6.297   -2.799  1.00 19.60 ? 161 HIS A NE2 1 
ATOM   1262 N N   . ILE A 1 163 ? -5.283  4.572   0.769   1.00 18.13 ? 162 ILE A N   1 
ATOM   1263 C CA  . ILE A 1 163 ? -6.378  4.176   1.649   1.00 19.58 ? 162 ILE A CA  1 
ATOM   1264 C C   . ILE A 1 163 ? -7.710  4.921   1.500   1.00 19.98 ? 162 ILE A C   1 
ATOM   1265 O O   . ILE A 1 163 ? -8.714  4.465   2.052   1.00 19.24 ? 162 ILE A O   1 
ATOM   1266 C CB  . ILE A 1 163 ? -6.020  4.265   3.166   1.00 20.48 ? 162 ILE A CB  1 
ATOM   1267 C CG1 . ILE A 1 163 ? -5.654  5.690   3.572   1.00 21.29 ? 162 ILE A CG1 1 
ATOM   1268 C CG2 . ILE A 1 163 ? -4.943  3.223   3.551   1.00 22.04 ? 162 ILE A CG2 1 
ATOM   1269 C CD1 . ILE A 1 163 ? -5.588  5.883   5.077   1.00 23.08 ? 162 ILE A CD1 1 
ATOM   1270 N N   . GLY A 1 164 ? -7.737  6.060   0.811   1.00 21.00 ? 163 GLY A N   1 
ATOM   1271 C CA  . GLY A 1 164 ? -8.980  6.814   0.762   1.00 22.16 ? 163 GLY A CA  1 
ATOM   1272 C C   . GLY A 1 164 ? -8.915  8.079   -0.030  1.00 23.32 ? 163 GLY A C   1 
ATOM   1273 O O   . GLY A 1 164 ? -7.841  8.497   -0.463  1.00 23.09 ? 163 GLY A O   1 
ATOM   1274 N N   . GLY A 1 165 ? -10.080 8.695   -0.209  1.00 24.14 ? 164 GLY A N   1 
ATOM   1275 C CA  . GLY A 1 165 ? -10.162 9.907   -0.963  1.00 23.56 ? 164 GLY A CA  1 
ATOM   1276 C C   . GLY A 1 165 ? -11.505 10.566  -0.794  1.00 23.89 ? 164 GLY A C   1 
ATOM   1277 O O   . GLY A 1 165 ? -12.450 9.962   -0.293  1.00 23.49 ? 164 GLY A O   1 
ATOM   1278 N N   . ASN A 1 166 ? -11.587 11.818  -1.221  1.00 24.68 ? 165 ASN A N   1 
ATOM   1279 C CA  . ASN A 1 166 ? -12.812 12.590  -1.052  1.00 22.65 ? 165 ASN A CA  1 
ATOM   1280 C C   . ASN A 1 166 ? -13.323 13.197  -2.320  1.00 21.65 ? 165 ASN A C   1 
ATOM   1281 O O   . ASN A 1 166 ? -14.199 14.054  -2.277  1.00 24.32 ? 165 ASN A O   1 
ATOM   1282 C CB  . ASN A 1 166 ? -12.572 13.693  -0.017  1.00 23.06 ? 165 ASN A CB  1 
ATOM   1283 C CG  . ASN A 1 166 ? -11.551 14.722  -0.483  1.00 20.80 ? 165 ASN A CG  1 
ATOM   1284 O OD1 . ASN A 1 166 ? -11.220 14.844  -1.683  1.00 20.44 ? 165 ASN A OD1 1 
ATOM   1285 N ND2 . ASN A 1 166 ? -11.026 15.433  0.455   1.00 20.62 ? 165 ASN A ND2 1 
ATOM   1286 N N   . GLY A 1 167 ? -12.806 12.757  -3.453  1.00 20.56 ? 166 GLY A N   1 
ATOM   1287 C CA  . GLY A 1 167 ? -13.278 13.183  -4.734  1.00 20.30 ? 166 GLY A CA  1 
ATOM   1288 C C   . GLY A 1 167 ? -12.358 14.206  -5.358  1.00 21.36 ? 166 GLY A C   1 
ATOM   1289 O O   . GLY A 1 167 ? -12.452 14.462  -6.543  1.00 24.06 ? 166 GLY A O   1 
ATOM   1290 N N   . ARG A 1 168 ? -11.502 14.812  -4.543  1.00 22.73 ? 167 ARG A N   1 
ATOM   1291 C CA  . ARG A 1 168 ? -10.622 15.927  -4.933  1.00 23.84 ? 167 ARG A CA  1 
ATOM   1292 C C   . ARG A 1 168 ? -9.175  15.637  -4.562  1.00 23.55 ? 167 ARG A C   1 
ATOM   1293 O O   . ARG A 1 168 ? -8.233  15.992  -5.271  1.00 25.74 ? 167 ARG A O   1 
ATOM   1294 C CB  . ARG A 1 168 ? -11.071 17.213  -4.224  1.00 24.32 ? 167 ARG A CB  1 
ATOM   1295 C CG  . ARG A 1 168 ? -12.459 17.663  -4.646  1.00 25.21 ? 167 ARG A CG  1 
ATOM   1296 C CD  . ARG A 1 168 ? -12.867 18.895  -3.842  1.00 25.85 ? 167 ARG A CD  1 
ATOM   1297 N NE  . ARG A 1 168 ? -12.737 18.615  -2.415  1.00 24.91 ? 167 ARG A NE  1 
ATOM   1298 C CZ  . ARG A 1 168 ? -13.637 17.991  -1.675  1.00 23.70 ? 167 ARG A CZ  1 
ATOM   1299 N NH1 . ARG A 1 168 ? -14.777 17.598  -2.187  1.00 25.03 ? 167 ARG A NH1 1 
ATOM   1300 N NH2 . ARG A 1 168 ? -13.408 17.789  -0.386  1.00 26.21 ? 167 ARG A NH2 1 
ATOM   1301 N N   . GLN A 1 169 ? -9.032  14.974  -3.430  1.00 24.65 ? 168 GLN A N   1 
ATOM   1302 C CA  . GLN A 1 169 ? -7.768  14.650  -2.855  1.00 26.09 ? 168 GLN A CA  1 
ATOM   1303 C C   . GLN A 1 169 ? -7.743  13.147  -2.593  1.00 25.01 ? 168 GLN A C   1 
ATOM   1304 O O   . GLN A 1 169 ? -8.773  12.526  -2.460  1.00 23.96 ? 168 GLN A O   1 
ATOM   1305 C CB  . GLN A 1 169 ? -7.642  15.351  -1.492  1.00 23.44 ? 168 GLN A CB  1 
ATOM   1306 C CG  . GLN A 1 169 ? -7.542  16.852  -1.576  1.00 25.01 ? 168 GLN A CG  1 
ATOM   1307 C CD  . GLN A 1 169 ? -7.786  17.528  -0.238  1.00 23.11 ? 168 GLN A CD  1 
ATOM   1308 O OE1 . GLN A 1 169 ? -8.865  17.406  0.362   1.00 19.95 ? 168 GLN A OE1 1 
ATOM   1309 N NE2 . GLN A 1 169 ? -6.772  18.239  0.240   1.00 22.64 ? 168 GLN A NE2 1 
ATOM   1310 N N   . GLY A 1 170 ? -6.540  12.620  -2.416  1.00 26.30 ? 169 GLY A N   1 
ATOM   1311 C CA  . GLY A 1 170 ? -6.322  11.249  -1.950  1.00 22.80 ? 169 GLY A CA  1 
ATOM   1312 C C   . GLY A 1 170 ? -5.394  11.161  -0.763  1.00 23.50 ? 169 GLY A C   1 
ATOM   1313 O O   . GLY A 1 170 ? -4.593  12.081  -0.486  1.00 23.57 ? 169 GLY A O   1 
ATOM   1314 N N   . PHE A 1 171 ? -5.515  10.046  -0.049  1.00 21.72 ? 170 PHE A N   1 
ATOM   1315 C CA  . PHE A 1 171 ? -4.805  9.854   1.169   1.00 23.03 ? 170 PHE A CA  1 
ATOM   1316 C C   . PHE A 1 171 ? -4.150  8.486   1.221   1.00 21.66 ? 170 PHE A C   1 
ATOM   1317 O O   . PHE A 1 171 ? -4.750  7.502   0.791   1.00 22.72 ? 170 PHE A O   1 
ATOM   1318 C CB  . PHE A 1 171 ? -5.742  10.014  2.352   1.00 25.26 ? 170 PHE A CB  1 
ATOM   1319 C CG  . PHE A 1 171 ? -6.519  11.309  2.305   1.00 27.56 ? 170 PHE A CG  1 
ATOM   1320 C CD1 . PHE A 1 171 ? -5.887  12.517  2.630   1.00 30.20 ? 170 PHE A CD1 1 
ATOM   1321 C CD2 . PHE A 1 171 ? -7.829  11.336  1.870   1.00 25.78 ? 170 PHE A CD2 1 
ATOM   1322 C CE1 . PHE A 1 171 ? -6.575  13.714  2.548   1.00 29.03 ? 170 PHE A CE1 1 
ATOM   1323 C CE2 . PHE A 1 171 ? -8.516  12.543  1.782   1.00 28.70 ? 170 PHE A CE2 1 
ATOM   1324 C CZ  . PHE A 1 171 ? -7.886  13.723  2.118   1.00 28.11 ? 170 PHE A CZ  1 
ATOM   1325 N N   . CYS A 1 172 ? -2.941  8.454   1.762   1.00 20.49 ? 171 CYS A N   1 
ATOM   1326 C CA  . CYS A 1 172 ? -2.235  7.193   2.025   1.00 20.51 ? 171 CYS A CA  1 
ATOM   1327 C C   . CYS A 1 172 ? -1.945  7.075   3.487   1.00 20.64 ? 171 CYS A C   1 
ATOM   1328 O O   . CYS A 1 172 ? -1.893  8.085   4.209   1.00 22.48 ? 171 CYS A O   1 
ATOM   1329 C CB  . CYS A 1 172 ? -0.944  7.071   1.228   1.00 18.93 ? 171 CYS A CB  1 
ATOM   1330 S SG  . CYS A 1 172 ? 0.389   8.256   1.584   1.00 20.94 ? 171 CYS A SG  1 
ATOM   1331 N N   . ALA A 1 173 ? -1.833  5.830   3.927   1.00 20.56 ? 172 ALA A N   1 
ATOM   1332 C CA  . ALA A 1 173 ? -1.266  5.508   5.219   1.00 21.82 ? 172 ALA A CA  1 
ATOM   1333 C C   . ALA A 1 173 ? 0.225   5.575   4.984   1.00 22.38 ? 172 ALA A C   1 
ATOM   1334 O O   . ALA A 1 173 ? 0.695   5.013   4.024   1.00 24.75 ? 172 ALA A O   1 
ATOM   1335 C CB  . ALA A 1 173 ? -1.673  4.106   5.678   1.00 23.67 ? 172 ALA A CB  1 
ATOM   1336 N N   . GLY A 1 174 ? 0.950   6.311   5.822   1.00 20.21 ? 173 GLY A N   1 
ATOM   1337 C CA  . GLY A 1 174 ? 2.401   6.422   5.703   1.00 20.10 ? 173 GLY A CA  1 
ATOM   1338 C C   . GLY A 1 174 ? 3.162   5.138   6.047   1.00 19.68 ? 173 GLY A C   1 
ATOM   1339 O O   . GLY A 1 174 ? 2.851   4.467   7.015   1.00 19.73 ? 173 GLY A O   1 
ATOM   1340 N N   . LEU A 1 175 ? 4.192   4.819   5.271   1.00 18.30 ? 174 LEU A N   1 
ATOM   1341 C CA  . LEU A 1 175 ? 5.053   3.691   5.649   1.00 19.24 ? 174 LEU A CA  1 
ATOM   1342 C C   . LEU A 1 175 ? 6.304   4.113   6.452   1.00 18.58 ? 174 LEU A C   1 
ATOM   1343 O O   . LEU A 1 175 ? 6.958   5.144   6.168   1.00 17.89 ? 174 LEU A O   1 
ATOM   1344 C CB  . LEU A 1 175 ? 5.454   2.863   4.405   1.00 18.75 ? 174 LEU A CB  1 
ATOM   1345 C CG  . LEU A 1 175 ? 4.305   2.336   3.560   1.00 18.72 ? 174 LEU A CG  1 
ATOM   1346 C CD1 . LEU A 1 175 ? 4.792   1.420   2.437   1.00 17.74 ? 174 LEU A CD1 1 
ATOM   1347 C CD2 . LEU A 1 175 ? 3.319   1.608   4.443   1.00 19.47 ? 174 LEU A CD2 1 
ATOM   1348 N N   . LYS A 1 176 ? 6.601   3.298   7.458   1.00 18.00 ? 175 LYS A N   1 
ATOM   1349 C CA  . LYS A 1 176 ? 7.879   3.321   8.120   1.00 19.29 ? 175 LYS A CA  1 
ATOM   1350 C C   . LYS A 1 176 ? 8.487   1.910   8.242   1.00 17.76 ? 175 LYS A C   1 
ATOM   1351 O O   . LYS A 1 176 ? 7.790   0.896   8.314   1.00 14.89 ? 175 LYS A O   1 
ATOM   1352 C CB  . LYS A 1 176 ? 7.798   4.016   9.497   1.00 22.49 ? 175 LYS A CB  1 
ATOM   1353 C CG  . LYS A 1 176 ? 7.215   3.187   10.627  1.00 24.33 ? 175 LYS A CG  1 
ATOM   1354 C CD  . LYS A 1 176 ? 6.679   4.053   11.753  1.00 25.09 ? 175 LYS A CD  1 
ATOM   1355 C CE  . LYS A 1 176 ? 7.788   4.790   12.468  1.00 27.02 ? 175 LYS A CE  1 
ATOM   1356 N NZ  . LYS A 1 176 ? 7.347   5.064   13.863  1.00 29.69 ? 175 LYS A NZ  1 
ATOM   1357 N N   . ARG A 1 177 ? 9.816   1.905   8.264   1.00 19.06 ? 176 ARG A N   1 
ATOM   1358 C CA  . ARG A 1 177 ? 10.579  0.703   8.040   1.00 20.51 ? 176 ARG A CA  1 
ATOM   1359 C C   . ARG A 1 177 ? 10.328  -0.232  9.182   1.00 20.78 ? 176 ARG A C   1 
ATOM   1360 O O   . ARG A 1 177 ? 10.222  -1.456  8.987   1.00 20.57 ? 176 ARG A O   1 
ATOM   1361 C CB  . ARG A 1 177 ? 12.074  0.993   7.805   1.00 21.36 ? 176 ARG A CB  1 
ATOM   1362 C CG  . ARG A 1 177 ? 12.828  -0.171  7.136   1.00 21.54 ? 176 ARG A CG  1 
ATOM   1363 C CD  . ARG A 1 177 ? 14.321  0.136   6.949   1.00 24.21 ? 176 ARG A CD  1 
ATOM   1364 N NE  . ARG A 1 177 ? 14.477  1.295   6.083   1.00 26.16 ? 176 ARG A NE  1 
ATOM   1365 C CZ  . ARG A 1 177 ? 15.525  2.114   6.054   1.00 29.26 ? 176 ARG A CZ  1 
ATOM   1366 N NH1 . ARG A 1 177 ? 16.586  1.944   6.852   1.00 29.30 ? 176 ARG A NH1 1 
ATOM   1367 N NH2 . ARG A 1 177 ? 15.486  3.145   5.223   1.00 30.53 ? 176 ARG A NH2 1 
ATOM   1368 N N   . SER A 1 178 ? 10.133  0.327   10.374  1.00 20.26 ? 177 SER A N   1 
ATOM   1369 C CA  . SER A 1 178 ? 9.993   -0.497  11.558  1.00 20.15 ? 177 SER A CA  1 
ATOM   1370 C C   . SER A 1 178 ? 8.746   -1.388  11.565  1.00 19.60 ? 177 SER A C   1 
ATOM   1371 O O   . SER A 1 178 ? 8.748   -2.424  12.250  1.00 20.94 ? 177 SER A O   1 
ATOM   1372 C CB  . SER A 1 178 ? 10.032  0.373   12.819  1.00 21.55 ? 177 SER A CB  1 
ATOM   1373 O OG  . SER A 1 178 ? 8.802   1.012   12.989  1.00 23.40 ? 177 SER A OG  1 
ATOM   1374 N N   . TYR A 1 179 ? 7.690   -1.019  10.827  1.00 17.83 ? 178 TYR A N   1 
ATOM   1375 C CA  . TYR A 1 179 ? 6.520   -1.895  10.664  1.00 17.35 ? 178 TYR A CA  1 
ATOM   1376 C C   . TYR A 1 179 ? 6.903   -3.258  10.125  1.00 19.09 ? 178 TYR A C   1 
ATOM   1377 O O   . TYR A 1 179 ? 6.254   -4.271  10.420  1.00 19.39 ? 178 TYR A O   1 
ATOM   1378 C CB  . TYR A 1 179 ? 5.509   -1.311  9.686   1.00 17.48 ? 178 TYR A CB  1 
ATOM   1379 C CG  . TYR A 1 179 ? 4.847   0.022   10.052  1.00 17.85 ? 178 TYR A CG  1 
ATOM   1380 C CD1 . TYR A 1 179 ? 4.708   0.437   11.386  1.00 17.81 ? 178 TYR A CD1 1 
ATOM   1381 C CD2 . TYR A 1 179 ? 4.306   0.842   9.044   1.00 16.45 ? 178 TYR A CD2 1 
ATOM   1382 C CE1 . TYR A 1 179 ? 4.076   1.636   11.693  1.00 17.78 ? 178 TYR A CE1 1 
ATOM   1383 C CE2 . TYR A 1 179 ? 3.663   2.011   9.346   1.00 16.68 ? 178 TYR A CE2 1 
ATOM   1384 C CZ  . TYR A 1 179 ? 3.583   2.422   10.675  1.00 17.48 ? 178 TYR A CZ  1 
ATOM   1385 O OH  . TYR A 1 179 ? 2.951   3.623   10.973  1.00 18.24 ? 178 TYR A OH  1 
ATOM   1386 N N   . PHE A 1 180 ? 7.951   -3.270  9.307   1.00 20.42 ? 179 PHE A N   1 
ATOM   1387 C CA  . PHE A 1 180 ? 8.377   -4.467  8.586   1.00 22.49 ? 179 PHE A CA  1 
ATOM   1388 C C   . PHE A 1 180 ? 9.644   -5.089  9.176   1.00 24.15 ? 179 PHE A C   1 
ATOM   1389 O O   . PHE A 1 180 ? 10.143  -6.046  8.606   1.00 24.50 ? 179 PHE A O   1 
ATOM   1390 C CB  . PHE A 1 180 ? 8.524   -4.136  7.091   1.00 20.84 ? 179 PHE A CB  1 
ATOM   1391 C CG  . PHE A 1 180 ? 7.333   -3.453  6.528   1.00 19.72 ? 179 PHE A CG  1 
ATOM   1392 C CD1 . PHE A 1 180 ? 6.191   -4.161  6.253   1.00 20.57 ? 179 PHE A CD1 1 
ATOM   1393 C CD2 . PHE A 1 180 ? 7.318   -2.091  6.363   1.00 20.77 ? 179 PHE A CD2 1 
ATOM   1394 C CE1 . PHE A 1 180 ? 5.059   -3.523  5.797   1.00 20.58 ? 179 PHE A CE1 1 
ATOM   1395 C CE2 . PHE A 1 180 ? 6.213   -1.451  5.879   1.00 19.46 ? 179 PHE A CE2 1 
ATOM   1396 C CZ  . PHE A 1 180 ? 5.075   -2.170  5.583   1.00 19.80 ? 179 PHE A CZ  1 
ATOM   1397 N N   . ALA A 1 181 ? 10.121  -4.574  10.332  1.00 24.61 ? 180 ALA A N   1 
ATOM   1398 C CA  . ALA A 1 181 ? 11.211  -5.192  11.086  1.00 25.91 ? 180 ALA A CA  1 
ATOM   1399 C C   . ALA A 1 181 ? 10.823  -6.546  11.651  1.00 27.43 ? 180 ALA A C   1 
ATOM   1400 O O   . ALA A 1 181 ? 11.700  -7.413  11.739  1.00 34.33 ? 180 ALA A O   1 
ATOM   1401 C CB  . ALA A 1 181 ? 11.682  -4.284  12.224  1.00 27.41 ? 180 ALA A CB  1 
HETATM 1402 C C2  . 5E9 B 2 .   ? -12.445 4.220   1.951   1.00 25.48 ? 201 5E9 A C2  1 
HETATM 1403 C C3  . 5E9 B 2 .   ? -12.732 2.845   2.534   1.00 25.63 ? 201 5E9 A C3  1 
HETATM 1404 C C4  . 5E9 B 2 .   ? -12.672 2.716   4.047   1.00 25.53 ? 201 5E9 A C4  1 
HETATM 1405 C C5  . 5E9 B 2 .   ? -13.853 2.511   4.768   1.00 26.39 ? 201 5E9 A C5  1 
HETATM 1406 C C6  . 5E9 B 2 .   ? -13.834 2.374   6.149   1.00 27.10 ? 201 5E9 A C6  1 
HETATM 1407 C C7  . 5E9 B 2 .   ? -12.631 2.449   6.846   1.00 28.54 ? 201 5E9 A C7  1 
HETATM 1408 C C8  . 5E9 B 2 .   ? -11.439 2.631   6.122   1.00 27.02 ? 201 5E9 A C8  1 
HETATM 1409 O O1  . 5E9 B 2 .   ? -9.520  7.372   -3.152  1.00 27.70 ? 201 5E9 A O1  1 
HETATM 1410 N N1  . 5E9 B 2 .   ? -11.707 7.989   -3.620  1.00 22.79 ? 201 5E9 A N1  1 
HETATM 1411 N N2  . 5E9 B 2 .   ? -13.828 9.178   1.667   1.00 34.28 ? 201 5E9 A N2  1 
HETATM 1412 N N   . 5E9 B 2 .   ? -11.206 3.849   -0.132  1.00 22.12 ? 201 5E9 A N   1 
HETATM 1413 C C   . 5E9 B 2 .   ? -13.257 6.716   1.792   1.00 29.54 ? 201 5E9 A C   1 
HETATM 1414 O O   . 5E9 B 2 .   ? -12.379 6.996   0.971   1.00 27.79 ? 201 5E9 A O   1 
HETATM 1415 O O3  . 5E9 B 2 .   ? -12.407 1.060   -3.343  1.00 28.02 ? 201 5E9 A O3  1 
HETATM 1416 C C16 . 5E9 B 2 .   ? -12.390 1.019   -2.121  1.00 26.40 ? 201 5E9 A C16 1 
HETATM 1417 O O2  . 5E9 B 2 .   ? -13.628 0.736   -1.448  1.00 30.31 ? 201 5E9 A O2  1 
HETATM 1418 C C18 . 5E9 B 2 .   ? -14.387 -0.292  -2.072  1.00 30.29 ? 201 5E9 A C18 1 
HETATM 1419 C C19 . 5E9 B 2 .   ? -13.628 -1.606  -1.928  1.00 29.11 ? 201 5E9 A C19 1 
HETATM 1420 C C15 . 5E9 B 2 .   ? -11.139 1.215   -1.297  1.00 25.01 ? 201 5E9 A C15 1 
HETATM 1421 C C14 . 5E9 B 2 .   ? -10.297 2.382   -1.791  1.00 22.26 ? 201 5E9 A C14 1 
HETATM 1422 C C10 . 5E9 B 2 .   ? -11.116 3.661   -1.609  1.00 21.61 ? 201 5E9 A C10 1 
HETATM 1423 C C11 . 5E9 B 2 .   ? -10.507 4.847   -2.299  1.00 21.08 ? 201 5E9 A C11 1 
HETATM 1424 C C12 . 5E9 B 2 .   ? -11.355 6.141   -2.213  1.00 22.98 ? 201 5E9 A C12 1 
HETATM 1425 C C26 . 5E9 B 2 .   ? -12.760 6.060   -2.798  1.00 21.88 ? 201 5E9 A C26 1 
HETATM 1426 C C25 . 5E9 B 2 .   ? -13.039 7.411   -3.491  1.00 22.45 ? 201 5E9 A C25 1 
HETATM 1427 C C13 . 5E9 B 2 .   ? -10.744 7.243   -3.030  1.00 23.89 ? 201 5E9 A C13 1 
HETATM 1428 C C17 . 5E9 B 2 .   ? -12.412 4.019   0.447   1.00 24.85 ? 201 5E9 A C17 1 
HETATM 1429 O O4  . 5E9 B 2 .   ? -13.463 4.051   -0.195  1.00 25.12 ? 201 5E9 A O4  1 
HETATM 1430 C C21 . 5E9 B 2 .   ? -13.436 5.327   2.413   1.00 26.49 ? 201 5E9 A C21 1 
HETATM 1431 C C20 . 5E9 B 2 .   ? -14.251 7.826   2.162   1.00 33.70 ? 201 5E9 A C20 1 
HETATM 1432 C C22 . 5E9 B 2 .   ? -15.651 7.503   1.602   1.00 36.07 ? 201 5E9 A C22 1 
HETATM 1433 C C24 . 5E9 B 2 .   ? -15.611 7.219   0.100   1.00 35.62 ? 201 5E9 A C24 1 
HETATM 1434 C C23 . 5E9 B 2 .   ? -16.642 8.618   1.904   1.00 37.00 ? 201 5E9 A C23 1 
HETATM 1435 C C9  . 5E9 B 2 .   ? -11.473 2.760   4.726   1.00 25.43 ? 201 5E9 A C9  1 
HETATM 1436 F F1  . 5E9 B 2 .   ? -12.606 2.300   8.195   1.00 29.67 ? 201 5E9 A F1  1 
HETATM 1437 O O   . HOH C 3 .   ? 8.435   17.679  -1.975  1.00 26.02 ? 301 HOH A O   1 
HETATM 1438 O O   . HOH C 3 .   ? -9.416  4.626   14.821  1.00 27.72 ? 302 HOH A O   1 
HETATM 1439 O O   . HOH C 3 .   ? 3.571   -19.607 -6.612  1.00 28.29 ? 303 HOH A O   1 
HETATM 1440 O O   . HOH C 3 .   ? -0.532  -5.726  -14.972 1.00 32.29 ? 304 HOH A O   1 
HETATM 1441 O O   . HOH C 3 .   ? 12.118  -2.445  -14.125 1.00 28.12 ? 305 HOH A O   1 
HETATM 1442 O O   . HOH C 3 .   ? -6.482  -12.893 7.764   1.00 27.66 ? 306 HOH A O   1 
HETATM 1443 O O   . HOH C 3 .   ? 3.960   10.982  -11.126 1.00 33.14 ? 307 HOH A O   1 
HETATM 1444 O O   . HOH C 3 .   ? -12.807 16.604  -7.841  1.00 22.02 ? 308 HOH A O   1 
HETATM 1445 O O   . HOH C 3 .   ? 9.809   -5.283  -15.628 1.00 32.45 ? 309 HOH A O   1 
HETATM 1446 O O   . HOH C 3 .   ? -4.780  -9.747  -14.334 1.00 27.78 ? 310 HOH A O   1 
HETATM 1447 O O   . HOH C 3 .   ? -4.789  -4.532  16.073  1.00 19.02 ? 311 HOH A O   1 
HETATM 1448 O O   . HOH C 3 .   ? 6.354   -14.285 -0.451  1.00 22.53 ? 312 HOH A O   1 
HETATM 1449 O O   . HOH C 3 .   ? 10.209  9.122   -9.419  1.00 19.12 ? 313 HOH A O   1 
HETATM 1450 O O   . HOH C 3 .   ? -10.494 -3.774  11.861  1.00 32.51 ? 314 HOH A O   1 
HETATM 1451 O O   . HOH C 3 .   ? -7.568  -6.003  8.133   1.00 24.28 ? 315 HOH A O   1 
HETATM 1452 O O   . HOH C 3 .   ? 1.104   4.389   9.299   1.00 20.13 ? 316 HOH A O   1 
HETATM 1453 O O   . HOH C 3 .   ? 0.022   7.872   15.641  1.00 32.46 ? 317 HOH A O   1 
HETATM 1454 O O   . HOH C 3 .   ? -1.557  5.467   8.494   1.00 17.99 ? 318 HOH A O   1 
HETATM 1455 O O   . HOH C 3 .   ? -17.170 3.744   3.937   1.00 41.49 ? 319 HOH A O   1 
HETATM 1456 O O   . HOH C 3 .   ? 11.680  -1.744  -8.144  1.00 32.18 ? 320 HOH A O   1 
HETATM 1457 O O   . HOH C 3 .   ? 17.090  -0.497  7.746   1.00 32.95 ? 321 HOH A O   1 
HETATM 1458 O O   . HOH C 3 .   ? -0.820  -20.937 0.291   1.00 17.21 ? 322 HOH A O   1 
HETATM 1459 O O   . HOH C 3 .   ? -10.074 -13.723 -1.512  1.00 26.32 ? 323 HOH A O   1 
HETATM 1460 O O   . HOH C 3 .   ? 2.390   -13.720 -8.821  1.00 43.98 ? 324 HOH A O   1 
HETATM 1461 O O   . HOH C 3 .   ? 9.758   -10.587 -5.316  1.00 28.83 ? 325 HOH A O   1 
HETATM 1462 O O   . HOH C 3 .   ? 7.200   -6.716  10.943  1.00 30.30 ? 326 HOH A O   1 
HETATM 1463 O O   . HOH C 3 .   ? -5.860  -0.951  -5.958  1.00 15.83 ? 327 HOH A O   1 
HETATM 1464 O O   . HOH C 3 .   ? -4.762  -0.171  -15.933 0.50 21.20 ? 328 HOH A O   1 
HETATM 1465 O O   . HOH C 3 .   ? -5.576  -19.512 7.014   1.00 32.89 ? 329 HOH A O   1 
HETATM 1466 O O   . HOH C 3 .   ? 12.898  -11.295 1.229   1.00 21.33 ? 330 HOH A O   1 
HETATM 1467 O O   . HOH C 3 .   ? 14.047  5.534   -8.214  1.00 52.62 ? 331 HOH A O   1 
HETATM 1468 O O   . HOH C 3 .   ? -7.431  -7.540  -8.049  1.00 19.31 ? 332 HOH A O   1 
HETATM 1469 O O   . HOH C 3 .   ? 10.384  13.042  -3.300  1.00 35.89 ? 333 HOH A O   1 
HETATM 1470 O O   . HOH C 3 .   ? -10.511 11.434  -4.470  1.00 30.18 ? 334 HOH A O   1 
HETATM 1471 O O   . HOH C 3 .   ? -10.716 -0.219  -15.490 1.00 33.26 ? 335 HOH A O   1 
HETATM 1472 O O   . HOH C 3 .   ? 15.369  -6.521  5.755   1.00 36.26 ? 336 HOH A O   1 
HETATM 1473 O O   . HOH C 3 .   ? 6.599   7.375   4.464   1.00 24.38 ? 337 HOH A O   1 
HETATM 1474 O O   . HOH C 3 .   ? 10.511  5.454   -9.508  1.00 52.36 ? 338 HOH A O   1 
HETATM 1475 O O   . HOH C 3 .   ? -7.346  -10.445 -8.765  1.00 16.00 ? 339 HOH A O   1 
HETATM 1476 O O   . HOH C 3 .   ? 2.885   -4.146  -16.837 1.00 27.67 ? 340 HOH A O   1 
HETATM 1477 O O   . HOH C 3 .   ? -4.827  -1.070  10.625  1.00 21.81 ? 341 HOH A O   1 
HETATM 1478 O O   . HOH C 3 .   ? -13.714 -14.121 4.933   1.00 30.90 ? 342 HOH A O   1 
HETATM 1479 O O   . HOH C 3 .   ? -9.311  5.998   -13.525 1.00 24.43 ? 343 HOH A O   1 
HETATM 1480 O O   . HOH C 3 .   ? 4.157   18.071  4.626   1.00 31.03 ? 344 HOH A O   1 
HETATM 1481 O O   . HOH C 3 .   ? 2.693   -8.466  -9.863  1.00 30.15 ? 345 HOH A O   1 
HETATM 1482 O O   . HOH C 3 .   ? -0.355  17.160  -1.629  1.00 35.24 ? 346 HOH A O   1 
HETATM 1483 O O   . HOH C 3 .   ? -9.464  -1.952  -8.799  1.00 24.63 ? 347 HOH A O   1 
HETATM 1484 O O   . HOH C 3 .   ? -4.998  -16.708 9.379   1.00 29.41 ? 348 HOH A O   1 
HETATM 1485 O O   . HOH C 3 .   ? 3.067   -13.023 -4.731  1.00 24.58 ? 349 HOH A O   1 
HETATM 1486 O O   . HOH C 3 .   ? -7.221  7.359   -11.651 1.00 25.55 ? 350 HOH A O   1 
HETATM 1487 O O   . HOH C 3 .   ? -7.196  -2.874  14.175  1.00 25.26 ? 351 HOH A O   1 
HETATM 1488 O O   . HOH C 3 .   ? -9.193  9.057   -10.709 1.00 33.72 ? 352 HOH A O   1 
HETATM 1489 O O   . HOH C 3 .   ? 15.532  -9.857  -1.606  1.00 23.88 ? 353 HOH A O   1 
HETATM 1490 O O   . HOH C 3 .   ? -9.062  -12.349 1.702   1.00 28.17 ? 354 HOH A O   1 
HETATM 1491 O O   . HOH C 3 .   ? -1.177  -2.531  -0.270  1.00 23.20 ? 355 HOH A O   1 
HETATM 1492 O O   . HOH C 3 .   ? 1.552   -10.714 9.644   1.00 16.73 ? 356 HOH A O   1 
HETATM 1493 O O   . HOH C 3 .   ? 4.878   -20.809 3.984   1.00 34.52 ? 357 HOH A O   1 
HETATM 1494 O O   . HOH C 3 .   ? 11.317  14.016  1.367   1.00 24.57 ? 358 HOH A O   1 
HETATM 1495 O O   . HOH C 3 .   ? -13.461 12.971  -8.771  1.00 25.47 ? 359 HOH A O   1 
HETATM 1496 O O   . HOH C 3 .   ? 3.741   -14.022 11.108  1.00 36.52 ? 360 HOH A O   1 
HETATM 1497 O O   . HOH C 3 .   ? 15.874  -3.986  1.284   1.00 23.00 ? 361 HOH A O   1 
HETATM 1498 O O   . HOH C 3 .   ? -1.467  3.734   25.528  1.00 27.08 ? 362 HOH A O   1 
HETATM 1499 O O   . HOH C 3 .   ? 15.775  4.543   0.738   1.00 34.43 ? 363 HOH A O   1 
HETATM 1500 O O   . HOH C 3 .   ? -0.574  -2.766  15.949  1.00 25.59 ? 364 HOH A O   1 
HETATM 1501 O O   . HOH C 3 .   ? -14.558 6.550   -7.018  1.00 28.98 ? 365 HOH A O   1 
HETATM 1502 O O   . HOH C 3 .   ? 13.905  1.691   11.148  1.00 34.88 ? 366 HOH A O   1 
HETATM 1503 O O   . HOH C 3 .   ? -9.465  -0.497  -3.826  1.00 17.47 ? 367 HOH A O   1 
HETATM 1504 O O   . HOH C 3 .   ? -14.952 -5.810  6.011   1.00 39.27 ? 368 HOH A O   1 
HETATM 1505 O O   . HOH C 3 .   ? -13.337 -3.667  -5.987  1.00 32.09 ? 369 HOH A O   1 
HETATM 1506 O O   . HOH C 3 .   ? 1.478   -1.057  15.394  1.00 22.25 ? 370 HOH A O   1 
HETATM 1507 O O   . HOH C 3 .   ? 0.293   -15.496 -6.623  1.00 23.84 ? 371 HOH A O   1 
HETATM 1508 O O   . HOH C 3 .   ? 7.784   -14.201 6.493   1.00 19.95 ? 372 HOH A O   1 
HETATM 1509 O O   . HOH C 3 .   ? -6.280  -21.646 -6.190  1.00 30.04 ? 373 HOH A O   1 
HETATM 1510 O O   . HOH C 3 .   ? -4.471  -13.919 11.936  1.00 26.94 ? 374 HOH A O   1 
HETATM 1511 O O   . HOH C 3 .   ? 6.533   -0.799  13.877  1.00 37.56 ? 375 HOH A O   1 
HETATM 1512 O O   . HOH C 3 .   ? 14.830  7.159   6.204   1.00 29.53 ? 376 HOH A O   1 
HETATM 1513 O O   . HOH C 3 .   ? -1.090  11.816  17.501  1.00 34.79 ? 377 HOH A O   1 
HETATM 1514 O O   . HOH C 3 .   ? -1.144  11.567  12.704  1.00 23.74 ? 378 HOH A O   1 
HETATM 1515 O O   . HOH C 3 .   ? -13.483 -1.275  7.474   1.00 17.73 ? 379 HOH A O   1 
HETATM 1516 O O   . HOH C 3 .   ? 12.828  7.647   -15.614 0.50 14.07 ? 380 HOH A O   1 
HETATM 1517 O O   . HOH C 3 .   ? 13.648  -8.639  14.012  1.00 44.37 ? 381 HOH A O   1 
HETATM 1518 O O   . HOH C 3 .   ? 5.919   -17.964 5.887   1.00 26.37 ? 382 HOH A O   1 
HETATM 1519 O O   . HOH C 3 .   ? 11.038  -3.572  -16.745 1.00 33.20 ? 383 HOH A O   1 
HETATM 1520 O O   . HOH C 3 .   ? 13.505  -1.165  10.927  1.00 34.82 ? 384 HOH A O   1 
HETATM 1521 O O   . HOH C 3 .   ? -5.820  -14.510 9.366   1.00 28.38 ? 385 HOH A O   1 
HETATM 1522 O O   . HOH C 3 .   ? -12.318 -2.531  -8.542  1.00 26.15 ? 386 HOH A O   1 
HETATM 1523 O O   . HOH C 3 .   ? 3.377   -9.535  11.447  1.00 17.87 ? 387 HOH A O   1 
# 
